data_6HYD
#
_entry.id   6HYD
#
_cell.length_a   1.00
_cell.length_b   1.00
_cell.length_c   1.00
_cell.angle_alpha   90.00
_cell.angle_beta   90.00
_cell.angle_gamma   90.00
#
_symmetry.space_group_name_H-M   'P 1'
#
_entity_poly.entity_id   1
_entity_poly.type   'polypeptide(L)'
_entity_poly.pdbx_seq_one_letter_code
;PIEESLAAVIPISHLGEVGKWANNVLNCTEYSEKKIAERLYVFITFLTDMGVLEKINNLYKPANLKFQKALGLHDKQLTE
ETVSLTLNEYVLPTVSKYSDKIKSPESLYLLSSLRLLLNSLNALKLINEKSTHGKIDELTYIELSAAAFNGRHLKNIPRI
PIFCILYNILTVMSENLKTESLFCGSNQYQYYWDLLVIVIAALETAVTKDEARLRVYKELIDSWIASVKSKSDIEITPFL
NINLEFTDVLQLSRGHSITLLWDIFRKNYPTTSNSWLAFEKLINLSEKFDKVRLLQFSESYNSIKDLMDVFRLLNDDVLN
NKLSEFNLLLSKLEDGINELELISNKFLNKRKHYFADEFDNLIRYTFSVDTAELIKELAPASSLATQKLTKLITNKYNYP
PIFDVLWTEKNAKLTSFTSTIFSSQFLEDVVRKSNNLKSFSGNQIKQSISDAELLLSSTIKCSPNLLKSQMEYYKNMLLS
WLRKVIDIHVGGDCLKLTLKELCSLIEEKTASETRVTFAEYIFPALDLAESSKSLEELGEAWITFGTGLLLLFVPDSPYD
PAIHDYVLYDLFLKTKTFSQNLMKSWRNVRKVISGDEEIFTEKLINTISDDDAPQSPRVYRTGMSIDSLFDEWMAFLSST
MSSRQIKELVSSYKCNSDQSDRRLEMLQQNSAHFLNRLESGYSKFADLNDILAGYIYSINFGFDLLKLQKSKDRASFQIS
PLWSMDPINISCAENVLSAYHELSRFFKKGDMEDTSIEKVLMYFLTLFKFHKRDTNLLEIFEAALYTLYSRWSVRRFRQE
QEENEKSNMFKFNDNSDDYEADFRKLFPDYEDTALVTNEKDISSPENLDDIYFKLADTYISVFDKDHDANFSSELKSGAI
ITTILSEDLKNTRIEELKSGSLSAVINTLDAETQSFKNTEVFGNIDFYHDFSIPEFQKAGDIIETVLKSVLKLLKQWPEH
ATLKELYRVSQEFLNYPIKTPLARQLQKIEQIYTYLAEWEKYASSEVSLNNTVKLITDLIVSWRKLELRTWKGLFNSEDA
KTRKSIGKWWFYLYESIVISNFVSEKKETAPNATLLVSSLNLFFSKSTLGEFNARLDLVKAFYKHIQLIGLRSSKIAGLL
HNTIKFYYQFKPLIDERITNGKKSLEKEIDDIILLASWKDVNVDALKQSSRKSHNNLYKIVRKYRDLLNGDAKTIIEAGL
LY(UNK)(UNK)(UNK)(UNK)(UNK)(UNK)(UNK)(UNK)(UNK)(UNK)(UNK)(UNK)(UNK)(UNK)(UNK)
(UNK)(UNK)(UNK)(UNK)(UNK)(UNK)(UNK)(UNK)(UNK)(UNK)(UNK)(UNK)(UNK)(UNK)(UNK)(UNK)
RNIDTVASNMDSYLEKISSQEFPNFADLASDFYAEAERLRKETPNVYTKENKKRLAYLKTQKSKLLGDALKELRRIGLKV
NFREDIQKVQSSTTTILANIAPFNNEYLNSSDAFFFKILDLLPKLRSAASNPSDDIPVAAIERGMALAQSLMFSLITVRH
PLSEFTNDYCKINGMMLDLEHFTCLKGDIVHSSLKANVDNVRLFEKWLPSLLDYAAQTLSVISKYSATSEQQKILLDAKS
TLSSFFVHFNSSRIFDSSFIESYSRFELFINELLKKLENAKETGNAFVFDIIIEWIKANKGGPIKKEQKRGPSVEDVEQA
FRRTFTSIILSFQKVIGDGIESISETDDNWLSASFKKVMVNVKLLRSSVVSKNIETALSLLKDFDFTTTESIYVKSVISF
TLPVITRYYNAMTVVLERSRIYYTNTSRGMYILSTILHSLAKN
;
_entity_poly.pdbx_strand_id   A
#
# COMPACT_ATOMS: atom_id res chain seq x y z
N PRO A 1 27.69 17.62 78.24
CA PRO A 1 27.23 16.78 79.34
C PRO A 1 28.07 15.54 79.80
N ILE A 2 29.12 15.13 79.08
CA ILE A 2 30.20 14.40 79.76
C ILE A 2 31.32 15.31 80.25
N GLU A 3 31.38 16.54 79.77
CA GLU A 3 32.36 17.50 80.25
C GLU A 3 31.96 18.03 81.62
N GLU A 4 30.65 18.03 81.94
CA GLU A 4 30.20 18.37 83.29
C GLU A 4 30.67 17.36 84.32
N SER A 5 30.84 16.10 83.91
CA SER A 5 31.49 15.12 84.76
C SER A 5 33.01 15.21 84.71
N LEU A 6 33.56 15.95 83.73
CA LEU A 6 35.01 16.11 83.64
C LEU A 6 35.50 17.34 84.38
N ALA A 7 34.67 18.38 84.49
CA ALA A 7 35.07 19.57 85.22
C ALA A 7 34.81 19.46 86.71
N ALA A 8 33.96 18.51 87.11
CA ALA A 8 33.63 18.32 88.53
C ALA A 8 34.48 17.20 89.12
N VAL A 9 35.79 17.46 89.15
CA VAL A 9 36.76 16.53 89.74
C VAL A 9 37.40 17.28 90.90
N ILE A 10 36.85 17.07 92.10
CA ILE A 10 37.43 17.55 93.35
C ILE A 10 38.14 16.35 93.96
N PRO A 11 39.34 16.51 94.51
CA PRO A 11 40.05 15.37 95.13
C PRO A 11 39.28 14.80 96.31
N ILE A 12 39.06 13.48 96.30
CA ILE A 12 39.62 12.51 95.35
C ILE A 12 38.81 12.35 94.07
N SER A 13 37.54 11.99 94.22
CA SER A 13 36.61 11.83 93.12
C SER A 13 35.29 12.52 93.45
N HIS A 14 35.39 13.80 93.83
CA HIS A 14 34.33 14.62 94.43
C HIS A 14 33.85 13.98 95.74
N LEU A 15 34.78 13.99 96.70
CA LEU A 15 34.62 13.43 98.04
C LEU A 15 34.34 11.93 98.00
N GLY A 16 34.94 11.24 97.04
CA GLY A 16 34.93 9.79 96.99
C GLY A 16 33.59 9.15 96.71
N GLU A 17 32.77 9.74 95.83
CA GLU A 17 31.45 9.26 95.45
C GLU A 17 30.54 9.14 96.68
N VAL A 18 30.18 10.32 97.19
CA VAL A 18 29.66 10.63 98.53
C VAL A 18 28.58 9.68 99.05
N GLY A 19 27.79 9.08 98.16
CA GLY A 19 26.62 8.37 98.64
C GLY A 19 25.35 8.86 97.98
N LYS A 20 25.44 9.21 96.70
CA LYS A 20 24.34 9.61 95.83
C LYS A 20 23.66 10.87 96.31
N TRP A 21 24.41 11.98 96.35
CA TRP A 21 23.81 13.27 96.69
C TRP A 21 22.90 13.77 95.58
N ALA A 22 23.11 13.30 94.35
CA ALA A 22 22.19 13.62 93.26
C ALA A 22 20.86 12.90 93.44
N ASN A 23 20.86 11.74 94.10
CA ASN A 23 19.61 11.07 94.42
C ASN A 23 18.86 11.80 95.52
N ASN A 24 19.59 12.48 96.42
CA ASN A 24 18.97 13.32 97.43
C ASN A 24 18.28 14.55 96.82
N VAL A 25 18.73 14.99 95.64
CA VAL A 25 18.02 16.02 94.91
C VAL A 25 16.68 15.49 94.42
N LEU A 26 16.69 14.28 93.85
CA LEU A 26 15.45 13.64 93.43
C LEU A 26 14.77 12.94 94.60
N LYS A 35 16.11 14.08 86.29
CA LYS A 35 16.53 13.16 85.24
C LYS A 35 17.98 13.39 84.86
N ILE A 36 18.41 14.67 84.87
CA ILE A 36 19.79 14.99 84.56
C ILE A 36 20.72 14.59 85.70
N ALA A 37 20.22 14.53 86.93
CA ALA A 37 21.05 14.12 88.06
C ALA A 37 21.10 12.60 88.20
N GLU A 38 20.14 11.89 87.62
CA GLU A 38 20.15 10.44 87.70
C GLU A 38 20.92 9.82 86.55
N ARG A 39 20.81 10.39 85.34
CA ARG A 39 21.55 9.87 84.20
C ARG A 39 23.05 10.15 84.32
N LEU A 40 23.42 11.24 84.99
CA LEU A 40 24.83 11.54 85.22
C LEU A 40 25.46 10.55 86.19
N TYR A 41 24.67 9.97 87.09
CA TYR A 41 25.20 8.97 88.00
C TYR A 41 25.50 7.66 87.28
N VAL A 42 24.73 7.34 86.24
CA VAL A 42 24.94 6.10 85.49
C VAL A 42 26.23 6.17 84.68
N PHE A 43 26.58 7.36 84.21
CA PHE A 43 27.84 7.54 83.49
C PHE A 43 29.05 7.37 84.40
N ILE A 44 28.91 7.70 85.69
CA ILE A 44 30.01 7.52 86.62
C ILE A 44 30.17 6.04 87.00
N THR A 45 29.05 5.32 87.13
CA THR A 45 29.13 3.88 87.37
C THR A 45 29.68 3.13 86.16
N PHE A 46 29.35 3.59 84.95
CA PHE A 46 29.97 3.04 83.75
C PHE A 46 31.43 3.42 83.66
N LEU A 47 31.83 4.54 84.27
CA LEU A 47 33.23 4.94 84.29
C LEU A 47 34.05 4.08 85.26
N THR A 48 33.43 3.59 86.34
CA THR A 48 34.16 2.81 87.34
C THR A 48 34.03 1.31 87.15
N ASP A 49 32.98 0.84 86.46
CA ASP A 49 32.89 -0.59 86.17
C ASP A 49 33.92 -1.01 85.14
N MET A 50 34.25 -0.13 84.19
CA MET A 50 35.44 -0.29 83.40
C MET A 50 36.62 0.35 84.12
N GLY A 51 37.82 0.12 83.59
CA GLY A 51 39.01 0.65 84.21
C GLY A 51 39.41 2.02 83.71
N VAL A 52 38.46 2.78 83.18
CA VAL A 52 38.76 4.06 82.54
C VAL A 52 39.17 5.08 83.59
N LEU A 53 38.56 5.05 84.76
CA LEU A 53 39.02 5.90 85.86
C LEU A 53 40.34 5.40 86.42
N GLU A 54 40.61 4.10 86.31
CA GLU A 54 41.84 3.51 86.83
C GLU A 54 43.02 3.62 85.86
N LYS A 55 42.75 3.81 84.57
CA LYS A 55 43.83 3.97 83.59
C LYS A 55 44.28 5.42 83.49
N ILE A 56 43.40 6.37 83.79
CA ILE A 56 43.80 7.78 83.83
C ILE A 56 44.65 8.05 85.06
N ASN A 57 44.32 7.43 86.20
CA ASN A 57 45.07 7.67 87.43
C ASN A 57 46.46 7.03 87.41
N ASN A 58 46.73 6.13 86.47
CA ASN A 58 48.09 5.67 86.26
C ASN A 58 48.91 6.59 85.37
N LEU A 59 48.27 7.61 84.78
CA LEU A 59 49.00 8.57 83.97
C LEU A 59 49.51 9.74 84.81
N TYR A 60 48.81 10.07 85.90
CA TYR A 60 49.24 11.14 86.80
C TYR A 60 50.22 10.67 87.87
N LYS A 61 50.67 9.42 87.82
CA LYS A 61 51.65 8.95 88.79
C LYS A 61 53.04 9.61 88.64
N PRO A 62 53.57 9.91 87.43
CA PRO A 62 54.73 10.80 87.41
C PRO A 62 54.39 12.24 87.77
N ALA A 63 53.16 12.67 87.52
CA ALA A 63 52.79 14.05 87.82
C ALA A 63 52.58 14.26 89.32
N ASN A 64 52.15 13.22 90.03
CA ASN A 64 51.99 13.34 91.47
C ASN A 64 53.33 13.28 92.19
N LEU A 65 54.28 12.49 91.65
CA LEU A 65 55.59 12.40 92.29
C LEU A 65 56.43 13.63 92.01
N LYS A 66 56.22 14.28 90.86
CA LYS A 66 56.94 15.51 90.56
C LYS A 66 56.39 16.68 91.36
N PHE A 67 55.09 16.67 91.63
CA PHE A 67 54.49 17.75 92.40
C PHE A 67 54.78 17.60 93.90
N GLN A 68 55.00 16.36 94.35
CA GLN A 68 55.30 16.12 95.75
C GLN A 68 56.73 16.50 96.10
N LYS A 69 57.67 16.20 95.20
CA LYS A 69 59.08 16.45 95.48
C LYS A 69 59.44 17.92 95.33
N ALA A 70 58.88 18.59 94.34
CA ALA A 70 59.20 19.99 94.07
C ALA A 70 58.57 20.91 95.10
N LEU A 71 57.28 20.75 95.34
CA LEU A 71 56.58 21.59 96.30
C LEU A 71 56.79 21.09 97.73
N GLY A 72 56.00 21.64 98.64
CA GLY A 72 56.13 21.24 100.03
C GLY A 72 55.54 19.85 100.27
N LEU A 73 56.12 19.14 101.22
CA LEU A 73 55.67 17.78 101.52
C LEU A 73 54.36 17.82 102.28
N HIS A 74 53.49 16.84 101.99
CA HIS A 74 52.19 16.74 102.63
C HIS A 74 51.72 15.29 102.59
N ASP A 75 50.46 15.09 102.97
CA ASP A 75 49.88 13.76 102.97
C ASP A 75 49.57 13.32 101.54
N LYS A 76 49.87 12.06 101.23
CA LYS A 76 49.66 11.54 99.89
C LYS A 76 48.18 11.23 99.68
N GLN A 77 47.72 11.47 98.45
CA GLN A 77 46.32 11.25 98.08
C GLN A 77 46.25 10.12 97.06
N LEU A 78 45.03 9.61 96.84
CA LEU A 78 44.85 8.53 95.87
C LEU A 78 44.89 9.05 94.44
N THR A 79 44.17 10.14 94.15
CA THR A 79 44.12 10.73 92.84
C THR A 79 44.58 12.18 92.91
N GLU A 80 45.21 12.65 91.84
CA GLU A 80 45.76 14.00 91.80
C GLU A 80 44.65 15.04 91.62
N GLU A 81 45.01 16.30 91.87
CA GLU A 81 44.07 17.42 91.75
C GLU A 81 44.11 17.93 90.31
N THR A 82 43.49 17.17 89.43
CA THR A 82 43.42 17.48 88.01
C THR A 82 42.09 17.04 87.44
N VAL A 83 41.55 17.82 86.51
CA VAL A 83 40.27 17.49 85.90
C VAL A 83 40.44 16.36 84.89
N SER A 84 39.32 15.81 84.42
CA SER A 84 39.37 14.70 83.49
C SER A 84 39.56 15.14 82.04
N LEU A 85 39.74 16.44 81.78
CA LEU A 85 39.98 16.91 80.43
C LEU A 85 41.36 16.51 79.93
N THR A 86 42.37 16.56 80.83
CA THR A 86 43.72 16.03 80.67
C THR A 86 44.53 16.63 79.52
N LEU A 87 44.04 17.66 78.85
CA LEU A 87 44.72 18.20 77.67
C LEU A 87 44.68 19.73 77.59
N ASN A 88 44.90 20.44 78.69
CA ASN A 88 44.93 21.90 78.58
C ASN A 88 46.35 22.46 78.50
N GLU A 89 47.11 22.34 79.59
CA GLU A 89 48.41 22.97 79.80
C GLU A 89 48.95 22.46 81.12
N TYR A 90 50.05 23.06 81.64
CA TYR A 90 50.44 22.91 83.05
C TYR A 90 50.83 21.48 83.44
N VAL A 91 52.13 21.18 83.39
CA VAL A 91 52.88 20.02 82.87
C VAL A 91 52.23 18.64 82.74
N LEU A 92 50.95 18.50 83.04
CA LEU A 92 50.18 17.39 82.45
C LEU A 92 50.45 17.09 80.96
N PRO A 93 50.75 18.05 80.06
CA PRO A 93 51.33 17.63 78.76
C PRO A 93 52.70 16.98 78.84
N THR A 94 53.47 17.19 79.92
CA THR A 94 54.75 16.49 80.06
C THR A 94 54.55 15.13 80.71
N VAL A 95 53.29 14.73 80.93
CA VAL A 95 52.97 13.35 81.29
C VAL A 95 52.82 12.50 80.03
N SER A 96 53.10 13.08 78.86
CA SER A 96 53.11 12.37 77.60
C SER A 96 54.45 11.74 77.28
N LYS A 97 55.23 11.38 78.31
CA LYS A 97 56.46 10.61 78.12
C LYS A 97 56.17 9.29 77.42
N TYR A 98 55.16 8.56 77.88
CA TYR A 98 54.61 7.41 77.18
C TYR A 98 53.22 7.78 76.68
N SER A 99 52.78 7.07 75.64
CA SER A 99 51.50 7.29 74.95
C SER A 99 51.36 8.73 74.46
N ASP A 100 52.24 9.14 73.54
CA ASP A 100 52.26 10.51 73.04
C ASP A 100 51.11 10.73 72.05
N LYS A 101 49.91 10.92 72.61
CA LYS A 101 48.73 11.21 71.83
C LYS A 101 47.84 12.28 72.45
N ILE A 102 48.26 12.89 73.56
CA ILE A 102 47.47 13.97 74.16
C ILE A 102 47.58 15.23 73.30
N LYS A 103 48.76 15.47 72.71
CA LYS A 103 48.89 16.55 71.75
C LYS A 103 48.15 16.24 70.45
N SER A 104 48.00 14.95 70.15
CA SER A 104 47.23 14.50 68.99
C SER A 104 45.74 14.73 69.24
N PRO A 105 44.92 14.80 68.16
CA PRO A 105 43.48 15.00 68.34
C PRO A 105 42.69 13.83 68.90
N GLU A 106 43.36 12.72 69.25
CA GLU A 106 42.64 11.56 69.79
C GLU A 106 42.45 11.66 71.30
N SER A 107 42.79 12.80 71.91
CA SER A 107 42.72 12.92 73.36
C SER A 107 41.31 13.26 73.83
N LEU A 108 40.59 14.09 73.07
CA LEU A 108 39.26 14.51 73.49
C LEU A 108 38.24 13.42 73.18
N TYR A 109 38.50 12.60 72.17
CA TYR A 109 37.52 11.59 71.76
C TYR A 109 37.59 10.34 72.62
N LEU A 110 38.52 10.30 73.60
CA LEU A 110 38.49 9.21 74.56
C LEU A 110 37.34 9.37 75.54
N LEU A 111 37.17 10.58 76.09
CA LEU A 111 36.10 10.82 77.04
C LEU A 111 34.77 10.97 76.35
N SER A 112 34.78 11.34 75.06
CA SER A 112 33.53 11.63 74.37
C SER A 112 32.92 10.39 73.72
N SER A 113 33.75 9.38 73.39
CA SER A 113 33.21 8.17 72.79
C SER A 113 32.48 7.31 73.82
N LEU A 114 32.84 7.45 75.09
CA LEU A 114 32.13 6.70 76.13
C LEU A 114 30.79 7.35 76.46
N ARG A 115 30.61 8.62 76.10
CA ARG A 115 29.29 9.21 76.20
C ARG A 115 28.35 8.60 75.17
N LEU A 116 28.86 8.31 73.98
CA LEU A 116 28.00 7.88 72.89
C LEU A 116 27.85 6.37 72.86
N LEU A 117 28.86 5.64 73.33
CA LEU A 117 28.73 4.19 73.49
C LEU A 117 27.73 3.86 74.59
N LEU A 118 27.67 4.67 75.63
CA LEU A 118 26.69 4.49 76.69
C LEU A 118 25.27 4.76 76.19
N ASN A 119 25.10 5.82 75.39
CA ASN A 119 23.77 6.24 74.99
C ASN A 119 23.19 5.31 73.93
N SER A 120 24.04 4.54 73.25
CA SER A 120 23.57 3.59 72.25
C SER A 120 23.40 2.18 72.81
N LEU A 121 24.26 1.77 73.74
CA LEU A 121 24.15 0.43 74.32
C LEU A 121 22.97 0.35 75.29
N ASN A 122 22.69 1.42 76.02
CA ASN A 122 21.52 1.45 76.89
C ASN A 122 20.23 1.58 76.08
N ALA A 123 20.30 2.07 74.84
CA ALA A 123 19.11 2.15 74.01
C ALA A 123 18.69 0.78 73.51
N LEU A 124 19.61 -0.18 73.45
CA LEU A 124 19.25 -1.54 73.09
C LEU A 124 18.73 -2.33 74.28
N LYS A 125 19.00 -1.88 75.50
CA LYS A 125 18.40 -2.52 76.67
C LYS A 125 16.93 -2.15 76.80
N LEU A 126 16.55 -0.96 76.36
CA LEU A 126 15.15 -0.55 76.40
C LEU A 126 14.32 -1.31 75.37
N ILE A 127 14.90 -1.58 74.20
CA ILE A 127 14.16 -2.28 73.15
C ILE A 127 14.04 -3.76 73.46
N ASN A 128 15.10 -4.36 74.02
CA ASN A 128 15.06 -5.77 74.38
C ASN A 128 14.12 -6.01 75.56
N GLU A 129 13.97 -5.02 76.45
CA GLU A 129 12.98 -5.11 77.51
C GLU A 129 11.57 -4.98 76.96
N LYS A 130 11.40 -4.21 75.88
CA LYS A 130 10.08 -4.02 75.28
C LYS A 130 9.61 -5.27 74.52
N SER A 131 10.54 -6.11 74.06
CA SER A 131 10.18 -7.30 73.29
C SER A 131 9.49 -8.35 74.16
N THR A 132 9.77 -8.38 75.46
CA THR A 132 9.14 -9.32 76.36
C THR A 132 7.79 -8.86 76.87
N HIS A 133 7.37 -7.64 76.53
CA HIS A 133 6.08 -7.13 76.98
C HIS A 133 4.93 -7.66 76.12
N GLY A 134 4.96 -7.35 74.83
CA GLY A 134 3.89 -7.73 73.91
C GLY A 134 4.49 -8.51 72.74
N LYS A 135 3.64 -8.83 71.76
CA LYS A 135 4.06 -9.55 70.58
C LYS A 135 3.11 -9.24 69.44
N ILE A 136 3.67 -8.67 68.36
CA ILE A 136 2.95 -8.33 67.12
C ILE A 136 1.77 -7.40 67.37
N ASP A 137 2.01 -6.31 68.10
CA ASP A 137 0.95 -5.36 68.43
C ASP A 137 1.56 -3.98 68.52
N GLU A 138 1.51 -3.24 67.40
CA GLU A 138 2.00 -1.85 67.28
C GLU A 138 3.47 -1.72 67.67
N LEU A 139 4.27 -2.72 67.32
CA LEU A 139 5.68 -2.74 67.65
C LEU A 139 6.51 -2.20 66.49
N THR A 140 7.81 -2.05 66.73
CA THR A 140 8.75 -1.57 65.73
C THR A 140 9.45 -2.75 65.08
N TYR A 141 10.11 -2.48 63.95
CA TYR A 141 10.80 -3.54 63.22
C TYR A 141 12.07 -3.96 63.92
N ILE A 142 12.77 -3.01 64.55
CA ILE A 142 13.95 -3.35 65.33
C ILE A 142 13.55 -4.07 66.62
N GLU A 143 12.37 -3.78 67.15
CA GLU A 143 11.88 -4.50 68.32
C GLU A 143 11.40 -5.89 67.96
N LEU A 144 10.83 -6.05 66.77
CA LEU A 144 10.37 -7.36 66.30
C LEU A 144 11.52 -8.20 65.75
N SER A 145 12.66 -7.59 65.42
CA SER A 145 13.84 -8.35 65.06
C SER A 145 14.52 -8.98 66.27
N ALA A 146 14.16 -8.56 67.47
CA ALA A 146 14.61 -9.20 68.70
C ALA A 146 13.73 -10.36 69.13
N ALA A 147 12.72 -10.71 68.32
CA ALA A 147 11.86 -11.85 68.64
C ALA A 147 12.59 -13.17 68.49
N ALA A 148 13.52 -13.26 67.54
CA ALA A 148 14.35 -14.45 67.42
C ALA A 148 15.45 -14.49 68.45
N PHE A 149 15.73 -13.37 69.13
CA PHE A 149 16.71 -13.32 70.20
C PHE A 149 16.10 -13.56 71.57
N ASN A 150 14.80 -13.34 71.72
CA ASN A 150 14.09 -13.47 72.98
C ASN A 150 13.03 -14.57 72.86
N GLY A 151 12.18 -14.67 73.89
CA GLY A 151 11.20 -15.75 73.94
C GLY A 151 10.01 -15.46 73.03
N ARG A 152 9.40 -14.27 73.19
CA ARG A 152 8.19 -13.93 72.45
C ARG A 152 8.51 -13.74 70.97
N HIS A 153 7.88 -14.53 70.12
CA HIS A 153 8.17 -14.57 68.70
C HIS A 153 7.06 -13.88 67.90
N LEU A 154 7.17 -13.94 66.58
CA LEU A 154 6.20 -13.35 65.68
C LEU A 154 5.97 -14.32 64.53
N LYS A 155 5.33 -13.84 63.46
CA LYS A 155 4.99 -14.69 62.33
C LYS A 155 5.89 -14.50 61.12
N ASN A 156 6.55 -13.35 60.98
CA ASN A 156 7.34 -13.06 59.79
C ASN A 156 8.49 -12.13 60.18
N ILE A 157 9.07 -11.48 59.17
CA ILE A 157 10.09 -10.43 59.28
C ILE A 157 11.36 -10.93 59.99
N PRO A 158 12.00 -11.90 59.35
CA PRO A 158 13.31 -12.39 59.77
C PRO A 158 14.33 -12.33 58.63
N ARG A 159 14.10 -11.50 57.62
CA ARG A 159 14.96 -11.50 56.45
C ARG A 159 16.21 -10.66 56.64
N ILE A 160 16.10 -9.53 57.34
CA ILE A 160 17.22 -8.63 57.51
C ILE A 160 18.04 -8.92 58.77
N PRO A 161 17.35 -9.17 59.90
CA PRO A 161 17.95 -9.48 61.21
C PRO A 161 18.90 -8.39 61.68
N ILE A 162 18.33 -7.20 61.90
CA ILE A 162 19.16 -6.03 62.20
C ILE A 162 19.64 -6.06 63.66
N PHE A 163 18.78 -6.49 64.59
CA PHE A 163 19.10 -6.40 66.01
C PHE A 163 20.21 -7.36 66.42
N CYS A 164 20.31 -8.51 65.76
CA CYS A 164 21.41 -9.42 66.05
C CYS A 164 22.72 -8.99 65.40
N ILE A 165 22.67 -8.06 64.44
CA ILE A 165 23.86 -7.56 63.78
C ILE A 165 24.22 -6.15 64.23
N LEU A 166 23.24 -5.32 64.58
CA LEU A 166 23.50 -4.02 65.21
C LEU A 166 23.51 -4.17 66.73
N TYR A 167 24.19 -5.21 67.18
CA TYR A 167 24.57 -5.43 68.57
C TYR A 167 25.98 -5.93 68.72
N ASN A 168 26.55 -6.57 67.70
CA ASN A 168 27.92 -7.02 67.71
C ASN A 168 28.89 -5.87 67.43
N ILE A 169 28.37 -4.75 66.93
CA ILE A 169 29.21 -3.56 66.77
C ILE A 169 29.56 -2.98 68.14
N LEU A 170 28.59 -2.94 69.05
CA LEU A 170 28.80 -2.25 70.31
C LEU A 170 29.52 -3.11 71.34
N THR A 171 29.38 -4.43 71.29
CA THR A 171 30.09 -5.28 72.23
C THR A 171 31.56 -5.40 71.90
N VAL A 172 31.95 -5.21 70.64
CA VAL A 172 33.37 -5.12 70.30
C VAL A 172 33.95 -3.82 70.83
N MET A 173 33.18 -2.74 70.77
CA MET A 173 33.60 -1.49 71.40
C MET A 173 33.55 -1.59 72.92
N SER A 174 32.76 -2.52 73.46
CA SER A 174 32.81 -2.79 74.89
C SER A 174 33.95 -3.72 75.26
N GLU A 175 34.41 -4.55 74.32
CA GLU A 175 35.51 -5.45 74.59
C GLU A 175 36.87 -4.84 74.29
N ASN A 176 36.91 -3.82 73.41
CA ASN A 176 38.19 -3.22 73.07
C ASN A 176 38.60 -2.16 74.10
N LEU A 177 37.68 -1.25 74.45
CA LEU A 177 38.01 -0.18 75.39
C LEU A 177 38.17 -0.67 76.82
N LYS A 178 37.71 -1.88 77.14
CA LYS A 178 37.85 -2.39 78.49
C LYS A 178 39.28 -2.87 78.75
N THR A 179 39.88 -3.59 77.80
CA THR A 179 41.20 -4.19 77.98
C THR A 179 42.23 -3.65 76.99
N GLU A 180 42.24 -2.34 76.73
CA GLU A 180 43.23 -1.76 75.83
C GLU A 180 44.45 -1.23 76.60
N SER A 181 44.21 -0.25 77.47
CA SER A 181 45.21 0.42 78.31
C SER A 181 46.36 1.02 77.47
N LEU A 182 45.99 1.59 76.33
CA LEU A 182 46.97 2.08 75.38
C LEU A 182 46.94 3.60 75.24
N PHE A 183 45.79 4.17 74.85
CA PHE A 183 45.58 5.59 74.58
C PHE A 183 46.57 6.17 73.57
N CYS A 184 47.05 5.34 72.63
CA CYS A 184 48.06 5.74 71.66
C CYS A 184 47.94 4.85 70.42
N GLY A 185 47.35 5.39 69.36
CA GLY A 185 47.25 4.70 68.08
C GLY A 185 47.07 5.74 66.99
N SER A 186 47.18 5.29 65.74
CA SER A 186 47.05 6.16 64.58
C SER A 186 45.59 6.52 64.38
N ASN A 187 45.12 7.54 65.12
CA ASN A 187 43.76 8.07 65.06
C ASN A 187 42.70 6.99 65.31
N GLN A 188 42.85 6.27 66.43
CA GLN A 188 41.86 5.27 66.78
C GLN A 188 40.57 5.91 67.29
N TYR A 189 40.68 6.86 68.20
CA TYR A 189 39.51 7.55 68.74
C TYR A 189 38.89 8.52 67.73
N GLN A 190 39.62 8.92 66.69
CA GLN A 190 38.99 9.59 65.56
C GLN A 190 38.12 8.62 64.78
N TYR A 191 38.55 7.36 64.68
CA TYR A 191 37.82 6.35 63.91
C TYR A 191 36.79 5.60 64.75
N TYR A 192 36.74 5.83 66.06
CA TYR A 192 35.64 5.31 66.84
C TYR A 192 34.50 6.30 66.96
N TRP A 193 34.57 7.42 66.26
CA TRP A 193 33.48 8.39 66.30
C TRP A 193 32.55 8.29 65.10
N ASP A 194 33.09 8.01 63.91
CA ASP A 194 32.23 7.92 62.73
C ASP A 194 31.42 6.63 62.69
N LEU A 195 31.91 5.56 63.32
CA LEU A 195 31.12 4.34 63.41
C LEU A 195 29.97 4.50 64.40
N LEU A 196 30.22 5.18 65.50
CA LEU A 196 29.20 5.35 66.54
C LEU A 196 28.14 6.38 66.18
N VAL A 197 28.22 7.01 65.02
CA VAL A 197 27.11 7.80 64.47
C VAL A 197 26.29 7.00 63.46
N ILE A 198 26.92 6.13 62.67
CA ILE A 198 26.20 5.19 61.79
C ILE A 198 25.30 4.24 62.59
N VAL A 199 25.75 3.78 63.75
CA VAL A 199 24.94 2.94 64.63
C VAL A 199 23.72 3.70 65.16
N ILE A 200 23.86 5.00 65.45
CA ILE A 200 22.70 5.82 65.74
C ILE A 200 21.83 5.97 64.50
N ALA A 201 22.45 6.08 63.32
CA ALA A 201 21.70 6.21 62.09
C ALA A 201 21.05 4.89 61.68
N ALA A 202 21.69 3.75 61.96
CA ALA A 202 21.10 2.46 61.64
C ALA A 202 19.98 2.08 62.61
N LEU A 203 19.84 2.81 63.71
CA LEU A 203 18.77 2.57 64.65
C LEU A 203 17.54 3.43 64.39
N GLU A 204 17.70 4.55 63.66
CA GLU A 204 16.58 5.43 63.38
C GLU A 204 15.84 5.04 62.10
N THR A 205 16.54 4.53 61.10
CA THR A 205 15.93 4.13 59.84
C THR A 205 15.60 2.65 59.79
N ALA A 206 15.55 1.98 60.95
CA ALA A 206 15.15 0.59 61.04
C ALA A 206 13.95 0.40 61.96
N VAL A 207 13.17 1.47 62.17
CA VAL A 207 12.05 1.40 63.10
C VAL A 207 10.87 0.70 62.47
N THR A 208 10.52 1.08 61.24
CA THR A 208 9.30 0.57 60.59
C THR A 208 9.59 -0.25 59.34
N LYS A 209 10.33 0.32 58.39
CA LYS A 209 10.38 -0.15 57.01
C LYS A 209 11.77 0.05 56.43
N ASP A 210 11.84 0.13 55.09
CA ASP A 210 13.03 0.49 54.32
C ASP A 210 14.17 -0.50 54.43
N GLU A 211 13.94 -1.73 53.94
CA GLU A 211 15.04 -2.66 53.72
C GLU A 211 16.02 -2.14 52.67
N ALA A 212 15.54 -1.31 51.74
CA ALA A 212 16.41 -0.73 50.71
C ALA A 212 17.36 0.32 51.27
N ARG A 213 17.05 0.91 52.43
CA ARG A 213 17.99 1.85 53.05
C ARG A 213 19.13 1.16 53.76
N LEU A 214 19.08 -0.16 53.92
CA LEU A 214 20.20 -0.92 54.50
C LEU A 214 21.21 -1.35 53.44
N ARG A 215 21.12 -0.81 52.23
CA ARG A 215 22.16 -1.01 51.23
C ARG A 215 23.29 0.00 51.35
N VAL A 216 23.05 1.11 52.04
CA VAL A 216 24.08 2.13 52.22
C VAL A 216 24.89 1.75 53.45
N TYR A 217 24.21 1.14 54.44
CA TYR A 217 24.86 0.80 55.70
C TYR A 217 25.72 -0.45 55.59
N LYS A 218 25.62 -1.21 54.50
CA LYS A 218 26.60 -2.23 54.21
C LYS A 218 27.78 -1.69 53.41
N GLU A 219 27.77 -0.41 53.07
CA GLU A 219 28.90 0.27 52.45
C GLU A 219 29.56 1.28 53.37
N LEU A 220 28.79 1.94 54.23
CA LEU A 220 29.35 2.87 55.20
C LEU A 220 30.14 2.16 56.30
N ILE A 221 29.85 0.88 56.56
CA ILE A 221 30.64 0.09 57.50
C ILE A 221 31.41 -0.89 56.64
N ASP A 222 31.66 -0.51 55.39
CA ASP A 222 32.61 -1.19 54.54
C ASP A 222 33.65 -0.24 53.96
N SER A 223 33.30 1.03 53.74
CA SER A 223 34.31 2.05 53.49
C SER A 223 35.03 2.46 54.76
N TRP A 224 34.43 2.22 55.93
CA TRP A 224 35.10 2.50 57.20
C TRP A 224 36.21 1.49 57.46
N ILE A 225 36.02 0.24 57.05
CA ILE A 225 37.07 -0.77 57.19
C ILE A 225 38.23 -0.45 56.25
N ALA A 226 37.92 0.01 55.03
CA ALA A 226 38.96 0.40 54.10
C ALA A 226 39.65 1.70 54.48
N SER A 227 39.05 2.49 55.38
CA SER A 227 39.71 3.69 55.85
C SER A 227 40.60 3.41 57.05
N VAL A 228 40.16 2.53 57.96
CA VAL A 228 40.96 2.21 59.13
C VAL A 228 42.13 1.29 58.76
N LYS A 229 42.02 0.51 57.67
CA LYS A 229 43.13 -0.29 57.21
C LYS A 229 44.16 0.52 56.43
N SER A 230 43.76 1.68 55.91
CA SER A 230 44.70 2.55 55.20
C SER A 230 45.54 3.39 56.15
N LYS A 231 45.13 3.51 57.41
CA LYS A 231 45.89 4.25 58.41
C LYS A 231 46.93 3.39 59.12
N SER A 232 47.11 2.13 58.67
CA SER A 232 48.06 1.16 59.23
C SER A 232 47.81 0.92 60.72
N ASP A 233 46.54 0.86 61.10
CA ASP A 233 46.18 0.60 62.49
C ASP A 233 46.07 -0.90 62.75
N ILE A 234 46.45 -1.31 63.96
CA ILE A 234 46.37 -2.70 64.34
C ILE A 234 45.03 -3.08 64.93
N GLU A 235 44.05 -2.17 64.94
CA GLU A 235 42.75 -2.46 65.51
C GLU A 235 41.81 -3.16 64.54
N ILE A 236 42.11 -3.14 63.23
CA ILE A 236 41.21 -3.77 62.27
C ILE A 236 41.33 -5.28 62.31
N THR A 237 42.47 -5.80 62.73
CA THR A 237 42.71 -7.23 62.92
C THR A 237 41.90 -7.78 64.08
N PRO A 238 41.49 -6.95 65.03
CA PRO A 238 40.89 -7.48 66.26
C PRO A 238 39.49 -8.06 66.08
N PHE A 239 38.68 -7.50 65.18
CA PHE A 239 37.32 -7.99 65.02
C PHE A 239 37.07 -8.65 63.67
N LEU A 240 37.31 -7.95 62.55
CA LEU A 240 37.34 -8.44 61.17
C LEU A 240 36.11 -9.21 60.67
N ASN A 241 35.02 -9.24 61.45
CA ASN A 241 33.88 -10.09 61.13
C ASN A 241 32.58 -9.41 61.49
N ILE A 242 32.52 -8.09 61.36
CA ILE A 242 31.32 -7.35 61.74
C ILE A 242 30.32 -7.20 60.60
N ASN A 243 30.73 -7.45 59.35
CA ASN A 243 29.79 -7.46 58.23
C ASN A 243 29.98 -8.65 57.30
N LEU A 244 30.86 -9.61 57.62
CA LEU A 244 30.99 -10.79 56.77
C LEU A 244 29.84 -11.77 56.95
N GLU A 245 29.00 -11.57 57.98
CA GLU A 245 27.72 -12.24 58.06
C GLU A 245 26.57 -11.36 57.59
N PHE A 246 26.75 -10.03 57.65
CA PHE A 246 25.70 -9.12 57.20
C PHE A 246 25.57 -9.14 55.67
N THR A 247 26.66 -9.38 54.95
CA THR A 247 26.60 -9.50 53.50
C THR A 247 26.27 -10.91 53.04
N ASP A 248 26.24 -11.88 53.95
CA ASP A 248 25.87 -13.24 53.58
C ASP A 248 24.36 -13.34 53.39
N VAL A 249 23.60 -12.54 54.13
CA VAL A 249 22.15 -12.65 54.11
C VAL A 249 21.51 -11.63 53.18
N LEU A 250 22.05 -10.42 53.13
CA LEU A 250 21.41 -9.30 52.45
C LEU A 250 21.88 -9.14 51.00
N GLN A 251 22.76 -10.02 50.53
CA GLN A 251 23.27 -9.91 49.17
C GLN A 251 22.21 -10.26 48.14
N LEU A 252 22.47 -9.86 46.90
CA LEU A 252 21.55 -10.01 45.79
C LEU A 252 22.21 -10.83 44.69
N SER A 253 21.41 -11.60 43.95
CA SER A 253 21.96 -12.56 43.00
C SER A 253 21.47 -12.38 41.58
N ARG A 254 20.34 -11.70 41.36
CA ARG A 254 19.79 -11.63 40.02
C ARG A 254 20.45 -10.55 39.19
N GLY A 255 20.31 -9.28 39.59
CA GLY A 255 20.85 -8.21 38.80
C GLY A 255 21.84 -7.31 39.54
N HIS A 256 23.11 -7.38 39.17
CA HIS A 256 24.14 -6.59 39.81
C HIS A 256 24.34 -5.23 39.15
N SER A 257 23.91 -5.07 37.90
CA SER A 257 24.25 -3.91 37.09
C SER A 257 23.19 -2.82 37.14
N ILE A 258 22.26 -2.88 38.09
CA ILE A 258 21.24 -1.84 38.21
C ILE A 258 21.86 -0.52 38.66
N THR A 259 22.90 -0.56 39.48
CA THR A 259 23.54 0.68 39.93
C THR A 259 24.40 1.35 38.86
N LEU A 260 24.71 0.65 37.77
CA LEU A 260 25.56 1.20 36.72
C LEU A 260 24.80 1.49 35.43
N LEU A 261 23.70 0.78 35.17
CA LEU A 261 22.89 1.00 33.99
C LEU A 261 21.84 2.08 34.19
N TRP A 262 21.58 2.48 35.43
CA TRP A 262 20.58 3.49 35.74
C TRP A 262 21.07 4.90 35.39
N ASP A 263 22.37 5.13 35.45
CA ASP A 263 22.90 6.49 35.45
C ASP A 263 22.91 7.09 34.04
N ILE A 264 23.17 6.27 33.02
CA ILE A 264 23.30 6.81 31.67
C ILE A 264 21.95 6.89 30.94
N PHE A 265 21.01 5.99 31.25
CA PHE A 265 19.71 5.99 30.60
C PHE A 265 18.68 6.85 31.33
N ARG A 266 19.07 7.54 32.40
CA ARG A 266 18.15 8.38 33.15
C ARG A 266 17.93 9.69 32.40
N LYS A 267 16.68 10.14 32.38
CA LYS A 267 16.31 11.45 31.85
C LYS A 267 15.98 12.39 33.00
N ASN A 268 15.63 13.63 32.68
CA ASN A 268 15.34 14.61 33.69
C ASN A 268 13.93 14.42 34.26
N TYR A 269 13.79 14.73 35.55
CA TYR A 269 12.56 14.58 36.32
C TYR A 269 12.58 15.65 37.41
N PRO A 270 11.42 16.13 37.85
CA PRO A 270 11.40 17.25 38.80
C PRO A 270 11.89 16.87 40.18
N THR A 271 12.33 17.89 40.94
CA THR A 271 13.09 17.69 42.15
C THR A 271 12.44 18.23 43.42
N THR A 272 11.26 18.85 43.33
CA THR A 272 10.60 19.42 44.51
C THR A 272 9.24 18.78 44.74
N SER A 273 8.79 18.84 46.00
CA SER A 273 7.50 18.30 46.38
C SER A 273 6.33 19.10 45.82
N ASN A 274 6.56 20.37 45.48
CA ASN A 274 5.55 21.23 44.90
C ASN A 274 5.34 20.96 43.42
N SER A 275 6.21 20.16 42.79
CA SER A 275 6.17 20.01 41.34
C SER A 275 5.36 18.81 40.89
N TRP A 276 5.52 17.64 41.54
CA TRP A 276 4.76 16.46 41.16
C TRP A 276 3.28 16.58 41.44
N LEU A 277 2.87 17.47 42.35
CA LEU A 277 1.45 17.76 42.50
C LEU A 277 0.95 18.68 41.40
N ALA A 278 1.84 19.48 40.81
CA ALA A 278 1.49 20.30 39.67
C ALA A 278 1.77 19.60 38.34
N PHE A 279 2.65 18.60 38.34
CA PHE A 279 2.86 17.80 37.14
C PHE A 279 1.67 16.89 36.87
N GLU A 280 0.96 16.48 37.91
CA GLU A 280 -0.25 15.68 37.73
C GLU A 280 -1.40 16.54 37.25
N LYS A 281 -1.37 17.84 37.57
CA LYS A 281 -2.43 18.74 37.14
C LYS A 281 -2.37 19.01 35.64
N LEU A 282 -1.18 18.91 35.05
CA LEU A 282 -1.03 19.14 33.61
C LEU A 282 -1.53 17.95 32.80
N ILE A 283 -1.28 16.73 33.26
CA ILE A 283 -1.78 15.54 32.59
C ILE A 283 -3.29 15.41 32.82
N ASN A 284 -3.79 15.94 33.94
CA ASN A 284 -5.23 16.02 34.16
C ASN A 284 -5.91 16.94 33.15
N LEU A 285 -5.22 18.01 32.74
CA LEU A 285 -5.74 18.85 31.67
C LEU A 285 -5.47 18.25 30.30
N SER A 286 -4.38 17.49 30.16
CA SER A 286 -4.01 16.86 28.90
C SER A 286 -4.94 15.73 28.49
N GLU A 287 -5.79 15.23 29.40
CA GLU A 287 -6.79 14.23 29.06
C GLU A 287 -8.09 14.88 28.60
N LYS A 288 -8.48 16.00 29.23
CA LYS A 288 -9.66 16.72 28.80
C LYS A 288 -9.49 17.38 27.44
N PHE A 289 -8.25 17.67 27.03
CA PHE A 289 -8.00 18.24 25.71
C PHE A 289 -8.14 17.20 24.61
N ASP A 290 -7.96 15.91 24.92
CA ASP A 290 -8.09 14.87 23.91
C ASP A 290 -9.55 14.66 23.54
N LYS A 291 -10.47 14.82 24.50
CA LYS A 291 -11.89 14.63 24.23
C LYS A 291 -12.48 15.79 23.45
N VAL A 292 -11.82 16.94 23.43
CA VAL A 292 -12.30 18.08 22.65
C VAL A 292 -11.66 18.09 21.27
N ARG A 293 -10.46 17.50 21.12
CA ARG A 293 -9.76 17.50 19.84
C ARG A 293 -10.47 16.65 18.79
N LEU A 294 -11.20 15.64 19.21
CA LEU A 294 -11.92 14.76 18.29
C LEU A 294 -13.34 15.22 18.00
N LEU A 295 -13.61 16.52 18.07
CA LEU A 295 -14.93 17.06 17.78
C LEU A 295 -14.93 18.29 16.88
N GLN A 296 -13.77 18.73 16.40
CA GLN A 296 -13.69 19.95 15.61
C GLN A 296 -13.53 19.64 14.13
N PHE A 297 -14.00 20.56 13.29
CA PHE A 297 -13.98 20.37 11.84
C PHE A 297 -12.62 20.76 11.27
N SER A 298 -12.55 20.86 9.94
CA SER A 298 -11.28 21.11 9.28
C SER A 298 -10.85 22.57 9.31
N GLU A 299 -11.70 23.48 9.77
CA GLU A 299 -11.34 24.89 9.81
C GLU A 299 -10.65 25.30 11.10
N SER A 300 -10.73 24.48 12.15
CA SER A 300 -10.17 24.81 13.45
C SER A 300 -8.84 24.12 13.70
N TYR A 301 -8.01 23.95 12.67
CA TYR A 301 -6.67 23.44 12.84
C TYR A 301 -5.61 24.53 12.88
N ASN A 302 -6.00 25.78 13.02
CA ASN A 302 -5.07 26.86 13.31
C ASN A 302 -5.03 27.20 14.78
N SER A 303 -5.98 26.70 15.57
CA SER A 303 -6.01 26.94 17.01
C SER A 303 -5.65 25.71 17.83
N ILE A 304 -5.89 24.52 17.30
CA ILE A 304 -5.47 23.30 18.00
C ILE A 304 -3.95 23.15 17.94
N LYS A 305 -3.34 23.56 16.82
CA LYS A 305 -1.88 23.52 16.69
C LYS A 305 -1.17 24.53 17.58
N ASP A 306 -1.88 25.54 18.09
CA ASP A 306 -1.31 26.40 19.11
C ASP A 306 -1.40 25.76 20.49
N LEU A 307 -2.52 25.11 20.79
CA LEU A 307 -2.71 24.51 22.11
C LEU A 307 -1.92 23.22 22.29
N MET A 308 -1.44 22.62 21.21
CA MET A 308 -0.53 21.49 21.30
C MET A 308 0.93 21.93 21.31
N ASP A 309 1.16 23.24 21.40
CA ASP A 309 2.50 23.82 21.57
C ASP A 309 2.69 24.38 22.97
N VAL A 310 1.63 24.87 23.61
CA VAL A 310 1.73 25.42 24.96
C VAL A 310 1.95 24.30 25.98
N PHE A 311 1.46 23.09 25.68
CA PHE A 311 1.78 21.93 26.52
C PHE A 311 3.27 21.59 26.48
N ARG A 312 3.94 21.92 25.38
CA ARG A 312 5.39 21.73 25.33
C ARG A 312 6.11 22.78 26.15
N LEU A 313 5.61 24.02 26.15
CA LEU A 313 6.21 25.08 26.95
C LEU A 313 5.96 24.90 28.44
N LEU A 314 4.92 24.15 28.82
CA LEU A 314 4.69 23.85 30.23
C LEU A 314 5.41 22.59 30.69
N ASN A 315 5.69 21.66 29.77
CA ASN A 315 6.50 20.51 30.14
C ASN A 315 7.95 20.92 30.36
N ASP A 316 8.40 22.01 29.74
CA ASP A 316 9.70 22.58 30.03
C ASP A 316 9.67 23.55 31.21
N ASP A 317 8.49 23.92 31.70
CA ASP A 317 8.38 24.84 32.81
C ASP A 317 8.14 24.13 34.13
N VAL A 318 7.55 22.93 34.09
CA VAL A 318 7.49 22.09 35.28
C VAL A 318 8.89 21.60 35.65
N LEU A 319 9.69 21.24 34.64
CA LEU A 319 11.04 20.76 34.90
C LEU A 319 12.00 21.89 35.27
N ASN A 320 11.65 23.14 34.96
CA ASN A 320 12.54 24.28 35.20
C ASN A 320 12.49 24.77 36.65
N ASN A 321 11.62 24.17 37.48
CA ASN A 321 11.42 24.54 38.89
C ASN A 321 11.04 26.01 39.03
N LYS A 322 10.26 26.51 38.08
CA LYS A 322 9.83 27.91 38.05
C LYS A 322 8.31 27.94 38.13
N LEU A 323 7.78 28.11 39.33
CA LEU A 323 6.33 28.17 39.54
C LEU A 323 6.01 29.56 40.08
N SER A 324 5.89 30.52 39.17
CA SER A 324 5.42 31.87 39.49
C SER A 324 4.21 32.25 38.66
N GLU A 325 4.27 32.05 37.35
CA GLU A 325 3.13 32.26 36.46
C GLU A 325 2.55 30.94 35.96
N PHE A 326 2.85 29.84 36.65
CA PHE A 326 2.35 28.53 36.22
C PHE A 326 0.84 28.43 36.43
N ASN A 327 0.37 28.72 37.64
CA ASN A 327 -1.06 28.65 37.94
C ASN A 327 -1.85 29.75 37.23
N LEU A 328 -1.19 30.86 36.86
CA LEU A 328 -1.88 31.89 36.08
C LEU A 328 -2.05 31.46 34.63
N LEU A 329 -0.98 30.96 34.01
CA LEU A 329 -1.05 30.59 32.60
C LEU A 329 -1.75 29.26 32.36
N LEU A 330 -1.87 28.41 33.39
CA LEU A 330 -2.61 27.17 33.21
C LEU A 330 -4.11 27.43 33.18
N SER A 331 -4.56 28.49 33.85
CA SER A 331 -5.97 28.88 33.77
C SER A 331 -6.33 29.46 32.41
N LYS A 332 -5.34 29.97 31.66
CA LYS A 332 -5.61 30.44 30.31
C LYS A 332 -5.86 29.28 29.36
N LEU A 333 -5.25 28.12 29.62
CA LEU A 333 -5.55 26.93 28.81
C LEU A 333 -6.88 26.32 29.19
N GLU A 334 -7.29 26.47 30.46
CA GLU A 334 -8.66 26.12 30.82
C GLU A 334 -9.66 27.08 30.19
N ASP A 335 -9.26 28.35 30.03
CA ASP A 335 -10.08 29.31 29.30
C ASP A 335 -10.06 29.04 27.81
N GLY A 336 -9.00 28.40 27.30
CA GLY A 336 -8.89 28.10 25.89
C GLY A 336 -9.71 26.90 25.47
N ILE A 337 -9.78 25.88 26.33
CA ILE A 337 -10.56 24.68 26.02
C ILE A 337 -12.04 24.96 26.21
N ASN A 338 -12.40 25.76 27.22
CA ASN A 338 -13.80 26.11 27.46
C ASN A 338 -14.38 26.97 26.34
N GLU A 339 -13.55 27.83 25.73
CA GLU A 339 -13.98 28.52 24.52
C GLU A 339 -14.09 27.56 23.35
N LEU A 340 -13.25 26.54 23.29
CA LEU A 340 -13.33 25.54 22.24
C LEU A 340 -14.46 24.54 22.49
N GLU A 341 -14.88 24.38 23.75
CA GLU A 341 -16.03 23.53 24.06
C GLU A 341 -17.35 24.25 23.77
N LEU A 342 -17.36 25.58 23.89
CA LEU A 342 -18.58 26.36 23.65
C LEU A 342 -19.01 26.30 22.19
N ILE A 343 -18.05 26.21 21.27
CA ILE A 343 -18.38 26.02 19.86
C ILE A 343 -18.85 24.57 19.63
N SER A 344 -18.34 23.63 20.42
CA SER A 344 -18.68 22.22 20.25
C SER A 344 -20.10 21.88 20.66
N ASN A 345 -20.78 22.76 21.39
CA ASN A 345 -22.17 22.52 21.76
C ASN A 345 -23.14 22.89 20.66
N LYS A 346 -22.70 23.64 19.65
CA LYS A 346 -23.59 24.18 18.64
C LYS A 346 -23.62 23.39 17.34
N PHE A 347 -22.79 22.34 17.21
CA PHE A 347 -22.74 21.56 15.99
C PHE A 347 -23.98 20.66 15.89
N LEU A 348 -24.81 20.92 14.88
CA LEU A 348 -25.98 20.09 14.62
C LEU A 348 -25.61 18.84 13.83
N ASN A 349 -24.55 18.90 13.03
CA ASN A 349 -24.04 17.76 12.28
C ASN A 349 -22.78 17.25 12.96
N LYS A 350 -22.89 16.09 13.62
CA LYS A 350 -21.76 15.55 14.35
C LYS A 350 -20.71 14.99 13.40
N ARG A 351 -19.44 15.16 13.77
CA ARG A 351 -18.34 14.77 12.90
C ARG A 351 -18.14 13.27 12.94
N LYS A 352 -18.33 12.62 11.79
CA LYS A 352 -18.00 11.21 11.64
C LYS A 352 -16.49 11.07 11.47
N HIS A 353 -15.85 10.32 12.36
CA HIS A 353 -14.41 10.10 12.30
C HIS A 353 -14.12 9.18 11.13
N TYR A 354 -13.72 9.76 10.01
CA TYR A 354 -13.46 8.99 8.80
C TYR A 354 -11.98 9.12 8.45
N PHE A 355 -11.46 8.11 7.73
CA PHE A 355 -10.02 7.84 7.60
C PHE A 355 -9.35 7.78 8.97
N ALA A 356 -9.98 7.06 9.89
CA ALA A 356 -9.40 6.90 11.23
C ALA A 356 -8.19 5.98 11.20
N ASP A 357 -8.17 5.01 10.29
CA ASP A 357 -7.05 4.09 10.16
C ASP A 357 -5.98 4.61 9.21
N GLU A 358 -6.29 5.62 8.40
CA GLU A 358 -5.28 6.16 7.49
C GLU A 358 -4.30 7.06 8.23
N PHE A 359 -4.80 8.00 9.04
CA PHE A 359 -3.90 8.88 9.79
C PHE A 359 -3.26 8.17 10.98
N ASP A 360 -3.87 7.10 11.48
CA ASP A 360 -3.27 6.36 12.58
C ASP A 360 -2.09 5.53 12.11
N ASN A 361 -2.09 5.13 10.84
CA ASN A 361 -1.05 4.26 10.30
C ASN A 361 0.03 5.05 9.57
N LEU A 362 -0.22 6.33 9.27
CA LEU A 362 0.87 7.19 8.79
C LEU A 362 1.74 7.73 9.91
N ILE A 363 1.37 7.47 11.17
CA ILE A 363 2.23 7.86 12.28
C ILE A 363 3.32 6.82 12.51
N ARG A 364 2.97 5.54 12.37
CA ARG A 364 3.90 4.44 12.65
C ARG A 364 5.10 4.43 11.70
N TYR A 365 4.93 4.96 10.49
CA TYR A 365 6.06 5.11 9.57
C TYR A 365 6.84 6.39 9.81
N THR A 366 6.49 7.18 10.82
CA THR A 366 7.10 8.49 11.04
C THR A 366 7.48 8.72 12.50
N PHE A 367 6.89 7.99 13.45
CA PHE A 367 6.99 8.30 14.87
C PHE A 367 8.38 7.95 15.37
N SER A 368 9.26 8.95 15.45
CA SER A 368 10.59 8.83 16.02
C SER A 368 11.02 10.19 16.54
N VAL A 369 12.23 10.25 17.08
CA VAL A 369 12.78 11.53 17.52
C VAL A 369 13.12 12.40 16.32
N ASP A 370 13.74 11.80 15.30
CA ASP A 370 13.92 12.47 14.02
C ASP A 370 12.57 12.59 13.31
N THR A 371 12.49 13.56 12.39
CA THR A 371 11.27 13.94 11.65
C THR A 371 10.12 14.26 12.60
N ALA A 372 10.40 15.13 13.57
CA ALA A 372 9.41 15.52 14.56
C ALA A 372 8.45 16.59 14.07
N GLU A 373 8.67 17.14 12.87
CA GLU A 373 7.77 18.13 12.32
C GLU A 373 6.68 17.50 11.45
N LEU A 374 6.98 16.37 10.80
CA LEU A 374 5.97 15.66 10.02
C LEU A 374 4.91 15.04 10.92
N ILE A 375 5.26 14.72 12.17
CA ILE A 375 4.30 14.14 13.09
C ILE A 375 3.33 15.19 13.61
N LYS A 376 3.80 16.44 13.76
CA LYS A 376 2.95 17.49 14.30
C LYS A 376 1.85 17.90 13.33
N GLU A 377 2.13 17.84 12.02
CA GLU A 377 1.07 18.09 11.05
C GLU A 377 0.09 16.92 10.97
N LEU A 378 0.54 15.71 11.30
CA LEU A 378 -0.32 14.55 11.42
C LEU A 378 -0.94 14.41 12.81
N ALA A 379 -0.60 15.31 13.74
CA ALA A 379 -1.03 15.12 15.12
C ALA A 379 -2.51 15.42 15.36
N PRO A 380 -3.06 16.62 15.02
CA PRO A 380 -4.43 16.90 15.50
C PRO A 380 -5.52 16.15 14.75
N ALA A 381 -5.30 15.79 13.49
CA ALA A 381 -6.28 15.03 12.74
C ALA A 381 -5.98 13.53 12.80
N SER A 382 -5.90 13.02 14.02
CA SER A 382 -5.60 11.61 14.25
C SER A 382 -6.13 11.22 15.61
N SER A 383 -5.71 10.05 16.10
CA SER A 383 -6.16 9.50 17.37
C SER A 383 -5.03 9.39 18.39
N LEU A 384 -3.97 10.17 18.22
CA LEU A 384 -2.83 10.14 19.13
C LEU A 384 -2.99 11.21 20.20
N ALA A 385 -2.80 10.83 21.46
CA ALA A 385 -3.03 11.73 22.57
C ALA A 385 -1.87 12.71 22.73
N THR A 386 -2.18 13.88 23.30
CA THR A 386 -1.18 14.93 23.43
C THR A 386 -0.17 14.65 24.53
N GLN A 387 -0.46 13.72 25.44
CA GLN A 387 0.50 13.34 26.47
C GLN A 387 1.64 12.50 25.91
N LYS A 388 1.48 11.94 24.71
CA LYS A 388 2.53 11.18 24.04
C LYS A 388 3.27 12.00 22.99
N LEU A 389 2.73 13.14 22.57
CA LEU A 389 3.38 13.94 21.55
C LEU A 389 4.53 14.76 22.12
N THR A 390 4.40 15.24 23.36
CA THR A 390 5.41 16.10 23.98
C THR A 390 6.67 15.36 24.38
N LYS A 391 6.75 14.04 24.15
CA LYS A 391 7.98 13.28 24.29
C LYS A 391 8.66 13.06 22.95
N LEU A 392 8.44 13.96 21.99
CA LEU A 392 9.11 13.91 20.70
C LEU A 392 9.96 15.14 20.43
N ILE A 393 9.39 16.33 20.59
CA ILE A 393 10.14 17.56 20.34
C ILE A 393 11.17 17.75 21.44
N THR A 394 10.75 17.65 22.69
CA THR A 394 11.69 17.47 23.78
C THR A 394 12.21 16.04 23.75
N ASN A 395 13.49 15.87 24.05
CA ASN A 395 14.13 14.56 23.97
C ASN A 395 14.16 13.89 25.35
N LYS A 396 13.06 14.06 26.10
CA LYS A 396 12.88 13.42 27.39
C LYS A 396 12.57 11.92 27.26
N TYR A 397 12.44 11.42 26.04
CA TYR A 397 11.97 10.06 25.84
C TYR A 397 13.13 9.07 25.78
N ASN A 398 12.85 7.86 26.29
CA ASN A 398 13.73 6.70 26.37
C ASN A 398 13.65 5.93 25.05
N TYR A 399 13.74 4.59 25.12
CA TYR A 399 13.73 3.48 24.16
C TYR A 399 12.93 3.78 22.89
N PRO A 400 13.33 3.25 21.71
CA PRO A 400 12.85 3.76 20.38
C PRO A 400 11.34 3.81 20.25
N PRO A 401 10.79 4.95 19.83
CA PRO A 401 9.43 5.33 20.20
C PRO A 401 8.31 4.59 19.46
N ILE A 402 8.61 3.64 18.59
CA ILE A 402 7.55 2.91 17.88
C ILE A 402 6.76 2.04 18.86
N PHE A 403 7.39 1.62 19.96
CA PHE A 403 6.78 0.69 20.90
C PHE A 403 5.66 1.33 21.71
N ASP A 404 5.57 2.65 21.75
CA ASP A 404 4.53 3.34 22.49
C ASP A 404 3.25 3.51 21.69
N VAL A 405 3.28 3.13 20.42
CA VAL A 405 2.14 3.31 19.53
C VAL A 405 1.51 1.97 19.13
N LEU A 406 2.29 0.89 19.08
CA LEU A 406 1.85 -0.36 18.45
C LEU A 406 0.74 -1.05 19.24
N TRP A 407 0.93 -1.22 20.55
CA TRP A 407 -0.01 -2.00 21.35
C TRP A 407 -1.02 -1.08 22.01
N THR A 408 -2.29 -1.24 21.66
CA THR A 408 -3.40 -0.60 22.35
C THR A 408 -4.44 -1.66 22.70
N GLU A 409 -5.25 -1.35 23.71
CA GLU A 409 -6.29 -2.28 24.16
C GLU A 409 -7.54 -2.16 23.29
N PHE A 417 -0.81 -3.85 16.37
CA PHE A 417 -0.74 -3.16 15.08
C PHE A 417 0.63 -3.31 14.43
N THR A 418 1.33 -4.40 14.73
CA THR A 418 2.63 -4.62 14.11
C THR A 418 2.52 -5.14 12.69
N SER A 419 1.38 -5.71 12.30
CA SER A 419 1.20 -6.15 10.93
C SER A 419 0.97 -5.01 9.97
N THR A 420 0.55 -3.84 10.46
CA THR A 420 0.29 -2.69 9.61
C THR A 420 1.52 -1.86 9.31
N ILE A 421 2.70 -2.28 9.78
CA ILE A 421 3.92 -1.53 9.57
C ILE A 421 4.90 -2.27 8.65
N PHE A 422 4.75 -3.59 8.48
CA PHE A 422 5.62 -4.36 7.60
C PHE A 422 4.88 -4.94 6.41
N SER A 423 3.64 -4.50 6.16
CA SER A 423 2.83 -5.02 5.08
C SER A 423 2.26 -3.85 4.27
N SER A 424 1.43 -4.20 3.28
CA SER A 424 0.72 -3.22 2.47
C SER A 424 -0.68 -2.95 2.98
N GLN A 425 -0.93 -3.22 4.28
CA GLN A 425 -2.27 -3.12 4.83
C GLN A 425 -2.73 -1.67 4.95
N PHE A 426 -1.80 -0.72 5.00
CA PHE A 426 -2.17 0.69 4.86
C PHE A 426 -2.74 0.97 3.47
N LEU A 427 -2.07 0.46 2.44
CA LEU A 427 -2.40 0.85 1.08
C LEU A 427 -3.57 0.05 0.52
N GLU A 428 -3.83 -1.14 1.06
CA GLU A 428 -5.01 -1.89 0.68
C GLU A 428 -6.28 -1.29 1.26
N ASP A 429 -6.17 -0.47 2.31
CA ASP A 429 -7.33 0.13 2.95
C ASP A 429 -7.62 1.55 2.49
N VAL A 430 -6.65 2.24 1.90
CA VAL A 430 -6.93 3.56 1.31
C VAL A 430 -7.78 3.41 0.05
N VAL A 431 -7.49 2.36 -0.73
CA VAL A 431 -8.29 2.09 -1.94
C VAL A 431 -9.69 1.64 -1.56
N ARG A 432 -9.83 0.89 -0.47
CA ARG A 432 -11.14 0.37 -0.08
C ARG A 432 -12.02 1.47 0.50
N LYS A 433 -11.44 2.40 1.26
CA LYS A 433 -12.23 3.52 1.77
C LYS A 433 -12.49 4.60 0.73
N SER A 434 -11.88 4.51 -0.45
CA SER A 434 -12.12 5.49 -1.50
C SER A 434 -13.18 5.03 -2.49
N ASN A 435 -13.30 3.73 -2.74
CA ASN A 435 -14.33 3.25 -3.66
C ASN A 435 -15.71 3.29 -3.00
N ASN A 436 -15.77 3.04 -1.70
CA ASN A 436 -17.02 3.05 -0.95
C ASN A 436 -17.33 4.42 -0.35
N LEU A 437 -16.83 5.49 -0.96
CA LEU A 437 -17.05 6.83 -0.42
C LEU A 437 -18.37 7.42 -0.91
N LYS A 438 -18.76 7.12 -2.15
CA LYS A 438 -19.96 7.69 -2.73
C LYS A 438 -21.25 7.10 -2.16
N SER A 439 -21.18 5.99 -1.45
CA SER A 439 -22.38 5.41 -0.83
C SER A 439 -22.55 5.87 0.62
N PHE A 440 -22.43 7.17 0.84
CA PHE A 440 -22.57 7.77 2.16
C PHE A 440 -23.62 8.88 2.12
N SER A 441 -24.01 9.35 3.29
CA SER A 441 -25.10 10.32 3.40
C SER A 441 -24.65 11.70 2.93
N GLY A 442 -25.62 12.61 2.82
CA GLY A 442 -25.39 13.92 2.26
C GLY A 442 -24.69 14.90 3.17
N ASN A 443 -24.50 14.57 4.45
CA ASN A 443 -23.76 15.43 5.35
C ASN A 443 -22.25 15.23 5.26
N GLN A 444 -21.80 14.22 4.53
CA GLN A 444 -20.39 13.86 4.48
C GLN A 444 -19.78 14.10 3.10
N ILE A 445 -20.19 15.18 2.44
CA ILE A 445 -19.58 15.58 1.19
C ILE A 445 -18.77 16.87 1.31
N LYS A 446 -19.02 17.69 2.32
CA LYS A 446 -18.20 18.86 2.58
C LYS A 446 -17.15 18.60 3.65
N GLN A 447 -17.21 17.44 4.30
CA GLN A 447 -16.19 17.03 5.26
C GLN A 447 -15.21 16.04 4.67
N SER A 448 -15.61 15.31 3.64
CA SER A 448 -14.77 14.29 3.04
C SER A 448 -13.91 14.81 1.89
N ILE A 449 -14.28 15.93 1.27
CA ILE A 449 -13.39 16.53 0.28
C ILE A 449 -12.26 17.33 0.95
N SER A 450 -12.39 17.62 2.23
CA SER A 450 -11.32 18.22 3.02
C SER A 450 -10.65 17.22 3.94
N ASP A 451 -11.02 15.94 3.85
CA ASP A 451 -10.35 14.88 4.59
C ASP A 451 -9.46 14.03 3.68
N ALA A 452 -9.91 13.74 2.45
CA ALA A 452 -9.05 13.09 1.47
C ALA A 452 -8.05 14.07 0.85
N GLU A 453 -8.25 15.38 1.03
CA GLU A 453 -7.25 16.34 0.59
C GLU A 453 -6.08 16.40 1.54
N LEU A 454 -6.34 16.28 2.85
CA LEU A 454 -5.26 16.26 3.83
C LEU A 454 -4.49 14.95 3.76
N LEU A 455 -5.14 13.86 3.33
CA LEU A 455 -4.44 12.59 3.18
C LEU A 455 -3.48 12.62 2.00
N LEU A 456 -3.80 13.41 0.97
CA LEU A 456 -2.86 13.55 -0.15
C LEU A 456 -1.67 14.41 0.25
N SER A 457 -1.87 15.40 1.13
CA SER A 457 -0.77 16.23 1.60
C SER A 457 0.07 15.53 2.66
N SER A 458 -0.26 14.30 3.04
CA SER A 458 0.50 13.52 4.01
C SER A 458 1.31 12.41 3.37
N THR A 459 0.74 11.68 2.41
CA THR A 459 1.50 10.63 1.73
C THR A 459 2.54 11.20 0.79
N ILE A 460 2.39 12.45 0.36
CA ILE A 460 3.42 13.10 -0.43
C ILE A 460 4.61 13.49 0.44
N LYS A 461 4.34 14.11 1.60
CA LYS A 461 5.43 14.57 2.46
C LYS A 461 6.04 13.47 3.30
N CYS A 462 5.38 12.31 3.40
CA CYS A 462 5.97 11.14 4.05
C CYS A 462 6.39 10.08 3.05
N SER A 463 6.70 10.49 1.82
CA SER A 463 7.07 9.53 0.78
C SER A 463 8.43 8.84 0.98
N PRO A 464 9.53 9.48 1.42
CA PRO A 464 10.74 8.69 1.69
C PRO A 464 10.65 7.81 2.92
N ASN A 465 9.73 8.08 3.83
CA ASN A 465 9.58 7.23 5.01
C ASN A 465 8.82 5.96 4.72
N LEU A 466 7.97 5.95 3.70
CA LEU A 466 7.21 4.75 3.35
C LEU A 466 8.03 3.77 2.52
N LEU A 467 8.98 4.27 1.74
CA LEU A 467 9.65 3.47 0.73
C LEU A 467 10.91 2.77 1.23
N LYS A 468 11.46 3.18 2.37
CA LYS A 468 12.69 2.58 2.86
C LYS A 468 12.43 1.17 3.39
N SER A 469 13.51 0.42 3.55
CA SER A 469 13.41 -0.94 4.06
C SER A 469 13.05 -0.92 5.54
N GLN A 470 12.10 -1.76 5.92
CA GLN A 470 11.63 -1.81 7.30
C GLN A 470 12.12 -3.03 8.06
N MET A 471 12.76 -3.99 7.38
CA MET A 471 13.38 -5.12 8.07
C MET A 471 14.89 -4.95 8.22
N GLU A 472 15.49 -4.03 7.50
CA GLU A 472 16.89 -3.66 7.68
C GLU A 472 17.03 -2.32 8.37
N TYR A 473 15.96 -1.80 8.97
CA TYR A 473 15.99 -0.57 9.74
C TYR A 473 15.96 -0.82 11.24
N TYR A 474 15.14 -1.76 11.70
CA TYR A 474 15.15 -2.14 13.11
C TYR A 474 16.36 -3.00 13.46
N LYS A 475 17.03 -3.57 12.47
CA LYS A 475 18.35 -4.15 12.71
C LYS A 475 19.37 -3.06 13.04
N ASN A 476 19.20 -1.87 12.45
CA ASN A 476 20.13 -0.78 12.72
C ASN A 476 19.90 -0.18 14.09
N MET A 477 18.64 -0.05 14.52
CA MET A 477 18.36 0.54 15.82
C MET A 477 18.54 -0.44 16.97
N LEU A 478 18.84 -1.71 16.69
CA LEU A 478 19.28 -2.62 17.73
C LEU A 478 20.78 -2.51 17.95
N LEU A 479 21.55 -2.41 16.86
CA LEU A 479 23.01 -2.39 16.96
C LEU A 479 23.54 -1.06 17.46
N SER A 480 22.73 0.00 17.43
CA SER A 480 23.08 1.24 18.09
C SER A 480 22.55 1.29 19.53
N TRP A 481 21.95 0.20 20.00
CA TRP A 481 21.41 0.10 21.34
C TRP A 481 21.84 -1.18 22.04
N LEU A 482 22.43 -2.13 21.32
CA LEU A 482 23.14 -3.26 21.91
C LEU A 482 24.62 -2.95 22.12
N ARG A 483 25.22 -2.18 21.22
CA ARG A 483 26.61 -1.75 21.37
C ARG A 483 26.76 -0.54 22.29
N LYS A 484 25.69 -0.12 22.95
CA LYS A 484 25.79 0.86 24.03
C LYS A 484 25.77 0.20 25.40
N VAL A 485 25.14 -0.98 25.49
CA VAL A 485 25.19 -1.75 26.73
C VAL A 485 26.60 -2.31 26.94
N ILE A 486 27.24 -2.78 25.87
CA ILE A 486 28.61 -3.28 25.98
C ILE A 486 29.60 -2.13 26.19
N ASP A 487 29.22 -0.91 25.78
CA ASP A 487 30.09 0.24 25.95
C ASP A 487 30.24 0.63 27.43
N ILE A 488 29.17 0.49 28.21
CA ILE A 488 29.25 0.91 29.61
C ILE A 488 29.78 -0.20 30.52
N HIS A 489 29.57 -1.47 30.19
CA HIS A 489 30.17 -2.54 30.99
C HIS A 489 31.65 -2.70 30.66
N VAL A 490 31.96 -3.07 29.42
CA VAL A 490 33.34 -3.22 28.98
C VAL A 490 33.88 -1.85 28.64
N GLY A 491 35.00 -1.48 29.26
CA GLY A 491 35.59 -0.18 29.03
C GLY A 491 36.17 -0.07 27.64
N GLY A 492 35.79 0.98 26.92
CA GLY A 492 36.18 1.17 25.54
C GLY A 492 35.04 0.91 24.57
N ASP A 493 35.27 1.29 23.32
CA ASP A 493 34.25 1.14 22.29
C ASP A 493 34.12 -0.32 21.87
N CYS A 494 32.88 -0.74 21.60
CA CYS A 494 32.60 -2.09 21.17
C CYS A 494 32.72 -2.27 19.66
N LEU A 495 33.04 -1.22 18.92
CA LEU A 495 33.20 -1.33 17.47
C LEU A 495 34.61 -1.78 17.11
N LYS A 496 35.62 -1.12 17.66
CA LYS A 496 37.02 -1.45 17.37
C LYS A 496 37.57 -2.38 18.46
N LEU A 497 37.01 -3.60 18.48
CA LEU A 497 37.44 -4.61 19.43
C LEU A 497 37.10 -5.98 18.84
N THR A 498 37.95 -6.96 19.15
CA THR A 498 37.81 -8.30 18.60
C THR A 498 36.86 -9.13 19.47
N LEU A 499 36.70 -10.40 19.09
CA LEU A 499 35.82 -11.29 19.85
C LEU A 499 36.50 -11.81 21.11
N LYS A 500 37.84 -11.89 21.11
CA LYS A 500 38.57 -12.33 22.29
C LYS A 500 39.01 -11.19 23.19
N GLU A 501 39.12 -9.97 22.65
CA GLU A 501 39.50 -8.82 23.47
C GLU A 501 38.37 -8.36 24.37
N LEU A 502 37.12 -8.59 23.95
CA LEU A 502 35.99 -8.22 24.79
C LEU A 502 35.76 -9.21 25.92
N CYS A 503 36.07 -10.49 25.70
CA CYS A 503 35.87 -11.49 26.74
C CYS A 503 36.88 -11.38 27.87
N SER A 504 38.05 -10.78 27.61
CA SER A 504 39.05 -10.63 28.65
C SER A 504 38.73 -9.49 29.60
N LEU A 505 37.99 -8.48 29.14
CA LEU A 505 37.64 -7.32 29.95
C LEU A 505 36.36 -7.50 30.74
N ILE A 506 35.71 -8.67 30.66
CA ILE A 506 34.50 -8.90 31.44
C ILE A 506 34.86 -9.17 32.91
N GLU A 507 35.90 -9.99 33.13
CA GLU A 507 36.28 -10.35 34.49
C GLU A 507 36.97 -9.21 35.24
N GLU A 508 37.48 -8.21 34.52
CA GLU A 508 38.18 -7.10 35.16
C GLU A 508 37.25 -5.95 35.49
N LYS A 509 36.17 -5.76 34.74
CA LYS A 509 35.28 -4.63 34.93
C LYS A 509 33.95 -4.98 35.57
N THR A 510 33.51 -6.24 35.50
CA THR A 510 32.20 -6.65 36.00
C THR A 510 32.38 -7.65 37.14
N ALA A 511 31.25 -8.11 37.67
CA ALA A 511 31.22 -9.01 38.81
C ALA A 511 31.35 -10.46 38.34
N SER A 512 31.09 -11.40 39.24
CA SER A 512 31.23 -12.82 38.94
C SER A 512 29.94 -13.46 38.45
N GLU A 513 28.79 -12.87 38.74
CA GLU A 513 27.53 -13.44 38.28
C GLU A 513 27.10 -12.88 36.93
N THR A 514 27.42 -11.61 36.65
CA THR A 514 27.06 -11.04 35.36
C THR A 514 27.91 -11.58 34.23
N ARG A 515 29.07 -12.19 34.54
CA ARG A 515 29.89 -12.81 33.51
C ARG A 515 29.20 -14.01 32.89
N VAL A 516 28.31 -14.67 33.63
CA VAL A 516 27.59 -15.82 33.09
C VAL A 516 26.57 -15.39 32.06
N THR A 517 25.74 -14.41 32.40
CA THR A 517 24.66 -13.99 31.50
C THR A 517 25.14 -13.12 30.35
N PHE A 518 26.28 -12.43 30.51
CA PHE A 518 26.79 -11.59 29.44
C PHE A 518 27.41 -12.42 28.32
N ALA A 519 27.81 -13.66 28.62
CA ALA A 519 28.35 -14.57 27.63
C ALA A 519 27.37 -15.67 27.24
N GLU A 520 26.11 -15.57 27.67
CA GLU A 520 25.11 -16.57 27.33
C GLU A 520 23.87 -15.98 26.67
N TYR A 521 23.54 -14.71 26.94
CA TYR A 521 22.37 -14.10 26.32
C TYR A 521 22.71 -12.92 25.42
N ILE A 522 23.66 -12.06 25.81
CA ILE A 522 23.92 -10.87 25.01
C ILE A 522 24.83 -11.19 23.82
N PHE A 523 25.86 -12.01 24.02
CA PHE A 523 26.71 -12.42 22.90
C PHE A 523 26.03 -13.30 21.85
N PRO A 524 25.06 -14.18 22.18
CA PRO A 524 24.22 -14.72 21.10
C PRO A 524 23.24 -13.73 20.51
N ALA A 525 22.93 -12.64 21.22
CA ALA A 525 22.07 -11.61 20.66
C ALA A 525 22.82 -10.63 19.78
N LEU A 526 24.13 -10.77 19.66
CA LEU A 526 24.94 -9.99 18.72
C LEU A 526 25.34 -10.79 17.50
N ASP A 527 25.53 -12.11 17.66
CA ASP A 527 25.84 -12.96 16.51
C ASP A 527 24.61 -13.15 15.63
N LEU A 528 23.43 -13.35 16.25
CA LEU A 528 22.20 -13.53 15.49
C LEU A 528 21.65 -12.22 14.95
N ALA A 529 22.17 -11.07 15.39
CA ALA A 529 21.72 -9.80 14.83
C ALA A 529 22.46 -9.43 13.56
N GLU A 530 23.63 -10.04 13.33
CA GLU A 530 24.38 -9.77 12.10
C GLU A 530 23.96 -10.71 10.98
N SER A 531 23.66 -11.96 11.30
CA SER A 531 23.27 -12.97 10.32
C SER A 531 21.75 -13.05 10.13
N SER A 532 21.03 -11.97 10.37
CA SER A 532 19.57 -11.97 10.24
C SER A 532 19.20 -11.69 8.79
N LYS A 533 18.59 -12.68 8.15
CA LYS A 533 18.14 -12.54 6.76
C LYS A 533 16.63 -12.53 6.60
N SER A 534 15.89 -13.04 7.56
CA SER A 534 14.44 -13.04 7.53
C SER A 534 13.91 -12.35 8.78
N LEU A 535 12.59 -12.38 8.96
CA LEU A 535 11.99 -11.86 10.18
C LEU A 535 12.03 -12.85 11.33
N GLU A 536 12.45 -14.09 11.08
CA GLU A 536 12.61 -15.05 12.16
C GLU A 536 13.97 -14.91 12.83
N GLU A 537 15.03 -14.72 12.03
CA GLU A 537 16.37 -14.55 12.58
C GLU A 537 16.58 -13.17 13.20
N LEU A 538 15.69 -12.21 12.95
CA LEU A 538 15.73 -10.94 13.65
C LEU A 538 14.76 -10.90 14.82
N GLY A 539 13.69 -11.71 14.77
CA GLY A 539 12.81 -11.85 15.92
C GLY A 539 13.35 -12.73 17.01
N GLU A 540 14.28 -13.62 16.68
CA GLU A 540 14.95 -14.42 17.69
C GLU A 540 16.13 -13.66 18.29
N ALA A 541 16.75 -12.78 17.51
CA ALA A 541 17.84 -11.94 18.02
C ALA A 541 17.34 -10.76 18.83
N TRP A 542 16.05 -10.48 18.81
CA TRP A 542 15.51 -9.40 19.62
C TRP A 542 14.98 -9.92 20.97
N ILE A 543 14.48 -11.15 21.00
CA ILE A 543 13.95 -11.72 22.24
C ILE A 543 15.07 -12.21 23.15
N THR A 544 16.21 -12.64 22.59
CA THR A 544 17.33 -13.05 23.42
C THR A 544 17.99 -11.84 24.08
N PHE A 545 17.98 -10.70 23.38
CA PHE A 545 18.31 -9.43 24.01
C PHE A 545 17.26 -9.01 25.03
N GLY A 546 16.01 -9.45 24.86
CA GLY A 546 14.97 -9.07 25.79
C GLY A 546 15.09 -9.77 27.14
N THR A 547 15.39 -11.06 27.13
CA THR A 547 15.65 -11.79 28.36
C THR A 547 17.04 -11.53 28.91
N GLY A 548 17.90 -10.86 28.16
CA GLY A 548 19.24 -10.54 28.62
C GLY A 548 19.24 -9.44 29.65
N LEU A 549 18.58 -8.32 29.35
CA LEU A 549 18.61 -7.18 30.26
C LEU A 549 17.53 -7.24 31.33
N LEU A 550 16.87 -8.38 31.52
CA LEU A 550 16.06 -8.58 32.72
C LEU A 550 16.81 -9.37 33.78
N LEU A 551 17.94 -9.98 33.42
CA LEU A 551 18.85 -10.59 34.38
C LEU A 551 20.02 -9.66 34.71
N LEU A 552 19.94 -8.41 34.29
CA LEU A 552 20.96 -7.41 34.61
C LEU A 552 20.39 -6.11 35.13
N PHE A 553 19.09 -6.02 35.35
CA PHE A 553 18.46 -4.80 35.84
C PHE A 553 17.56 -5.01 37.05
N VAL A 554 16.93 -6.18 37.18
CA VAL A 554 15.94 -6.44 38.22
C VAL A 554 16.62 -7.19 39.36
N PRO A 555 16.58 -6.70 40.58
CA PRO A 555 17.17 -7.42 41.71
C PRO A 555 16.16 -8.31 42.44
N ASP A 556 16.70 -9.30 43.16
CA ASP A 556 15.85 -10.16 43.99
C ASP A 556 15.39 -9.43 45.23
N SER A 557 16.31 -9.02 46.09
CA SER A 557 16.09 -8.17 47.24
C SER A 557 16.04 -6.71 46.79
N PRO A 558 15.29 -5.84 47.49
CA PRO A 558 15.16 -4.46 47.01
C PRO A 558 16.44 -3.64 47.10
N TYR A 559 17.04 -3.38 45.95
CA TYR A 559 18.19 -2.49 45.82
C TYR A 559 17.75 -1.24 45.07
N ASP A 560 18.29 -0.10 45.46
CA ASP A 560 17.87 1.16 44.86
C ASP A 560 19.07 2.08 44.70
N PRO A 561 19.40 2.51 43.48
CA PRO A 561 20.57 3.38 43.30
C PRO A 561 20.32 4.85 43.60
N ALA A 562 19.13 5.23 44.06
CA ALA A 562 18.87 6.62 44.44
C ALA A 562 18.83 6.83 45.95
N ILE A 563 18.78 5.75 46.74
CA ILE A 563 18.84 5.89 48.19
C ILE A 563 20.27 6.20 48.62
N HIS A 564 21.27 5.74 47.84
CA HIS A 564 22.68 5.89 48.17
C HIS A 564 23.13 7.35 48.26
N ASP A 565 22.40 8.27 47.63
CA ASP A 565 22.70 9.69 47.72
C ASP A 565 21.89 10.40 48.80
N TYR A 566 20.77 9.82 49.21
CA TYR A 566 19.93 10.42 50.25
C TYR A 566 20.19 9.87 51.64
N VAL A 567 21.17 9.00 51.81
CA VAL A 567 21.62 8.61 53.14
C VAL A 567 22.93 9.30 53.49
N LEU A 568 23.81 9.49 52.50
CA LEU A 568 25.07 10.20 52.69
C LEU A 568 24.88 11.68 53.02
N TYR A 569 23.70 12.24 52.79
CA TYR A 569 23.35 13.55 53.29
C TYR A 569 22.66 13.52 54.64
N ASP A 570 21.89 12.47 54.92
CA ASP A 570 21.27 12.34 56.24
C ASP A 570 22.30 11.97 57.30
N LEU A 571 23.34 11.23 56.92
CA LEU A 571 24.43 10.96 57.85
C LEU A 571 25.24 12.23 58.10
N PHE A 572 25.40 13.07 57.09
CA PHE A 572 26.07 14.35 57.27
C PHE A 572 25.25 15.31 58.12
N LEU A 573 23.92 15.18 58.09
CA LEU A 573 23.08 16.05 58.91
C LEU A 573 23.15 15.67 60.39
N LYS A 574 23.43 14.41 60.69
CA LYS A 574 23.49 13.95 62.07
C LYS A 574 24.86 14.15 62.69
N THR A 575 25.94 13.92 61.94
CA THR A 575 27.27 14.19 62.47
C THR A 575 27.61 15.66 62.51
N LYS A 576 26.79 16.51 61.89
CA LYS A 576 26.85 17.95 62.11
C LYS A 576 26.04 18.36 63.34
N THR A 577 25.01 17.58 63.67
CA THR A 577 24.21 17.85 64.87
C THR A 577 24.97 17.51 66.14
N PHE A 578 25.63 16.34 66.15
CA PHE A 578 26.41 15.95 67.34
C PHE A 578 27.64 16.82 67.53
N SER A 579 28.17 17.41 66.46
CA SER A 579 29.30 18.32 66.61
C SER A 579 28.86 19.66 67.18
N GLN A 580 27.67 20.13 66.81
CA GLN A 580 27.13 21.34 67.41
C GLN A 580 26.55 21.08 68.79
N ASN A 581 26.13 19.85 69.07
CA ASN A 581 25.73 19.49 70.42
C ASN A 581 26.94 19.43 71.34
N LEU A 582 28.09 19.01 70.81
CA LEU A 582 29.32 18.95 71.59
C LEU A 582 29.91 20.33 71.84
N MET A 583 29.57 21.32 71.01
CA MET A 583 30.16 22.65 71.19
C MET A 583 29.40 23.48 72.22
N LYS A 584 28.07 23.41 72.21
CA LYS A 584 27.28 24.24 73.12
C LYS A 584 27.26 23.70 74.54
N SER A 585 27.29 22.38 74.70
CA SER A 585 27.35 21.79 76.04
C SER A 585 28.73 22.00 76.67
N TRP A 586 29.76 22.15 75.84
CA TRP A 586 31.09 22.45 76.32
C TRP A 586 31.28 23.95 76.58
N ARG A 587 30.44 24.80 75.97
CA ARG A 587 30.60 26.25 76.09
C ARG A 587 30.28 26.75 77.50
N ASN A 588 29.41 26.03 78.23
CA ASN A 588 29.11 26.41 79.60
C ASN A 588 30.26 26.09 80.54
N VAL A 589 31.17 25.20 80.13
CA VAL A 589 32.31 24.83 80.96
C VAL A 589 33.40 25.90 80.87
N ARG A 590 33.28 26.82 79.90
CA ARG A 590 34.29 27.86 79.70
C ARG A 590 34.32 28.86 80.86
N LYS A 591 33.21 29.01 81.58
CA LYS A 591 33.12 29.92 82.71
C LYS A 591 33.50 29.27 84.04
N VAL A 592 34.22 28.16 84.06
CA VAL A 592 34.41 27.46 85.32
C VAL A 592 35.88 27.42 85.73
N ILE A 593 36.71 26.69 84.98
CA ILE A 593 38.13 26.57 85.30
C ILE A 593 38.91 27.05 84.08
N SER A 594 38.46 28.14 83.46
CA SER A 594 39.20 28.74 82.37
C SER A 594 39.01 30.24 82.41
N GLY A 595 39.70 30.94 81.52
CA GLY A 595 39.61 32.38 81.44
C GLY A 595 38.49 32.82 80.52
N ASP A 596 38.82 33.62 79.50
CA ASP A 596 37.80 34.12 78.59
C ASP A 596 38.28 34.13 77.14
N GLU A 597 39.45 33.55 76.85
CA GLU A 597 40.03 33.66 75.50
C GLU A 597 40.10 32.32 74.77
N GLU A 598 40.83 31.34 75.30
CA GLU A 598 41.10 30.11 74.57
C GLU A 598 41.27 28.94 75.54
N ILE A 599 40.89 27.76 75.08
CA ILE A 599 41.21 26.49 75.71
C ILE A 599 41.89 25.64 74.63
N PHE A 600 42.87 24.81 75.04
CA PHE A 600 43.60 23.98 74.07
C PHE A 600 42.71 22.92 73.43
N THR A 601 41.64 22.50 74.11
CA THR A 601 40.71 21.53 73.54
C THR A 601 39.75 22.15 72.53
N GLU A 602 39.66 23.48 72.47
CA GLU A 602 38.90 24.12 71.40
C GLU A 602 39.58 23.95 70.05
N LYS A 603 40.92 23.97 70.03
CA LYS A 603 41.65 23.64 68.83
C LYS A 603 41.66 22.13 68.57
N LEU A 604 41.54 21.33 69.63
CA LEU A 604 41.69 19.88 69.51
C LEU A 604 40.45 19.24 68.89
N ILE A 605 39.30 19.89 69.02
CA ILE A 605 38.05 19.37 68.46
C ILE A 605 37.96 19.74 66.99
N ASN A 606 37.48 18.79 66.17
CA ASN A 606 37.24 19.06 64.76
C ASN A 606 35.88 19.74 64.59
N THR A 607 35.88 20.90 63.93
CA THR A 607 34.66 21.61 63.61
C THR A 607 34.21 21.20 62.21
N ILE A 608 32.97 20.71 62.10
CA ILE A 608 32.45 20.28 60.81
C ILE A 608 32.06 21.50 59.99
N SER A 609 32.34 21.46 58.69
CA SER A 609 32.17 22.62 57.83
C SER A 609 30.74 22.68 57.30
N ASP A 610 30.26 23.89 57.01
CA ASP A 610 28.94 24.05 56.43
C ASP A 610 28.95 23.82 54.93
N ASP A 611 30.01 24.26 54.24
CA ASP A 611 30.09 24.14 52.79
C ASP A 611 30.69 22.79 52.37
N ASP A 612 30.04 21.71 52.77
CA ASP A 612 30.46 20.35 52.39
C ASP A 612 29.22 19.52 52.05
N ALA A 613 28.31 20.10 51.28
CA ALA A 613 27.09 19.42 50.88
C ALA A 613 27.39 18.38 49.81
N PRO A 614 27.08 17.10 50.04
CA PRO A 614 27.46 16.05 49.07
C PRO A 614 26.40 15.82 47.98
N GLN A 615 26.01 16.91 47.31
CA GLN A 615 25.06 16.99 46.17
C GLN A 615 23.80 16.13 46.37
N SER A 616 23.02 16.53 47.39
CA SER A 616 21.90 15.70 47.83
C SER A 616 20.70 15.59 46.90
N PRO A 617 20.28 16.60 46.09
CA PRO A 617 19.17 16.28 45.16
C PRO A 617 19.61 15.72 43.82
N ARG A 618 19.15 14.50 43.51
CA ARG A 618 19.15 14.05 42.12
C ARG A 618 17.72 13.83 41.65
N VAL A 619 17.03 12.90 42.31
CA VAL A 619 15.60 12.65 42.15
C VAL A 619 15.05 12.34 43.52
N TYR A 620 14.09 13.14 43.99
CA TYR A 620 13.70 13.03 45.39
C TYR A 620 12.70 11.89 45.58
N ARG A 621 12.92 11.12 46.65
CA ARG A 621 12.04 10.02 47.03
C ARG A 621 11.76 10.17 48.52
N THR A 622 10.50 10.29 48.88
CA THR A 622 10.10 10.60 50.26
C THR A 622 10.16 9.34 51.12
N GLY A 623 9.59 9.43 52.32
CA GLY A 623 9.64 8.36 53.29
C GLY A 623 8.80 7.13 52.96
N MET A 624 8.09 7.12 51.84
CA MET A 624 7.37 5.91 51.42
C MET A 624 8.38 4.84 51.02
N SER A 625 8.18 3.63 51.52
CA SER A 625 9.13 2.55 51.31
C SER A 625 9.01 1.99 49.89
N ILE A 626 10.18 1.76 49.25
CA ILE A 626 10.21 1.19 47.92
C ILE A 626 10.28 -0.34 47.97
N ASP A 627 10.32 -0.92 49.16
CA ASP A 627 10.40 -2.38 49.29
C ASP A 627 9.12 -3.08 48.87
N SER A 628 8.01 -2.36 48.75
CA SER A 628 6.77 -2.94 48.23
C SER A 628 6.78 -3.06 46.71
N LEU A 629 7.61 -2.26 46.02
CA LEU A 629 7.63 -2.31 44.57
C LEU A 629 8.40 -3.52 44.05
N PHE A 630 9.55 -3.81 44.66
CA PHE A 630 10.34 -4.96 44.22
C PHE A 630 9.75 -6.29 44.63
N ASP A 631 8.76 -6.30 45.54
CA ASP A 631 7.97 -7.50 45.74
C ASP A 631 7.01 -7.72 44.58
N GLU A 632 6.58 -6.63 43.94
CA GLU A 632 5.63 -6.74 42.83
C GLU A 632 6.30 -7.22 41.55
N TRP A 633 7.53 -6.79 41.29
CA TRP A 633 8.21 -7.17 40.06
C TRP A 633 8.58 -8.66 40.07
N MET A 634 9.10 -9.16 41.18
CA MET A 634 9.42 -10.58 41.26
C MET A 634 8.18 -11.44 41.45
N ALA A 635 7.01 -10.85 41.71
CA ALA A 635 5.76 -11.59 41.65
C ALA A 635 5.22 -11.71 40.24
N PHE A 636 5.70 -10.88 39.31
CA PHE A 636 5.31 -10.94 37.91
C PHE A 636 6.37 -11.58 37.03
N LEU A 637 7.64 -11.19 37.21
CA LEU A 637 8.70 -11.70 36.34
C LEU A 637 9.04 -13.15 36.64
N SER A 638 8.65 -13.67 37.79
CA SER A 638 8.76 -15.10 38.08
C SER A 638 7.46 -15.85 37.83
N SER A 639 6.37 -15.15 37.52
CA SER A 639 5.11 -15.81 37.21
C SER A 639 5.04 -16.25 35.76
N THR A 640 5.13 -15.29 34.82
CA THR A 640 4.98 -15.58 33.41
C THR A 640 6.10 -15.06 32.53
N MET A 641 7.03 -14.26 33.07
CA MET A 641 8.12 -13.71 32.28
C MET A 641 9.47 -14.34 32.64
N SER A 642 9.47 -15.52 33.25
CA SER A 642 10.71 -16.18 33.60
C SER A 642 11.37 -16.77 32.35
N SER A 643 12.62 -17.18 32.51
CA SER A 643 13.35 -17.79 31.41
C SER A 643 12.83 -19.19 31.08
N ARG A 644 12.13 -19.84 32.00
CA ARG A 644 11.47 -21.11 31.72
C ARG A 644 10.10 -20.94 31.10
N GLN A 645 9.54 -19.73 31.10
CA GLN A 645 8.24 -19.45 30.50
C GLN A 645 8.37 -18.90 29.09
N ILE A 646 9.48 -18.24 28.78
CA ILE A 646 9.69 -17.64 27.48
C ILE A 646 10.36 -18.61 26.51
N LYS A 647 11.25 -19.49 27.01
CA LYS A 647 11.85 -20.50 26.16
C LYS A 647 10.89 -21.63 25.77
N GLU A 648 9.69 -21.66 26.33
CA GLU A 648 8.68 -22.60 25.84
C GLU A 648 7.99 -22.09 24.58
N LEU A 649 7.82 -20.77 24.46
CA LEU A 649 7.20 -20.20 23.27
C LEU A 649 8.14 -20.21 22.07
N VAL A 650 9.43 -20.01 22.30
CA VAL A 650 10.39 -20.07 21.20
C VAL A 650 10.56 -21.51 20.72
N SER A 651 10.54 -22.47 21.64
CA SER A 651 10.60 -23.87 21.28
C SER A 651 9.29 -24.42 20.73
N SER A 652 8.21 -23.62 20.75
CA SER A 652 6.94 -24.01 20.16
C SER A 652 6.73 -23.43 18.77
N TYR A 653 7.17 -22.18 18.54
CA TYR A 653 7.09 -21.62 17.19
C TYR A 653 8.05 -22.29 16.23
N LYS A 654 9.18 -22.79 16.71
CA LYS A 654 10.13 -23.45 15.82
C LYS A 654 9.66 -24.85 15.42
N CYS A 655 8.81 -25.48 16.23
CA CYS A 655 8.33 -26.81 15.90
C CYS A 655 7.01 -26.79 15.13
N ASN A 656 6.19 -25.74 15.33
CA ASN A 656 4.89 -25.55 14.68
C ASN A 656 3.93 -26.72 14.92
N SER A 657 4.00 -27.29 16.12
CA SER A 657 3.18 -28.44 16.48
C SER A 657 1.70 -28.11 16.52
N ASP A 658 1.30 -27.29 17.49
CA ASP A 658 -0.09 -26.96 17.80
C ASP A 658 -0.08 -25.68 18.64
N GLN A 659 -1.30 -25.22 18.97
CA GLN A 659 -1.67 -24.22 19.99
C GLN A 659 -0.75 -23.01 20.09
N SER A 660 -0.28 -22.51 18.95
CA SER A 660 0.83 -21.56 18.95
C SER A 660 0.36 -20.14 19.28
N ASP A 661 -0.65 -19.63 18.59
CA ASP A 661 -1.01 -18.22 18.68
C ASP A 661 -2.01 -17.92 19.79
N ARG A 662 -2.34 -18.88 20.65
CA ARG A 662 -3.25 -18.60 21.75
C ARG A 662 -2.56 -18.46 23.10
N ARG A 663 -1.31 -18.91 23.21
CA ARG A 663 -0.52 -18.61 24.40
C ARG A 663 0.02 -17.19 24.38
N LEU A 664 0.21 -16.62 23.19
CA LEU A 664 0.85 -15.31 23.10
C LEU A 664 -0.12 -14.19 23.48
N GLU A 665 -1.40 -14.34 23.13
CA GLU A 665 -2.38 -13.33 23.51
C GLU A 665 -2.62 -13.33 25.02
N MET A 666 -2.45 -14.49 25.66
CA MET A 666 -2.42 -14.52 27.12
C MET A 666 -1.18 -13.85 27.68
N LEU A 667 -0.08 -13.82 26.91
CA LEU A 667 1.13 -13.15 27.35
C LEU A 667 1.04 -11.64 27.15
N GLN A 668 0.52 -11.20 26.01
CA GLN A 668 0.41 -9.77 25.75
C GLN A 668 -0.72 -9.10 26.52
N GLN A 669 -1.60 -9.89 27.16
CA GLN A 669 -2.63 -9.33 28.03
C GLN A 669 -2.15 -9.21 29.46
N ASN A 670 -1.27 -10.13 29.89
CA ASN A 670 -0.71 -10.03 31.24
C ASN A 670 0.23 -8.84 31.37
N SER A 671 1.07 -8.60 30.38
CA SER A 671 1.99 -7.47 30.42
C SER A 671 1.34 -6.16 29.99
N ALA A 672 0.07 -6.19 29.58
CA ALA A 672 -0.64 -4.95 29.31
C ALA A 672 -1.22 -4.35 30.58
N HIS A 673 -1.80 -5.19 31.45
CA HIS A 673 -2.26 -4.71 32.75
C HIS A 673 -1.12 -4.49 33.71
N PHE A 674 0.04 -5.13 33.48
CA PHE A 674 1.19 -4.93 34.35
C PHE A 674 1.80 -3.55 34.16
N LEU A 675 2.06 -3.17 32.92
CA LEU A 675 2.63 -1.86 32.65
C LEU A 675 1.62 -0.74 32.79
N ASN A 676 0.32 -1.05 32.81
CA ASN A 676 -0.71 -0.09 33.19
C ASN A 676 -0.89 0.00 34.70
N ARG A 677 -0.48 -1.03 35.44
CA ARG A 677 -0.46 -0.95 36.90
C ARG A 677 0.67 -0.04 37.37
N LEU A 678 1.83 -0.14 36.73
CA LEU A 678 2.98 0.67 37.12
C LEU A 678 2.87 2.12 36.66
N GLU A 679 2.03 2.41 35.66
CA GLU A 679 1.89 3.77 35.17
C GLU A 679 1.07 4.62 36.13
N SER A 680 -0.07 4.11 36.56
CA SER A 680 -0.87 4.79 37.57
C SER A 680 -0.45 4.41 38.99
N GLY A 681 0.59 3.62 39.14
CA GLY A 681 1.02 3.16 40.44
C GLY A 681 2.10 4.04 41.06
N TYR A 682 1.91 4.36 42.33
CA TYR A 682 2.86 4.93 43.29
C TYR A 682 3.18 6.41 43.03
N SER A 683 2.76 6.95 41.88
CA SER A 683 2.54 8.37 41.63
C SER A 683 3.74 9.31 41.80
N LYS A 684 4.91 8.78 42.10
CA LYS A 684 5.99 9.69 42.50
C LYS A 684 7.28 9.49 41.73
N PHE A 685 7.65 8.26 41.39
CA PHE A 685 8.91 8.01 40.72
C PHE A 685 8.71 7.08 39.54
N ALA A 686 9.33 7.42 38.42
CA ALA A 686 9.25 6.65 37.19
C ALA A 686 10.64 6.44 36.59
N ASP A 687 11.68 6.45 37.43
CA ASP A 687 13.02 6.19 36.95
C ASP A 687 13.20 4.72 36.59
N LEU A 688 12.87 3.84 37.52
CA LEU A 688 13.02 2.40 37.30
C LEU A 688 11.81 1.81 36.60
N ASN A 689 10.71 2.55 36.48
CA ASN A 689 9.55 2.05 35.75
C ASN A 689 9.73 2.25 34.25
N ASP A 690 10.38 3.35 33.84
CA ASP A 690 10.52 3.66 32.43
C ASP A 690 11.55 2.75 31.77
N ILE A 691 12.64 2.46 32.48
CA ILE A 691 13.69 1.60 31.91
C ILE A 691 13.21 0.14 31.86
N LEU A 692 12.37 -0.27 32.81
CA LEU A 692 11.78 -1.60 32.74
C LEU A 692 10.73 -1.68 31.64
N ALA A 693 10.02 -0.58 31.37
CA ALA A 693 9.01 -0.56 30.33
C ALA A 693 9.61 -0.69 28.93
N GLY A 694 10.87 -0.31 28.75
CA GLY A 694 11.54 -0.52 27.49
C GLY A 694 12.11 -1.91 27.30
N TYR A 695 11.92 -2.80 28.28
CA TYR A 695 12.40 -4.17 28.20
C TYR A 695 11.27 -5.19 28.12
N ILE A 696 10.03 -4.77 28.35
CA ILE A 696 8.86 -5.63 28.23
C ILE A 696 8.15 -5.28 26.93
N TYR A 697 8.22 -4.01 26.54
CA TYR A 697 7.78 -3.62 25.21
C TYR A 697 8.68 -4.19 24.11
N SER A 698 9.96 -4.40 24.42
CA SER A 698 10.87 -4.96 23.42
C SER A 698 10.60 -6.44 23.20
N ILE A 699 10.39 -7.18 24.28
CA ILE A 699 10.20 -8.62 24.16
C ILE A 699 8.82 -8.97 23.59
N ASN A 700 7.86 -8.05 23.67
CA ASN A 700 6.60 -8.26 22.96
C ASN A 700 6.76 -8.01 21.47
N PHE A 701 7.68 -7.12 21.09
CA PHE A 701 7.98 -6.91 19.68
C PHE A 701 8.74 -8.09 19.08
N GLY A 702 9.42 -8.87 19.92
CA GLY A 702 10.15 -10.04 19.44
C GLY A 702 9.25 -11.20 19.06
N PHE A 703 8.04 -11.24 19.58
CA PHE A 703 7.07 -12.25 19.16
C PHE A 703 6.27 -11.84 17.95
N ASP A 704 5.99 -10.54 17.78
CA ASP A 704 5.27 -10.07 16.61
C ASP A 704 6.09 -10.14 15.34
N LEU A 705 7.41 -10.30 15.46
CA LEU A 705 8.26 -10.65 14.35
C LEU A 705 8.19 -12.13 14.00
N LEU A 706 7.52 -12.94 14.82
CA LEU A 706 7.27 -14.33 14.48
C LEU A 706 5.83 -14.58 14.05
N LYS A 707 4.91 -13.65 14.30
CA LYS A 707 3.62 -13.71 13.63
C LYS A 707 3.76 -13.40 12.15
N LEU A 708 4.60 -12.43 11.81
CA LEU A 708 4.78 -12.01 10.43
C LEU A 708 5.72 -12.91 9.64
N GLN A 709 6.19 -14.00 10.23
CA GLN A 709 6.93 -15.01 9.50
C GLN A 709 6.08 -16.25 9.22
N LYS A 710 5.26 -16.67 10.19
CA LYS A 710 4.40 -17.83 9.98
C LYS A 710 3.24 -17.48 9.06
N SER A 711 2.81 -16.21 9.05
CA SER A 711 1.80 -15.79 8.10
C SER A 711 2.36 -15.66 6.68
N LYS A 712 3.67 -15.51 6.54
CA LYS A 712 4.31 -15.62 5.25
C LYS A 712 4.66 -17.06 4.87
N ASP A 713 4.60 -17.99 5.84
CA ASP A 713 4.84 -19.39 5.56
C ASP A 713 3.59 -20.11 5.08
N ARG A 714 2.41 -19.68 5.53
CA ARG A 714 1.14 -20.19 5.02
C ARG A 714 0.81 -19.43 3.74
N ALA A 715 0.70 -20.16 2.63
CA ALA A 715 0.47 -19.55 1.33
C ALA A 715 -0.21 -20.58 0.43
N SER A 716 -1.54 -20.47 0.30
CA SER A 716 -2.25 -21.26 -0.70
C SER A 716 -2.17 -20.60 -2.07
N PHE A 717 -1.96 -19.28 -2.11
CA PHE A 717 -1.84 -18.52 -3.34
C PHE A 717 -0.68 -17.56 -3.20
N GLN A 718 0.31 -17.67 -4.08
CA GLN A 718 1.50 -16.84 -4.03
C GLN A 718 1.30 -15.47 -4.69
N ILE A 719 0.08 -15.15 -5.13
CA ILE A 719 -0.23 -13.86 -5.72
C ILE A 719 -0.76 -12.95 -4.63
N SER A 720 -0.04 -11.87 -4.35
CA SER A 720 -0.45 -10.92 -3.35
C SER A 720 -1.56 -10.03 -3.89
N PRO A 721 -2.30 -9.35 -3.01
CA PRO A 721 -3.12 -8.22 -3.46
C PRO A 721 -2.23 -7.05 -3.87
N LEU A 722 -2.89 -6.01 -4.41
CA LEU A 722 -2.25 -4.94 -5.19
C LEU A 722 -1.43 -5.52 -6.34
N TRP A 723 -1.98 -6.55 -6.98
CA TRP A 723 -1.35 -7.11 -8.18
C TRP A 723 -1.57 -6.21 -9.38
N SER A 724 -2.70 -5.52 -9.43
CA SER A 724 -2.88 -4.38 -10.31
C SER A 724 -2.44 -3.13 -9.56
N MET A 725 -2.73 -1.96 -10.14
CA MET A 725 -2.31 -0.65 -9.62
C MET A 725 -0.80 -0.55 -9.44
N ASP A 726 -0.05 -1.12 -10.40
CA ASP A 726 1.39 -0.98 -10.48
C ASP A 726 1.86 -1.14 -11.93
N PRO A 727 2.44 -0.11 -12.53
CA PRO A 727 2.81 -0.17 -13.96
C PRO A 727 4.00 -1.08 -14.28
N ILE A 728 4.57 -1.80 -13.33
CA ILE A 728 5.69 -2.67 -13.62
C ILE A 728 5.30 -4.15 -13.62
N ASN A 729 4.18 -4.52 -13.00
CA ASN A 729 3.72 -5.91 -13.01
C ASN A 729 2.70 -6.19 -14.11
N ILE A 730 2.08 -5.16 -14.68
CA ILE A 730 1.13 -5.35 -15.76
C ILE A 730 1.86 -5.45 -17.10
N SER A 731 2.88 -4.61 -17.30
CA SER A 731 3.55 -4.49 -18.60
C SER A 731 4.41 -5.69 -18.97
N CYS A 732 4.72 -6.57 -18.01
CA CYS A 732 5.51 -7.76 -18.33
C CYS A 732 4.58 -8.83 -18.90
N ALA A 733 4.87 -9.27 -20.12
CA ALA A 733 4.01 -10.24 -20.80
C ALA A 733 4.10 -11.63 -20.20
N GLU A 734 5.22 -11.96 -19.56
CA GLU A 734 5.37 -13.25 -18.90
C GLU A 734 4.71 -13.24 -17.52
N ASN A 735 4.64 -12.08 -16.87
CA ASN A 735 4.13 -12.02 -15.50
C ASN A 735 2.62 -12.17 -15.46
N VAL A 736 1.91 -11.65 -16.46
CA VAL A 736 0.45 -11.82 -16.52
C VAL A 736 0.10 -13.27 -16.83
N LEU A 737 0.93 -13.94 -17.65
CA LEU A 737 0.73 -15.36 -17.93
C LEU A 737 1.00 -16.22 -16.70
N SER A 738 1.90 -15.79 -15.82
CA SER A 738 2.18 -16.53 -14.59
C SER A 738 1.26 -16.14 -13.45
N ALA A 739 0.44 -15.10 -13.61
CA ALA A 739 -0.56 -14.74 -12.63
C ALA A 739 -1.91 -15.39 -12.90
N TYR A 740 -1.99 -16.27 -13.89
CA TYR A 740 -3.20 -17.02 -14.20
C TYR A 740 -3.12 -18.48 -13.82
N HIS A 741 -1.94 -19.09 -13.96
CA HIS A 741 -1.76 -20.48 -13.57
C HIS A 741 -1.69 -20.67 -12.06
N GLU A 742 -1.56 -19.59 -11.29
CA GLU A 742 -1.59 -19.68 -9.83
C GLU A 742 -2.97 -19.43 -9.24
N LEU A 743 -3.85 -18.72 -9.96
CA LEU A 743 -5.23 -18.54 -9.55
C LEU A 743 -6.16 -19.64 -10.07
N SER A 744 -5.60 -20.75 -10.56
CA SER A 744 -6.43 -21.82 -11.12
C SER A 744 -7.23 -22.56 -10.06
N ARG A 745 -6.85 -22.47 -8.79
CA ARG A 745 -7.65 -22.99 -7.70
C ARG A 745 -8.71 -22.01 -7.22
N PHE A 746 -8.83 -20.84 -7.85
CA PHE A 746 -9.86 -19.87 -7.51
C PHE A 746 -10.97 -19.81 -8.53
N PHE A 747 -10.67 -20.04 -9.81
CA PHE A 747 -11.71 -20.02 -10.84
C PHE A 747 -12.49 -21.32 -10.86
N LYS A 748 -11.79 -22.46 -10.77
CA LYS A 748 -12.45 -23.76 -10.87
C LYS A 748 -13.18 -24.13 -9.58
N LYS A 749 -12.59 -23.82 -8.43
CA LYS A 749 -13.19 -24.18 -7.14
C LYS A 749 -14.05 -23.02 -6.61
N GLY A 750 -15.01 -22.63 -7.42
CA GLY A 750 -15.93 -21.55 -7.05
C GLY A 750 -17.37 -22.00 -7.12
N ASP A 751 -18.23 -21.33 -6.36
CA ASP A 751 -19.65 -21.65 -6.33
C ASP A 751 -20.42 -20.75 -7.28
N MET A 752 -21.61 -21.22 -7.67
CA MET A 752 -22.46 -20.48 -8.58
C MET A 752 -23.08 -19.27 -7.87
N GLU A 753 -23.47 -18.28 -8.69
CA GLU A 753 -24.12 -17.04 -8.24
C GLU A 753 -23.27 -16.27 -7.25
N ASP A 754 -21.96 -16.27 -7.46
CA ASP A 754 -21.04 -15.50 -6.63
C ASP A 754 -20.82 -14.08 -7.16
N THR A 755 -20.81 -13.93 -8.49
CA THR A 755 -20.67 -12.65 -9.20
C THR A 755 -19.40 -11.88 -8.83
N SER A 756 -18.35 -12.60 -8.45
CA SER A 756 -17.04 -12.02 -8.22
C SER A 756 -15.94 -12.70 -9.01
N ILE A 757 -16.10 -13.98 -9.35
CA ILE A 757 -15.17 -14.64 -10.26
C ILE A 757 -15.32 -14.07 -11.67
N GLU A 758 -16.55 -13.75 -12.06
CA GLU A 758 -16.83 -13.21 -13.38
C GLU A 758 -16.53 -11.72 -13.50
N LYS A 759 -16.01 -11.09 -12.46
CA LYS A 759 -15.46 -9.74 -12.56
C LYS A 759 -13.94 -9.73 -12.55
N VAL A 760 -13.31 -10.87 -12.29
CA VAL A 760 -11.87 -11.04 -12.51
C VAL A 760 -11.59 -11.40 -13.97
N LEU A 761 -12.43 -12.26 -14.55
CA LEU A 761 -12.29 -12.64 -15.96
C LEU A 761 -12.64 -11.50 -16.90
N MET A 762 -13.37 -10.49 -16.44
CA MET A 762 -13.49 -9.26 -17.22
C MET A 762 -12.18 -8.50 -17.28
N TYR A 763 -11.35 -8.63 -16.26
CA TYR A 763 -10.11 -7.85 -16.21
C TYR A 763 -9.02 -8.46 -17.07
N PHE A 764 -8.96 -9.79 -17.17
CA PHE A 764 -7.97 -10.42 -18.05
C PHE A 764 -8.33 -10.26 -19.53
N LEU A 765 -9.57 -9.89 -19.85
CA LEU A 765 -9.91 -9.53 -21.22
C LEU A 765 -9.49 -8.11 -21.54
N THR A 766 -9.30 -7.26 -20.54
CA THR A 766 -8.78 -5.92 -20.75
C THR A 766 -7.28 -5.85 -20.56
N LEU A 767 -6.61 -6.99 -20.37
CA LEU A 767 -5.16 -7.08 -20.51
C LEU A 767 -4.74 -7.71 -21.82
N PHE A 768 -5.60 -8.54 -22.42
CA PHE A 768 -5.32 -9.02 -23.76
C PHE A 768 -5.52 -7.93 -24.80
N LYS A 769 -6.38 -6.95 -24.50
CA LYS A 769 -6.45 -5.74 -25.30
C LYS A 769 -5.26 -4.84 -25.03
N PHE A 770 -4.81 -4.79 -23.77
CA PHE A 770 -3.79 -3.82 -23.37
C PHE A 770 -2.42 -4.17 -23.90
N HIS A 771 -2.12 -5.46 -24.09
CA HIS A 771 -0.88 -5.89 -24.72
C HIS A 771 -0.99 -6.01 -26.23
N LYS A 772 -2.06 -5.45 -26.82
CA LYS A 772 -2.29 -5.40 -28.27
C LYS A 772 -2.30 -6.78 -28.91
N ARG A 773 -2.94 -7.73 -28.22
CA ARG A 773 -3.25 -9.08 -28.71
C ARG A 773 -1.98 -9.86 -29.06
N ASP A 774 -1.14 -10.05 -28.06
CA ASP A 774 0.10 -10.77 -28.24
C ASP A 774 -0.16 -12.27 -28.42
N THR A 775 0.85 -12.96 -28.96
CA THR A 775 0.75 -14.40 -29.13
C THR A 775 1.16 -15.18 -27.89
N ASN A 776 1.73 -14.52 -26.89
CA ASN A 776 2.05 -15.18 -25.63
C ASN A 776 0.85 -15.22 -24.70
N LEU A 777 -0.02 -14.21 -24.76
CA LEU A 777 -1.22 -14.15 -23.93
C LEU A 777 -2.43 -14.77 -24.60
N LEU A 778 -2.23 -15.58 -25.65
CA LEU A 778 -3.37 -16.22 -26.30
C LEU A 778 -3.92 -17.37 -25.47
N GLU A 779 -3.12 -17.93 -24.58
CA GLU A 779 -3.62 -18.98 -23.70
C GLU A 779 -4.53 -18.43 -22.60
N ILE A 780 -4.29 -17.20 -22.16
CA ILE A 780 -5.13 -16.60 -21.12
C ILE A 780 -6.25 -15.77 -21.75
N PHE A 781 -6.48 -15.98 -23.05
CA PHE A 781 -7.66 -15.46 -23.73
C PHE A 781 -8.59 -16.54 -24.22
N GLU A 782 -8.06 -17.70 -24.59
CA GLU A 782 -8.91 -18.82 -24.96
C GLU A 782 -9.42 -19.56 -23.73
N ALA A 783 -8.57 -19.79 -22.74
CA ALA A 783 -8.98 -20.49 -21.53
C ALA A 783 -9.69 -19.58 -20.53
N ALA A 784 -9.63 -18.25 -20.72
CA ALA A 784 -10.41 -17.36 -19.87
C ALA A 784 -11.85 -17.26 -20.33
N LEU A 785 -12.14 -17.56 -21.59
CA LEU A 785 -13.52 -17.60 -22.06
C LEU A 785 -14.19 -18.95 -21.84
N TYR A 786 -13.40 -20.02 -21.70
CA TYR A 786 -14.00 -21.34 -21.52
C TYR A 786 -14.55 -21.51 -20.12
N THR A 787 -13.97 -20.85 -19.12
CA THR A 787 -14.56 -20.88 -17.79
C THR A 787 -15.71 -19.89 -17.65
N LEU A 788 -15.85 -18.95 -18.58
CA LEU A 788 -17.07 -18.15 -18.65
C LEU A 788 -18.23 -18.93 -19.24
N TYR A 789 -17.94 -19.84 -20.17
CA TYR A 789 -18.99 -20.71 -20.70
C TYR A 789 -19.32 -21.84 -19.74
N SER A 790 -18.35 -22.30 -18.96
CA SER A 790 -18.62 -23.38 -18.01
C SER A 790 -19.44 -22.90 -16.82
N ARG A 791 -19.41 -21.60 -16.50
CA ARG A 791 -20.30 -21.04 -15.49
C ARG A 791 -21.66 -20.66 -16.05
N TRP A 792 -21.86 -20.83 -17.35
CA TRP A 792 -23.18 -20.74 -17.96
C TRP A 792 -23.78 -22.11 -18.25
N SER A 793 -22.94 -23.11 -18.52
CA SER A 793 -23.42 -24.46 -18.76
C SER A 793 -23.90 -25.15 -17.51
N VAL A 794 -23.60 -24.62 -16.33
CA VAL A 794 -24.13 -25.15 -15.08
C VAL A 794 -25.41 -24.41 -14.68
N ARG A 795 -25.45 -23.10 -14.91
CA ARG A 795 -26.64 -22.31 -14.57
C ARG A 795 -27.83 -22.61 -15.48
N ARG A 796 -27.60 -23.24 -16.64
CA ARG A 796 -28.71 -23.75 -17.44
C ARG A 796 -29.11 -25.15 -17.03
N PHE A 797 -28.20 -25.90 -16.38
CA PHE A 797 -28.55 -27.24 -15.91
C PHE A 797 -29.44 -27.18 -14.67
N ARG A 798 -29.32 -26.11 -13.88
CA ARG A 798 -30.18 -25.93 -12.71
C ARG A 798 -31.47 -25.22 -13.05
N GLN A 799 -31.49 -24.39 -14.09
CA GLN A 799 -32.69 -23.67 -14.45
C GLN A 799 -33.69 -24.56 -15.17
N GLU A 800 -33.21 -25.45 -16.04
CA GLU A 800 -34.09 -26.40 -16.70
C GLU A 800 -34.57 -27.49 -15.77
N GLN A 801 -33.83 -27.77 -14.70
CA GLN A 801 -34.22 -28.78 -13.72
C GLN A 801 -34.90 -28.14 -12.51
N TYR A 819 -40.58 7.38 -13.93
CA TYR A 819 -41.30 7.79 -15.13
C TYR A 819 -40.80 7.04 -16.36
N GLU A 820 -39.84 6.15 -16.15
CA GLU A 820 -39.33 5.27 -17.20
C GLU A 820 -39.76 3.83 -17.00
N ALA A 821 -39.58 3.29 -15.80
CA ALA A 821 -40.11 2.00 -15.42
C ALA A 821 -41.36 2.10 -14.56
N ASP A 822 -41.72 3.30 -14.12
CA ASP A 822 -42.93 3.49 -13.33
C ASP A 822 -44.18 3.50 -14.20
N PHE A 823 -44.16 4.30 -15.28
CA PHE A 823 -45.27 4.31 -16.22
C PHE A 823 -45.24 3.13 -17.18
N ARG A 824 -44.16 2.35 -17.19
CA ARG A 824 -44.09 1.12 -17.97
C ARG A 824 -44.64 -0.08 -17.23
N LYS A 825 -44.67 -0.04 -15.90
CA LYS A 825 -45.26 -1.11 -15.11
C LYS A 825 -46.78 -0.99 -14.97
N LEU A 826 -47.35 0.16 -15.34
CA LEU A 826 -48.80 0.32 -15.28
C LEU A 826 -49.49 -0.43 -16.40
N PHE A 827 -48.80 -0.63 -17.52
CA PHE A 827 -49.38 -1.35 -18.66
C PHE A 827 -48.43 -2.41 -19.18
N ASN A 847 -28.84 -8.46 -11.49
CA ASN A 847 -27.42 -8.14 -11.64
C ASN A 847 -26.72 -9.14 -12.55
N LEU A 848 -27.40 -10.23 -12.87
CA LEU A 848 -26.81 -11.24 -13.76
C LEU A 848 -26.89 -10.84 -15.23
N ASP A 849 -27.71 -9.85 -15.57
CA ASP A 849 -27.77 -9.33 -16.93
C ASP A 849 -27.09 -7.98 -17.06
N ASP A 850 -26.36 -7.55 -16.03
CA ASP A 850 -25.42 -6.44 -16.15
C ASP A 850 -23.97 -6.92 -16.16
N ILE A 851 -23.72 -8.19 -15.86
CA ILE A 851 -22.40 -8.78 -16.02
C ILE A 851 -22.26 -9.43 -17.38
N TYR A 852 -23.29 -10.18 -17.82
CA TYR A 852 -23.29 -10.78 -19.14
C TYR A 852 -23.30 -9.72 -20.24
N PHE A 853 -23.91 -8.57 -19.98
CA PHE A 853 -23.84 -7.45 -20.92
C PHE A 853 -22.44 -6.87 -21.01
N LYS A 854 -21.64 -6.98 -19.95
CA LYS A 854 -20.27 -6.50 -19.94
C LYS A 854 -19.25 -7.62 -20.15
N LEU A 855 -19.69 -8.85 -20.35
CA LEU A 855 -18.82 -9.91 -20.85
C LEU A 855 -18.76 -9.94 -22.36
N ALA A 856 -19.48 -9.05 -23.03
CA ALA A 856 -19.49 -8.99 -24.48
C ALA A 856 -19.29 -7.59 -25.05
N ASP A 857 -19.44 -6.52 -24.26
CA ASP A 857 -18.95 -5.23 -24.71
C ASP A 857 -17.44 -5.17 -24.69
N THR A 858 -16.80 -5.85 -23.73
CA THR A 858 -15.35 -5.96 -23.77
C THR A 858 -14.90 -6.91 -24.88
N TYR A 859 -15.73 -7.92 -25.20
CA TYR A 859 -15.37 -8.85 -26.26
C TYR A 859 -15.44 -8.21 -27.64
N ILE A 860 -16.26 -7.16 -27.79
CA ILE A 860 -16.25 -6.39 -29.03
C ILE A 860 -15.09 -5.40 -29.04
N SER A 861 -14.88 -4.70 -27.93
CA SER A 861 -13.90 -3.62 -27.89
C SER A 861 -12.46 -4.10 -27.89
N VAL A 862 -12.21 -5.40 -27.66
CA VAL A 862 -10.87 -5.93 -27.89
C VAL A 862 -10.53 -5.90 -29.38
N PHE A 863 -11.47 -6.37 -30.20
CA PHE A 863 -11.22 -6.54 -31.64
C PHE A 863 -11.50 -5.23 -32.37
N ASP A 864 -10.56 -4.29 -32.22
CA ASP A 864 -10.63 -3.01 -32.91
C ASP A 864 -9.35 -2.73 -33.68
N LYS A 865 -9.21 -1.50 -34.19
CA LYS A 865 -8.04 -1.16 -35.00
C LYS A 865 -6.84 -0.79 -34.12
N ASP A 866 -6.97 0.27 -33.34
CA ASP A 866 -5.89 0.76 -32.50
C ASP A 866 -6.46 1.36 -31.23
N HIS A 867 -5.61 1.45 -30.20
CA HIS A 867 -6.07 1.93 -28.91
C HIS A 867 -5.21 3.06 -28.37
N ASP A 868 -3.91 3.04 -28.69
CA ASP A 868 -2.89 3.95 -28.14
C ASP A 868 -2.89 3.87 -26.60
N ALA A 869 -2.45 2.70 -26.12
CA ALA A 869 -2.68 2.26 -24.75
C ALA A 869 -1.99 3.16 -23.73
N ASN A 870 -2.72 3.46 -22.65
CA ASN A 870 -2.26 4.31 -21.58
C ASN A 870 -2.45 3.60 -20.24
N PHE A 871 -1.84 4.16 -19.20
CA PHE A 871 -1.91 3.60 -17.86
C PHE A 871 -2.87 4.36 -16.95
N SER A 872 -3.49 5.44 -17.44
CA SER A 872 -4.39 6.20 -16.59
C SER A 872 -5.77 5.56 -16.49
N SER A 873 -6.25 4.99 -17.60
CA SER A 873 -7.57 4.37 -17.63
C SER A 873 -7.55 2.88 -17.42
N GLU A 874 -6.37 2.27 -17.33
CA GLU A 874 -6.24 0.83 -17.10
C GLU A 874 -5.91 0.50 -15.65
N LEU A 875 -5.78 1.50 -14.78
CA LEU A 875 -5.62 1.26 -13.36
C LEU A 875 -6.86 1.59 -12.55
N LYS A 876 -7.78 2.37 -13.11
CA LYS A 876 -9.07 2.57 -12.45
C LYS A 876 -9.92 1.31 -12.53
N SER A 877 -9.70 0.47 -13.53
CA SER A 877 -10.29 -0.86 -13.55
C SER A 877 -9.52 -1.84 -12.67
N GLY A 878 -8.32 -1.47 -12.23
CA GLY A 878 -7.55 -2.29 -11.32
C GLY A 878 -7.85 -1.98 -9.87
N ALA A 879 -8.41 -0.80 -9.62
CA ALA A 879 -8.80 -0.41 -8.28
C ALA A 879 -10.10 -1.07 -7.83
N ILE A 880 -10.81 -1.72 -8.74
CA ILE A 880 -12.04 -2.42 -8.39
C ILE A 880 -11.76 -3.89 -8.08
N ILE A 881 -10.79 -4.50 -8.77
CA ILE A 881 -10.52 -5.92 -8.58
C ILE A 881 -9.80 -6.19 -7.26
N THR A 882 -9.08 -5.21 -6.70
CA THR A 882 -8.38 -5.44 -5.44
C THR A 882 -9.35 -5.42 -4.25
N THR A 883 -10.47 -4.71 -4.37
CA THR A 883 -11.50 -4.82 -3.35
C THR A 883 -12.24 -6.16 -3.43
N ILE A 884 -12.19 -6.83 -4.59
CA ILE A 884 -12.68 -8.19 -4.70
C ILE A 884 -11.61 -9.18 -4.22
N LEU A 885 -10.35 -8.90 -4.52
CA LEU A 885 -9.28 -9.85 -4.25
C LEU A 885 -8.86 -9.86 -2.79
N SER A 886 -9.04 -8.74 -2.08
CA SER A 886 -8.65 -8.67 -0.67
C SER A 886 -9.78 -9.06 0.29
N GLU A 887 -11.03 -9.08 -0.19
CA GLU A 887 -12.15 -9.46 0.67
C GLU A 887 -12.55 -10.92 0.47
N ASP A 888 -12.51 -11.41 -0.77
CA ASP A 888 -12.92 -12.79 -1.03
C ASP A 888 -11.76 -13.76 -0.83
N LEU A 889 -10.63 -13.51 -1.49
CA LEU A 889 -9.51 -14.44 -1.45
C LEU A 889 -8.72 -14.25 -0.16
N LYS A 890 -8.46 -15.35 0.53
CA LYS A 890 -7.69 -15.35 1.77
C LYS A 890 -6.44 -16.20 1.60
N ASN A 891 -5.58 -16.15 2.63
CA ASN A 891 -4.26 -16.78 2.66
C ASN A 891 -3.39 -16.32 1.48
N THR A 892 -3.12 -15.03 1.46
CA THR A 892 -2.31 -14.40 0.43
C THR A 892 -0.93 -14.07 1.00
N ARG A 893 -0.11 -13.39 0.19
CA ARG A 893 1.28 -13.11 0.55
C ARG A 893 1.40 -11.69 1.09
N ILE A 894 2.23 -11.53 2.11
CA ILE A 894 2.52 -10.24 2.74
C ILE A 894 3.82 -9.70 2.17
N GLU A 895 3.80 -8.46 1.67
CA GLU A 895 4.97 -7.86 1.05
C GLU A 895 5.12 -6.42 1.53
N GLU A 896 6.29 -5.85 1.24
CA GLU A 896 6.58 -4.46 1.57
C GLU A 896 5.98 -3.54 0.52
N LEU A 897 5.67 -2.31 0.93
CA LEU A 897 5.24 -1.29 -0.01
C LEU A 897 6.34 -0.97 -1.02
N LYS A 898 5.93 -0.73 -2.26
CA LYS A 898 6.85 -0.43 -3.33
C LYS A 898 6.48 0.90 -3.98
N SER A 899 7.41 1.45 -4.76
CA SER A 899 7.16 2.70 -5.45
C SER A 899 6.24 2.55 -6.64
N GLY A 900 6.04 1.32 -7.13
CA GLY A 900 5.13 1.11 -8.23
C GLY A 900 3.66 1.21 -7.84
N SER A 901 3.35 0.91 -6.58
CA SER A 901 1.96 0.92 -6.13
C SER A 901 1.56 2.22 -5.46
N LEU A 902 2.51 3.06 -5.06
CA LEU A 902 2.17 4.37 -4.53
C LEU A 902 1.89 5.39 -5.63
N SER A 903 2.36 5.14 -6.85
CA SER A 903 2.07 6.04 -7.96
C SER A 903 0.67 5.86 -8.51
N ALA A 904 -0.05 4.81 -8.11
CA ALA A 904 -1.40 4.56 -8.61
C ALA A 904 -2.49 4.89 -7.59
N VAL A 905 -2.19 4.78 -6.30
CA VAL A 905 -3.21 5.08 -5.28
C VAL A 905 -3.40 6.58 -5.14
N ILE A 906 -2.34 7.36 -5.32
CA ILE A 906 -2.45 8.83 -5.36
C ILE A 906 -3.27 9.27 -6.57
N ASN A 907 -3.23 8.50 -7.67
CA ASN A 907 -4.10 8.78 -8.81
C ASN A 907 -5.55 8.48 -8.49
N THR A 908 -5.83 7.49 -7.65
CA THR A 908 -7.22 7.14 -7.36
C THR A 908 -7.87 8.12 -6.39
N LEU A 909 -7.11 8.67 -5.44
CA LEU A 909 -7.69 9.66 -4.53
C LEU A 909 -7.95 10.99 -5.23
N ASP A 910 -7.06 11.39 -6.14
CA ASP A 910 -7.28 12.64 -6.85
C ASP A 910 -8.26 12.48 -8.01
N ALA A 911 -8.56 11.26 -8.43
CA ALA A 911 -9.66 11.06 -9.38
C ALA A 911 -11.01 11.22 -8.70
N GLU A 912 -11.09 10.95 -7.40
CA GLU A 912 -12.35 11.08 -6.68
C GLU A 912 -12.59 12.52 -6.25
N THR A 913 -11.59 13.18 -5.67
CA THR A 913 -11.75 14.54 -5.17
C THR A 913 -11.83 15.58 -6.27
N GLN A 914 -11.51 15.23 -7.51
CA GLN A 914 -11.79 16.10 -8.65
C GLN A 914 -13.11 15.75 -9.33
N SER A 915 -13.80 14.71 -8.85
CA SER A 915 -15.14 14.41 -9.32
C SER A 915 -16.22 15.02 -8.44
N PHE A 916 -15.89 15.33 -7.18
CA PHE A 916 -16.82 16.00 -6.29
C PHE A 916 -16.82 17.51 -6.47
N LYS A 917 -15.74 18.08 -7.03
CA LYS A 917 -15.62 19.52 -7.21
C LYS A 917 -16.08 19.98 -8.60
N ASN A 918 -15.45 19.46 -9.65
CA ASN A 918 -15.72 19.90 -10.99
C ASN A 918 -17.04 19.32 -11.51
N THR A 919 -17.65 20.03 -12.44
CA THR A 919 -18.91 19.60 -13.04
C THR A 919 -18.66 18.79 -14.30
N ILE A 925 -26.82 15.62 -17.61
CA ILE A 925 -26.85 14.17 -17.49
C ILE A 925 -28.28 13.67 -17.69
N ASP A 926 -28.51 12.41 -17.36
CA ASP A 926 -29.83 11.80 -17.48
C ASP A 926 -30.65 12.13 -16.23
N PHE A 927 -31.77 12.81 -16.43
CA PHE A 927 -32.67 13.13 -15.32
C PHE A 927 -33.33 11.85 -14.83
N TYR A 928 -33.70 11.86 -13.54
CA TYR A 928 -34.21 10.72 -12.75
C TYR A 928 -33.37 9.44 -12.86
N HIS A 929 -32.09 9.54 -13.22
CA HIS A 929 -31.14 8.44 -13.05
C HIS A 929 -29.81 8.87 -12.44
N ASP A 930 -29.33 10.07 -12.77
CA ASP A 930 -28.01 10.52 -12.35
C ASP A 930 -28.01 10.89 -10.87
N PHE A 931 -26.81 10.96 -10.30
CA PHE A 931 -26.63 11.31 -8.90
C PHE A 931 -26.17 12.75 -8.67
N SER A 932 -25.20 13.24 -9.45
CA SER A 932 -24.87 14.66 -9.61
C SER A 932 -24.47 15.33 -8.29
N ILE A 933 -23.31 14.92 -7.78
CA ILE A 933 -22.68 15.63 -6.64
C ILE A 933 -22.50 17.13 -6.87
N PRO A 934 -21.99 17.63 -8.01
CA PRO A 934 -21.91 19.09 -8.16
C PRO A 934 -23.26 19.80 -8.32
N GLU A 935 -24.37 19.07 -8.41
CA GLU A 935 -25.69 19.67 -8.36
C GLU A 935 -26.35 19.52 -7.00
N PHE A 936 -26.11 18.40 -6.31
CA PHE A 936 -26.60 18.20 -4.95
C PHE A 936 -25.90 19.13 -3.96
N GLN A 937 -24.67 19.52 -4.26
CA GLN A 937 -23.93 20.41 -3.37
C GLN A 937 -24.48 21.83 -3.43
N LYS A 938 -24.99 22.25 -4.59
CA LYS A 938 -25.64 23.56 -4.67
C LYS A 938 -26.97 23.56 -3.93
N ALA A 939 -27.68 22.44 -3.96
CA ALA A 939 -28.91 22.32 -3.18
C ALA A 939 -28.61 22.11 -1.71
N GLY A 940 -27.46 21.51 -1.37
CA GLY A 940 -27.11 21.32 0.03
C GLY A 940 -26.74 22.59 0.76
N ASP A 941 -26.37 23.65 0.02
CA ASP A 941 -26.04 24.93 0.63
C ASP A 941 -27.24 25.85 0.68
N ILE A 942 -28.10 25.81 -0.34
CA ILE A 942 -29.22 26.75 -0.43
C ILE A 942 -30.34 26.39 0.55
N ILE A 943 -30.38 25.14 1.03
CA ILE A 943 -31.33 24.75 2.05
C ILE A 943 -30.76 24.97 3.45
N GLU A 944 -29.43 24.82 3.60
CA GLU A 944 -28.78 25.03 4.90
C GLU A 944 -28.85 26.49 5.33
N THR A 945 -28.88 27.42 4.38
CA THR A 945 -29.08 28.82 4.74
C THR A 945 -30.51 29.08 5.18
N VAL A 946 -31.47 28.29 4.71
CA VAL A 946 -32.84 28.39 5.20
C VAL A 946 -32.95 27.77 6.59
N LEU A 947 -32.22 26.67 6.82
CA LEU A 947 -32.22 26.00 8.12
C LEU A 947 -31.63 26.87 9.22
N LYS A 948 -30.66 27.72 8.87
CA LYS A 948 -30.08 28.62 9.87
C LYS A 948 -31.07 29.71 10.28
N SER A 949 -31.89 30.18 9.34
CA SER A 949 -32.87 31.22 9.64
C SER A 949 -34.08 30.70 10.39
N VAL A 950 -34.30 29.39 10.40
CA VAL A 950 -35.40 28.82 11.18
C VAL A 950 -35.05 28.82 12.66
N LEU A 951 -33.83 28.38 13.00
CA LEU A 951 -33.39 28.31 14.39
C LEU A 951 -33.23 29.68 15.02
N LYS A 952 -33.06 30.74 14.21
CA LYS A 952 -33.10 32.09 14.75
C LYS A 952 -34.52 32.49 15.16
N LEU A 953 -35.52 32.06 14.38
CA LEU A 953 -36.91 32.43 14.61
C LEU A 953 -37.74 31.26 15.15
N LEU A 954 -37.15 30.40 15.97
CA LEU A 954 -37.87 29.29 16.57
C LEU A 954 -37.98 29.39 18.08
N LYS A 955 -37.02 30.07 18.74
CA LYS A 955 -36.89 29.98 20.19
C LYS A 955 -37.99 30.74 20.93
N GLN A 956 -38.60 31.74 20.30
CA GLN A 956 -39.71 32.47 20.91
C GLN A 956 -41.06 31.93 20.52
N TRP A 957 -41.19 31.45 19.28
CA TRP A 957 -42.38 30.87 18.63
C TRP A 957 -42.81 29.45 19.00
N PRO A 958 -41.92 28.53 19.52
CA PRO A 958 -41.82 27.13 19.02
C PRO A 958 -43.07 26.38 18.59
N GLU A 959 -44.20 26.60 19.27
CA GLU A 959 -45.40 25.78 19.12
C GLU A 959 -46.11 25.93 17.75
N HIS A 960 -45.60 26.61 16.74
CA HIS A 960 -46.25 26.66 15.44
C HIS A 960 -46.10 25.33 14.70
N ALA A 961 -46.91 25.17 13.66
CA ALA A 961 -46.89 23.95 12.85
C ALA A 961 -46.03 24.09 11.61
N THR A 962 -45.95 25.29 11.01
CA THR A 962 -45.15 25.46 9.81
C THR A 962 -43.66 25.46 10.14
N LEU A 963 -43.27 26.09 11.24
CA LEU A 963 -41.86 26.09 11.64
C LEU A 963 -41.42 24.74 12.19
N LYS A 964 -42.37 23.88 12.57
CA LYS A 964 -42.04 22.52 12.96
C LYS A 964 -42.01 21.57 11.76
N GLU A 965 -42.89 21.78 10.78
CA GLU A 965 -42.99 20.87 9.64
C GLU A 965 -41.77 20.98 8.73
N LEU A 966 -41.43 22.20 8.31
CA LEU A 966 -40.32 22.36 7.38
C LEU A 966 -38.97 22.16 8.05
N TYR A 967 -38.91 22.26 9.38
CA TYR A 967 -37.70 21.87 10.09
C TYR A 967 -37.48 20.37 10.05
N ARG A 968 -38.57 19.60 10.02
CA ARG A 968 -38.45 18.16 9.86
C ARG A 968 -38.09 17.78 8.43
N VAL A 969 -38.62 18.53 7.45
CA VAL A 969 -38.37 18.23 6.05
C VAL A 969 -36.94 18.59 5.66
N SER A 970 -36.45 19.74 6.16
CA SER A 970 -35.09 20.18 5.82
C SER A 970 -34.03 19.27 6.45
N GLN A 971 -34.32 18.66 7.59
CA GLN A 971 -33.44 17.64 8.13
C GLN A 971 -33.49 16.36 7.30
N GLU A 972 -34.64 16.06 6.72
CA GLU A 972 -34.75 14.87 5.88
C GLU A 972 -34.11 15.07 4.51
N PHE A 973 -33.98 16.31 4.05
CA PHE A 973 -33.37 16.56 2.74
C PHE A 973 -31.86 16.41 2.79
N LEU A 974 -31.24 16.82 3.90
CA LEU A 974 -29.79 16.68 4.02
C LEU A 974 -29.35 15.26 4.35
N ASN A 975 -30.30 14.36 4.62
CA ASN A 975 -29.99 12.99 4.97
C ASN A 975 -29.99 12.06 3.76
N TYR A 976 -30.28 12.57 2.57
CA TYR A 976 -30.28 11.74 1.38
C TYR A 976 -28.85 11.41 0.97
N PRO A 977 -28.55 10.13 0.73
CA PRO A 977 -27.21 9.78 0.24
C PRO A 977 -27.03 10.19 -1.20
N ILE A 978 -25.76 10.27 -1.62
CA ILE A 978 -25.50 10.59 -3.02
C ILE A 978 -25.46 9.32 -3.85
N LYS A 979 -26.64 8.76 -4.07
CA LYS A 979 -26.90 7.77 -5.10
C LYS A 979 -28.31 7.98 -5.64
N THR A 980 -29.04 8.96 -5.10
CA THR A 980 -30.43 9.24 -5.40
C THR A 980 -30.57 9.93 -6.75
N PRO A 981 -31.67 9.70 -7.46
CA PRO A 981 -31.92 10.45 -8.69
C PRO A 981 -32.43 11.85 -8.38
N LEU A 982 -32.47 12.68 -9.42
CA LEU A 982 -32.97 14.05 -9.27
C LEU A 982 -34.49 14.12 -9.24
N ALA A 983 -35.20 13.01 -9.46
CA ALA A 983 -36.65 13.02 -9.31
C ALA A 983 -37.06 13.14 -7.85
N ARG A 984 -36.41 12.37 -6.98
CA ARG A 984 -36.72 12.44 -5.55
C ARG A 984 -36.20 13.72 -4.93
N GLN A 985 -35.10 14.26 -5.46
CA GLN A 985 -34.54 15.50 -4.93
C GLN A 985 -35.35 16.72 -5.33
N LEU A 986 -35.97 16.69 -6.53
CA LEU A 986 -36.85 17.77 -6.93
C LEU A 986 -38.15 17.74 -6.15
N GLN A 987 -38.55 16.58 -5.64
CA GLN A 987 -39.76 16.48 -4.84
C GLN A 987 -39.59 17.14 -3.47
N LYS A 988 -38.44 16.92 -2.82
CA LYS A 988 -38.22 17.48 -1.50
C LYS A 988 -37.91 18.97 -1.52
N ILE A 989 -37.50 19.51 -2.67
CA ILE A 989 -37.33 20.95 -2.80
C ILE A 989 -38.62 21.60 -3.27
N GLU A 990 -39.62 20.80 -3.67
CA GLU A 990 -40.94 21.31 -3.99
C GLU A 990 -41.82 21.43 -2.75
N GLN A 991 -41.72 20.47 -1.82
CA GLN A 991 -42.51 20.52 -0.60
C GLN A 991 -42.01 21.62 0.33
N ILE A 992 -40.70 21.88 0.35
CA ILE A 992 -40.15 22.89 1.23
C ILE A 992 -40.40 24.30 0.68
N TYR A 993 -40.77 24.41 -0.59
CA TYR A 993 -41.14 25.71 -1.14
C TYR A 993 -42.56 26.09 -0.75
N THR A 994 -43.47 25.11 -0.62
CA THR A 994 -44.85 25.43 -0.29
C THR A 994 -45.01 25.83 1.17
N TYR A 995 -44.22 25.21 2.06
CA TYR A 995 -44.23 25.62 3.46
C TYR A 995 -43.61 27.00 3.64
N LEU A 996 -42.60 27.31 2.83
CA LEU A 996 -41.96 28.62 2.90
C LEU A 996 -42.85 29.70 2.29
N ALA A 997 -43.73 29.32 1.36
CA ALA A 997 -44.61 30.30 0.74
C ALA A 997 -45.76 30.70 1.66
N GLU A 998 -46.35 29.73 2.36
CA GLU A 998 -47.48 30.04 3.23
C GLU A 998 -47.07 30.72 4.52
N TRP A 999 -45.83 30.52 4.98
CA TRP A 999 -45.36 31.21 6.17
C TRP A 999 -45.00 32.65 5.88
N GLU A 1000 -44.71 32.99 4.63
CA GLU A 1000 -44.45 34.38 4.27
C GLU A 1000 -45.73 35.20 4.26
N LYS A 1001 -46.87 34.55 4.05
CA LYS A 1001 -48.14 35.28 3.93
C LYS A 1001 -48.72 35.62 5.29
N TYR A 1002 -48.78 34.65 6.21
CA TYR A 1002 -49.41 34.88 7.51
C TYR A 1002 -48.56 35.74 8.43
N ALA A 1003 -47.23 35.68 8.31
CA ALA A 1003 -46.35 36.40 9.22
C ALA A 1003 -46.28 37.87 8.83
N SER A 1004 -45.55 38.64 9.63
CA SER A 1004 -45.47 40.09 9.46
C SER A 1004 -44.42 40.43 8.42
N SER A 1005 -44.09 41.72 8.31
CA SER A 1005 -43.12 42.21 7.33
C SER A 1005 -41.70 42.24 7.86
N GLU A 1006 -41.47 41.82 9.11
CA GLU A 1006 -40.14 41.75 9.69
C GLU A 1006 -39.44 40.43 9.40
N VAL A 1007 -39.97 39.61 8.49
CA VAL A 1007 -39.39 38.31 8.19
C VAL A 1007 -38.13 38.47 7.34
N SER A 1008 -38.24 39.26 6.26
CA SER A 1008 -37.13 39.63 5.36
C SER A 1008 -36.48 38.39 4.72
N LEU A 1009 -37.30 37.41 4.36
CA LEU A 1009 -36.83 36.23 3.63
C LEU A 1009 -37.20 36.28 2.16
N ASN A 1010 -37.22 37.47 1.55
CA ASN A 1010 -37.36 37.58 0.11
C ASN A 1010 -36.11 37.06 -0.60
N ASN A 1011 -34.96 37.16 0.06
CA ASN A 1011 -33.70 36.69 -0.51
C ASN A 1011 -33.61 35.17 -0.60
N THR A 1012 -34.41 34.45 0.19
CA THR A 1012 -34.39 33.00 0.17
C THR A 1012 -35.45 32.39 -0.73
N VAL A 1013 -36.62 33.02 -0.88
CA VAL A 1013 -37.65 32.49 -1.76
C VAL A 1013 -37.23 32.66 -3.22
N LYS A 1014 -36.55 33.77 -3.53
CA LYS A 1014 -36.10 34.02 -4.90
C LYS A 1014 -35.00 33.06 -5.33
N LEU A 1015 -34.15 32.63 -4.40
CA LEU A 1015 -33.08 31.69 -4.74
C LEU A 1015 -33.60 30.26 -4.90
N ILE A 1016 -34.61 29.87 -4.12
CA ILE A 1016 -35.21 28.55 -4.30
C ILE A 1016 -36.00 28.48 -5.61
N THR A 1017 -36.66 29.58 -5.98
CA THR A 1017 -37.45 29.63 -7.20
C THR A 1017 -36.58 29.47 -8.45
N ASP A 1018 -35.43 30.15 -8.49
CA ASP A 1018 -34.56 30.06 -9.65
C ASP A 1018 -33.83 28.72 -9.73
N LEU A 1019 -33.74 27.97 -8.62
CA LEU A 1019 -33.11 26.66 -8.68
C LEU A 1019 -34.07 25.62 -9.24
N ILE A 1020 -35.37 25.71 -8.90
CA ILE A 1020 -36.36 24.78 -9.42
C ILE A 1020 -36.57 25.01 -10.92
N VAL A 1021 -36.49 26.27 -11.35
CA VAL A 1021 -36.52 26.58 -12.78
C VAL A 1021 -35.27 26.01 -13.46
N SER A 1022 -34.13 26.05 -12.78
CA SER A 1022 -32.89 25.52 -13.32
C SER A 1022 -32.88 24.00 -13.40
N TRP A 1023 -33.71 23.32 -12.60
CA TRP A 1023 -33.79 21.86 -12.70
C TRP A 1023 -34.84 21.38 -13.67
N ARG A 1024 -35.75 22.25 -14.11
CA ARG A 1024 -36.69 21.87 -15.16
C ARG A 1024 -36.05 21.92 -16.56
N LYS A 1025 -34.99 22.71 -16.72
CA LYS A 1025 -34.31 22.78 -18.02
C LYS A 1025 -33.53 21.50 -18.30
N LEU A 1026 -33.01 20.85 -17.26
CA LEU A 1026 -32.32 19.58 -17.46
C LEU A 1026 -33.32 18.46 -17.74
N GLU A 1027 -34.56 18.61 -17.27
CA GLU A 1027 -35.59 17.63 -17.59
C GLU A 1027 -36.01 17.73 -19.06
N LEU A 1028 -36.03 18.94 -19.61
CA LEU A 1028 -36.40 19.14 -21.00
C LEU A 1028 -35.34 18.60 -21.97
N ARG A 1029 -34.09 18.48 -21.52
CA ARG A 1029 -33.05 17.90 -22.36
C ARG A 1029 -33.18 16.39 -22.49
N THR A 1030 -33.79 15.73 -21.51
CA THR A 1030 -34.04 14.30 -21.62
C THR A 1030 -35.27 13.99 -22.46
N TRP A 1031 -36.21 14.93 -22.57
CA TRP A 1031 -37.32 14.78 -23.50
C TRP A 1031 -36.94 15.06 -24.93
N LYS A 1032 -35.83 15.78 -25.14
CA LYS A 1032 -35.41 16.13 -26.50
C LYS A 1032 -34.90 14.90 -27.25
N GLY A 1033 -33.84 14.27 -26.74
CA GLY A 1033 -33.35 13.07 -27.38
C GLY A 1033 -34.26 11.87 -27.16
N LEU A 1034 -34.24 11.30 -25.95
CA LEU A 1034 -35.18 10.31 -25.43
C LEU A 1034 -35.16 8.96 -26.15
N PHE A 1035 -34.43 8.84 -27.27
CA PHE A 1035 -34.32 7.59 -28.01
C PHE A 1035 -32.95 6.96 -27.88
N ASN A 1036 -31.95 7.69 -27.37
CA ASN A 1036 -30.64 7.10 -27.13
C ASN A 1036 -30.69 6.11 -25.98
N SER A 1037 -31.58 6.32 -25.01
CA SER A 1037 -31.79 5.34 -23.95
C SER A 1037 -32.62 4.16 -24.45
N GLU A 1038 -33.52 4.40 -25.40
CA GLU A 1038 -34.32 3.31 -25.95
C GLU A 1038 -33.48 2.42 -26.86
N ASP A 1039 -32.52 2.99 -27.58
CA ASP A 1039 -31.61 2.19 -28.40
C ASP A 1039 -30.57 1.45 -27.55
N ALA A 1040 -30.39 1.85 -26.30
CA ALA A 1040 -29.49 1.14 -25.40
C ALA A 1040 -30.16 0.00 -24.67
N LYS A 1041 -31.47 0.11 -24.40
CA LYS A 1041 -32.17 -0.99 -23.72
C LYS A 1041 -32.41 -2.16 -24.66
N THR A 1042 -32.47 -1.92 -25.97
CA THR A 1042 -32.48 -3.01 -26.93
C THR A 1042 -31.07 -3.49 -27.26
N ARG A 1043 -30.05 -2.74 -26.84
CA ARG A 1043 -28.68 -3.20 -26.95
C ARG A 1043 -28.30 -4.12 -25.80
N LYS A 1044 -29.06 -4.11 -24.71
CA LYS A 1044 -28.74 -4.93 -23.54
C LYS A 1044 -29.07 -6.41 -23.73
N SER A 1045 -29.58 -6.80 -24.89
CA SER A 1045 -29.80 -8.20 -25.23
C SER A 1045 -28.58 -8.86 -25.86
N ILE A 1046 -27.44 -8.17 -25.86
CA ILE A 1046 -26.19 -8.75 -26.35
C ILE A 1046 -25.70 -9.87 -25.42
N GLY A 1047 -25.95 -9.73 -24.12
CA GLY A 1047 -25.38 -10.62 -23.12
C GLY A 1047 -25.87 -12.05 -23.17
N LYS A 1048 -27.02 -12.31 -23.79
CA LYS A 1048 -27.50 -13.67 -23.99
C LYS A 1048 -27.30 -14.17 -25.41
N TRP A 1049 -26.79 -13.32 -26.30
CA TRP A 1049 -26.44 -13.72 -27.65
C TRP A 1049 -25.04 -14.28 -27.76
N TRP A 1050 -24.14 -13.86 -26.86
CA TRP A 1050 -22.74 -14.26 -26.95
C TRP A 1050 -22.55 -15.74 -26.64
N PHE A 1051 -23.32 -16.25 -25.68
CA PHE A 1051 -23.23 -17.66 -25.32
C PHE A 1051 -23.90 -18.57 -26.34
N TYR A 1052 -24.81 -18.03 -27.16
CA TYR A 1052 -25.48 -18.86 -28.16
C TYR A 1052 -24.58 -19.12 -29.35
N LEU A 1053 -23.76 -18.14 -29.75
CA LEU A 1053 -22.86 -18.35 -30.88
C LEU A 1053 -21.58 -19.07 -30.48
N TYR A 1054 -21.23 -19.05 -29.20
CA TYR A 1054 -20.01 -19.71 -28.75
C TYR A 1054 -20.15 -21.22 -28.72
N GLU A 1055 -21.37 -21.74 -28.68
CA GLU A 1055 -21.57 -23.19 -28.63
C GLU A 1055 -21.52 -23.81 -30.01
N SER A 1056 -21.85 -23.06 -31.05
CA SER A 1056 -21.89 -23.58 -32.41
C SER A 1056 -20.64 -23.29 -33.21
N ILE A 1057 -19.90 -22.22 -32.88
CA ILE A 1057 -18.76 -21.81 -33.68
C ILE A 1057 -17.46 -22.35 -33.08
N VAL A 1058 -17.20 -22.03 -31.81
CA VAL A 1058 -15.88 -22.31 -31.23
C VAL A 1058 -15.75 -23.77 -30.80
N ILE A 1059 -16.84 -24.37 -30.31
CA ILE A 1059 -16.78 -25.78 -29.93
C ILE A 1059 -16.68 -26.68 -31.15
N SER A 1060 -17.29 -26.29 -32.28
CA SER A 1060 -17.06 -26.99 -33.54
C SER A 1060 -15.62 -26.79 -34.02
N ASN A 1061 -15.03 -25.63 -33.73
CA ASN A 1061 -13.60 -25.44 -33.98
C ASN A 1061 -12.75 -26.23 -33.01
N PHE A 1062 -13.24 -26.44 -31.79
CA PHE A 1062 -12.51 -27.14 -30.73
C PHE A 1062 -12.38 -28.63 -31.02
N ASN A 1072 -20.66 -30.72 -40.57
CA ASN A 1072 -19.99 -29.64 -39.83
C ASN A 1072 -20.33 -28.30 -40.47
N ALA A 1073 -20.08 -28.17 -41.77
CA ALA A 1073 -20.31 -26.90 -42.46
C ALA A 1073 -21.79 -26.61 -42.63
N THR A 1074 -22.58 -27.61 -43.02
CA THR A 1074 -24.01 -27.43 -43.17
C THR A 1074 -24.72 -27.32 -41.82
N LEU A 1075 -24.12 -27.86 -40.76
CA LEU A 1075 -24.71 -27.75 -39.43
C LEU A 1075 -24.51 -26.36 -38.83
N LEU A 1076 -23.46 -25.65 -39.25
CA LEU A 1076 -23.20 -24.32 -38.71
C LEU A 1076 -24.13 -23.27 -39.32
N VAL A 1077 -24.34 -23.34 -40.64
CA VAL A 1077 -25.15 -22.33 -41.33
C VAL A 1077 -26.61 -22.43 -40.90
N SER A 1078 -27.15 -23.65 -40.79
CA SER A 1078 -28.50 -23.85 -40.29
C SER A 1078 -28.63 -23.47 -38.83
N SER A 1079 -27.53 -23.50 -38.06
CA SER A 1079 -27.53 -22.96 -36.72
C SER A 1079 -27.31 -21.45 -36.70
N LEU A 1080 -26.86 -20.88 -37.82
CA LEU A 1080 -26.66 -19.44 -37.92
C LEU A 1080 -27.73 -18.75 -38.75
N ASN A 1081 -28.42 -19.49 -39.61
CA ASN A 1081 -29.57 -18.92 -40.34
C ASN A 1081 -30.71 -18.61 -39.39
N LEU A 1082 -30.86 -19.37 -38.31
CA LEU A 1082 -31.86 -19.07 -37.29
C LEU A 1082 -31.48 -17.86 -36.45
N PHE A 1083 -30.21 -17.46 -36.45
CA PHE A 1083 -29.77 -16.33 -35.66
C PHE A 1083 -30.19 -15.00 -36.29
N PHE A 1084 -30.27 -14.95 -37.61
CA PHE A 1084 -30.63 -13.72 -38.31
C PHE A 1084 -32.08 -13.69 -38.78
N SER A 1085 -32.67 -14.84 -39.07
CA SER A 1085 -34.05 -14.85 -39.57
C SER A 1085 -35.05 -14.62 -38.45
N LYS A 1086 -34.89 -15.29 -37.32
CA LYS A 1086 -35.76 -15.12 -36.16
C LYS A 1086 -35.24 -13.94 -35.33
N SER A 1087 -35.36 -12.75 -35.90
CA SER A 1087 -34.80 -11.55 -35.31
C SER A 1087 -35.76 -10.39 -35.49
N THR A 1088 -35.44 -9.27 -34.86
CA THR A 1088 -36.24 -8.07 -34.92
C THR A 1088 -35.58 -7.07 -35.87
N LEU A 1089 -36.14 -5.86 -35.94
CA LEU A 1089 -35.61 -4.81 -36.81
C LEU A 1089 -34.67 -3.86 -36.10
N GLY A 1090 -34.91 -3.56 -34.83
CA GLY A 1090 -34.02 -2.66 -34.11
C GLY A 1090 -32.79 -3.34 -33.57
N GLU A 1091 -32.88 -4.63 -33.28
CA GLU A 1091 -31.75 -5.43 -32.80
C GLU A 1091 -31.11 -6.24 -33.91
N PHE A 1092 -31.06 -5.68 -35.12
CA PHE A 1092 -30.42 -6.34 -36.26
C PHE A 1092 -29.00 -5.86 -36.49
N ASN A 1093 -28.73 -4.58 -36.23
CA ASN A 1093 -27.36 -4.08 -36.37
C ASN A 1093 -26.47 -4.57 -35.25
N ALA A 1094 -27.03 -4.87 -34.08
CA ALA A 1094 -26.24 -5.44 -32.99
C ALA A 1094 -25.92 -6.90 -33.21
N ARG A 1095 -26.57 -7.56 -34.17
CA ARG A 1095 -26.20 -8.92 -34.52
C ARG A 1095 -25.05 -8.96 -35.51
N LEU A 1096 -25.05 -8.06 -36.49
CA LEU A 1096 -23.94 -7.96 -37.42
C LEU A 1096 -22.70 -7.36 -36.78
N ASP A 1097 -22.85 -6.63 -35.68
CA ASP A 1097 -21.71 -6.08 -34.96
C ASP A 1097 -21.11 -7.08 -33.99
N LEU A 1098 -21.66 -8.29 -33.91
CA LEU A 1098 -21.15 -9.33 -33.02
C LEU A 1098 -20.68 -10.58 -33.74
N VAL A 1099 -21.27 -10.92 -34.89
CA VAL A 1099 -20.75 -12.05 -35.66
C VAL A 1099 -19.41 -11.67 -36.29
N LYS A 1100 -19.22 -10.38 -36.58
CA LYS A 1100 -17.89 -9.89 -36.98
C LYS A 1100 -16.88 -10.01 -35.85
N ALA A 1101 -17.33 -9.97 -34.59
CA ALA A 1101 -16.43 -10.15 -33.47
C ALA A 1101 -16.00 -11.60 -33.28
N PHE A 1102 -16.73 -12.55 -33.88
CA PHE A 1102 -16.24 -13.93 -33.97
C PHE A 1102 -15.49 -14.22 -35.25
N TYR A 1103 -15.64 -13.38 -36.27
CA TYR A 1103 -14.86 -13.57 -37.49
C TYR A 1103 -13.41 -13.13 -37.28
N LYS A 1104 -13.19 -12.08 -36.50
CA LYS A 1104 -11.84 -11.68 -36.15
C LYS A 1104 -11.26 -12.52 -35.01
N HIS A 1105 -12.07 -13.35 -34.37
CA HIS A 1105 -11.59 -14.28 -33.36
C HIS A 1105 -10.89 -15.49 -33.97
N ILE A 1106 -11.16 -15.79 -35.24
CA ILE A 1106 -10.61 -16.97 -35.88
C ILE A 1106 -9.38 -16.56 -36.70
N GLN A 1107 -9.40 -15.35 -37.26
CA GLN A 1107 -8.19 -14.81 -37.87
C GLN A 1107 -7.13 -14.48 -36.83
N LEU A 1108 -7.51 -14.28 -35.57
CA LEU A 1108 -6.52 -14.14 -34.50
C LEU A 1108 -5.85 -15.46 -34.18
N ILE A 1109 -6.56 -16.57 -34.35
CA ILE A 1109 -5.96 -17.89 -34.14
C ILE A 1109 -4.97 -18.21 -35.24
N GLY A 1110 -5.37 -18.01 -36.50
CA GLY A 1110 -4.49 -18.18 -37.63
C GLY A 1110 -4.94 -19.31 -38.52
N LEU A 1111 -3.96 -19.95 -39.18
CA LEU A 1111 -4.24 -21.04 -40.10
C LEU A 1111 -4.14 -22.35 -39.33
N ARG A 1112 -5.19 -22.63 -38.57
CA ARG A 1112 -5.41 -23.93 -37.95
C ARG A 1112 -6.71 -24.56 -38.41
N SER A 1113 -7.77 -23.77 -38.54
CA SER A 1113 -9.03 -24.20 -39.15
C SER A 1113 -9.46 -23.08 -40.09
N SER A 1114 -9.02 -23.15 -41.34
CA SER A 1114 -9.35 -22.13 -42.32
C SER A 1114 -10.74 -22.31 -42.92
N LYS A 1115 -11.36 -23.48 -42.76
CA LYS A 1115 -12.71 -23.67 -43.26
C LYS A 1115 -13.72 -22.90 -42.41
N ILE A 1116 -13.53 -22.88 -41.10
CA ILE A 1116 -14.50 -22.25 -40.20
C ILE A 1116 -14.45 -20.72 -40.29
N ALA A 1117 -13.40 -20.16 -40.88
CA ALA A 1117 -13.39 -18.75 -41.24
C ALA A 1117 -14.00 -18.50 -42.62
N GLY A 1118 -14.30 -19.57 -43.37
CA GLY A 1118 -14.96 -19.43 -44.65
C GLY A 1118 -16.46 -19.60 -44.54
N LEU A 1119 -16.90 -20.36 -43.54
CA LEU A 1119 -18.33 -20.48 -43.28
C LEU A 1119 -18.90 -19.20 -42.69
N LEU A 1120 -18.06 -18.39 -42.04
CA LEU A 1120 -18.53 -17.19 -41.37
C LEU A 1120 -18.33 -15.91 -42.18
N HIS A 1121 -17.49 -15.93 -43.22
CA HIS A 1121 -17.35 -14.71 -44.01
C HIS A 1121 -18.47 -14.56 -45.02
N ASN A 1122 -19.00 -15.67 -45.54
CA ASN A 1122 -20.08 -15.60 -46.50
C ASN A 1122 -21.39 -15.18 -45.85
N THR A 1123 -21.66 -15.68 -44.64
CA THR A 1123 -22.91 -15.38 -43.96
C THR A 1123 -22.97 -13.96 -43.43
N ILE A 1124 -21.82 -13.31 -43.22
CA ILE A 1124 -21.85 -11.91 -42.84
C ILE A 1124 -22.20 -11.04 -44.04
N LYS A 1125 -21.56 -11.29 -45.18
CA LYS A 1125 -21.79 -10.46 -46.37
C LYS A 1125 -23.17 -10.70 -46.96
N PHE A 1126 -23.72 -11.90 -46.81
CA PHE A 1126 -25.04 -12.18 -47.34
C PHE A 1126 -26.14 -11.47 -46.55
N TYR A 1127 -25.95 -11.28 -45.25
CA TYR A 1127 -26.91 -10.53 -44.45
C TYR A 1127 -26.49 -9.09 -44.22
N TYR A 1128 -25.31 -8.69 -44.68
CA TYR A 1128 -24.98 -7.27 -44.79
C TYR A 1128 -25.67 -6.64 -45.99
N GLN A 1129 -26.14 -7.48 -46.92
CA GLN A 1129 -26.76 -7.04 -48.15
C GLN A 1129 -28.13 -6.40 -47.90
N PHE A 1130 -28.80 -6.79 -46.83
CA PHE A 1130 -30.15 -6.30 -46.53
C PHE A 1130 -30.15 -5.09 -45.60
N LYS A 1131 -28.99 -4.65 -45.12
CA LYS A 1131 -28.93 -3.58 -44.12
C LYS A 1131 -29.39 -2.20 -44.63
N PRO A 1132 -29.12 -1.74 -45.88
CA PRO A 1132 -29.73 -0.47 -46.32
C PRO A 1132 -31.24 -0.51 -46.47
N LEU A 1133 -31.87 -1.69 -46.57
CA LEU A 1133 -33.33 -1.74 -46.57
C LEU A 1133 -33.88 -1.58 -45.16
N ILE A 1134 -33.23 -2.21 -44.16
CA ILE A 1134 -33.69 -2.11 -42.79
C ILE A 1134 -33.38 -0.74 -42.20
N ASP A 1135 -32.24 -0.15 -42.60
CA ASP A 1135 -31.92 1.20 -42.15
C ASP A 1135 -32.85 2.24 -42.77
N GLU A 1136 -33.40 1.94 -43.94
CA GLU A 1136 -34.38 2.85 -44.55
C GLU A 1136 -35.73 2.78 -43.85
N ARG A 1137 -36.08 1.61 -43.31
CA ARG A 1137 -37.40 1.45 -42.69
C ARG A 1137 -37.47 2.16 -41.34
N ILE A 1138 -36.34 2.34 -40.66
CA ILE A 1138 -36.34 2.99 -39.35
C ILE A 1138 -36.25 4.51 -39.49
N THR A 1139 -35.36 5.00 -40.36
CA THR A 1139 -35.06 6.43 -40.40
C THR A 1139 -36.16 7.27 -41.05
N ASN A 1140 -37.15 6.65 -41.69
CA ASN A 1140 -38.31 7.42 -42.13
C ASN A 1140 -39.48 7.32 -41.15
N GLY A 1141 -39.57 6.21 -40.42
CA GLY A 1141 -40.58 6.10 -39.38
C GLY A 1141 -40.27 6.97 -38.16
N LYS A 1142 -38.99 7.26 -37.93
CA LYS A 1142 -38.61 8.16 -36.86
C LYS A 1142 -38.93 9.61 -37.19
N LYS A 1143 -39.12 9.94 -38.47
CA LYS A 1143 -39.51 11.30 -38.83
C LYS A 1143 -40.95 11.60 -38.46
N SER A 1144 -41.80 10.59 -38.33
CA SER A 1144 -43.17 10.80 -37.87
C SER A 1144 -43.23 11.02 -36.37
N LEU A 1145 -42.29 10.46 -35.61
CA LEU A 1145 -42.32 10.55 -34.16
C LEU A 1145 -41.43 11.65 -33.59
N GLU A 1146 -40.43 12.12 -34.35
CA GLU A 1146 -39.57 13.18 -33.85
C GLU A 1146 -40.29 14.52 -33.87
N LYS A 1147 -41.15 14.75 -34.86
CA LYS A 1147 -41.90 16.00 -34.92
C LYS A 1147 -42.97 16.06 -33.85
N GLU A 1148 -43.54 14.91 -33.48
CA GLU A 1148 -44.57 14.87 -32.45
C GLU A 1148 -44.01 15.17 -31.06
N ILE A 1149 -42.78 14.72 -30.79
CA ILE A 1149 -42.15 15.06 -29.51
C ILE A 1149 -41.67 16.51 -29.53
N ASP A 1150 -41.22 17.01 -30.68
CA ASP A 1150 -40.74 18.39 -30.77
C ASP A 1150 -41.88 19.40 -30.64
N ASP A 1151 -43.13 18.99 -30.85
CA ASP A 1151 -44.26 19.87 -30.63
C ASP A 1151 -44.61 20.00 -29.15
N ILE A 1152 -44.52 18.91 -28.40
CA ILE A 1152 -44.94 18.94 -27.00
C ILE A 1152 -43.89 19.59 -26.11
N ILE A 1153 -42.64 19.67 -26.56
CA ILE A 1153 -41.62 20.36 -25.78
C ILE A 1153 -41.75 21.86 -25.93
N LEU A 1154 -42.13 22.33 -27.13
CA LEU A 1154 -42.33 23.76 -27.35
C LEU A 1154 -43.56 24.30 -26.64
N LEU A 1155 -44.52 23.43 -26.28
CA LEU A 1155 -45.68 23.88 -25.52
C LEU A 1155 -45.30 24.17 -24.07
N ALA A 1156 -44.51 23.29 -23.45
CA ALA A 1156 -44.13 23.44 -22.05
C ALA A 1156 -43.04 24.49 -21.94
N SER A 1157 -43.48 25.75 -21.90
CA SER A 1157 -42.60 26.89 -21.69
C SER A 1157 -43.27 27.85 -20.74
N TRP A 1158 -42.45 28.52 -19.92
CA TRP A 1158 -42.97 29.34 -18.83
C TRP A 1158 -42.80 30.82 -19.11
N LYS A 1159 -43.81 31.60 -18.74
CA LYS A 1159 -43.77 33.04 -18.66
C LYS A 1159 -44.50 33.43 -17.39
N ASP A 1160 -43.86 34.25 -16.53
CA ASP A 1160 -44.35 34.59 -15.19
C ASP A 1160 -44.56 33.31 -14.37
N VAL A 1161 -43.42 32.71 -14.02
CA VAL A 1161 -43.16 31.27 -13.84
C VAL A 1161 -44.26 30.48 -13.16
N ASN A 1162 -44.67 30.90 -11.95
CA ASN A 1162 -45.77 30.31 -11.18
C ASN A 1162 -45.53 28.82 -10.90
N VAL A 1163 -44.54 28.58 -10.03
CA VAL A 1163 -43.94 27.27 -9.77
C VAL A 1163 -44.97 26.18 -9.43
N ASP A 1164 -46.10 26.57 -8.82
CA ASP A 1164 -47.19 25.62 -8.57
C ASP A 1164 -47.80 25.11 -9.87
N ALA A 1165 -47.87 25.94 -10.90
CA ALA A 1165 -48.41 25.52 -12.19
C ALA A 1165 -47.43 24.69 -13.01
N LEU A 1166 -46.16 24.62 -12.61
CA LEU A 1166 -45.19 23.83 -13.35
C LEU A 1166 -45.36 22.34 -13.10
N LYS A 1167 -45.81 21.96 -11.89
CA LYS A 1167 -45.96 20.54 -11.58
C LYS A 1167 -47.18 19.95 -12.28
N GLN A 1168 -48.25 20.74 -12.43
CA GLN A 1168 -49.43 20.25 -13.13
C GLN A 1168 -49.22 20.16 -14.63
N SER A 1169 -48.28 20.92 -15.19
CA SER A 1169 -47.92 20.78 -16.60
C SER A 1169 -46.96 19.64 -16.85
N SER A 1170 -46.45 18.99 -15.81
CA SER A 1170 -45.54 17.87 -15.99
C SER A 1170 -46.28 16.55 -16.18
N ARG A 1171 -47.26 16.29 -15.31
CA ARG A 1171 -47.98 15.01 -15.34
C ARG A 1171 -48.80 14.85 -16.60
N LYS A 1172 -49.31 15.95 -17.17
CA LYS A 1172 -49.95 15.90 -18.48
C LYS A 1172 -48.95 15.56 -19.57
N SER A 1173 -47.71 16.02 -19.43
CA SER A 1173 -46.68 15.73 -20.43
C SER A 1173 -46.16 14.31 -20.31
N HIS A 1174 -46.12 13.73 -19.11
CA HIS A 1174 -45.65 12.36 -18.96
C HIS A 1174 -46.64 11.34 -19.48
N ASN A 1175 -47.91 11.70 -19.60
CA ASN A 1175 -48.91 10.74 -20.07
C ASN A 1175 -48.85 10.59 -21.59
N ASN A 1176 -48.56 11.67 -22.31
CA ASN A 1176 -48.51 11.61 -23.77
C ASN A 1176 -47.23 10.96 -24.27
N LEU A 1177 -46.11 11.12 -23.55
CA LEU A 1177 -44.83 10.61 -24.00
C LEU A 1177 -44.70 9.10 -23.87
N TYR A 1178 -45.58 8.43 -23.12
CA TYR A 1178 -45.47 6.98 -23.00
C TYR A 1178 -45.97 6.27 -24.25
N LYS A 1179 -46.97 6.85 -24.93
CA LYS A 1179 -47.50 6.19 -26.12
C LYS A 1179 -46.54 6.30 -27.30
N ILE A 1180 -45.79 7.41 -27.39
CA ILE A 1180 -44.83 7.59 -28.47
C ILE A 1180 -43.66 6.62 -28.32
N VAL A 1181 -43.24 6.36 -27.08
CA VAL A 1181 -42.25 5.31 -26.82
C VAL A 1181 -42.85 3.94 -27.12
N ARG A 1182 -44.14 3.76 -26.82
CA ARG A 1182 -44.81 2.49 -27.11
C ARG A 1182 -44.98 2.29 -28.61
N LYS A 1183 -45.21 3.37 -29.36
CA LYS A 1183 -45.26 3.25 -30.81
C LYS A 1183 -43.87 3.07 -31.41
N TYR A 1184 -42.84 3.60 -30.75
CA TYR A 1184 -41.48 3.44 -31.25
C TYR A 1184 -40.98 2.01 -31.03
N ARG A 1185 -41.50 1.32 -30.02
CA ARG A 1185 -41.15 -0.08 -29.82
C ARG A 1185 -41.82 -1.01 -30.82
N ASP A 1186 -42.77 -0.51 -31.61
CA ASP A 1186 -43.35 -1.33 -32.67
C ASP A 1186 -42.47 -1.38 -33.90
N LEU A 1187 -41.68 -0.32 -34.16
CA LEU A 1187 -40.75 -0.35 -35.27
C LEU A 1187 -39.53 -1.22 -34.95
N LEU A 1188 -39.07 -1.21 -33.70
CA LEU A 1188 -37.88 -1.98 -33.36
C LEU A 1188 -38.21 -3.46 -33.24
N ASN A 1189 -39.32 -3.81 -32.59
CA ASN A 1189 -39.65 -5.20 -32.33
C ASN A 1189 -40.48 -5.84 -33.44
N GLY A 1190 -40.63 -5.18 -34.57
CA GLY A 1190 -41.24 -5.82 -35.73
C GLY A 1190 -40.35 -6.90 -36.29
N ASP A 1191 -40.97 -7.86 -36.97
CA ASP A 1191 -40.24 -9.00 -37.50
C ASP A 1191 -39.36 -8.59 -38.68
N ALA A 1192 -38.22 -9.27 -38.80
CA ALA A 1192 -37.27 -9.06 -39.88
C ALA A 1192 -37.27 -10.21 -40.88
N LYS A 1193 -38.13 -11.21 -40.69
CA LYS A 1193 -38.23 -12.30 -41.64
C LYS A 1193 -38.97 -11.88 -42.90
N THR A 1194 -39.78 -10.82 -42.84
CA THR A 1194 -40.54 -10.38 -44.00
C THR A 1194 -39.65 -9.73 -45.05
N ILE A 1195 -38.61 -9.02 -44.63
CA ILE A 1195 -37.72 -8.34 -45.59
C ILE A 1195 -36.82 -9.36 -46.27
N ILE A 1196 -36.38 -10.38 -45.54
CA ILE A 1196 -35.51 -11.42 -46.10
C ILE A 1196 -36.26 -12.25 -47.14
N GLU A 1197 -37.51 -12.61 -46.85
CA GLU A 1197 -38.30 -13.40 -47.79
C GLU A 1197 -38.85 -12.60 -48.95
N ALA A 1198 -38.78 -11.26 -48.90
CA ALA A 1198 -39.29 -10.45 -49.99
C ALA A 1198 -38.27 -10.24 -51.10
N GLY A 1199 -36.98 -10.39 -50.80
CA GLY A 1199 -35.94 -10.18 -51.80
C GLY A 1199 -35.63 -8.71 -52.00
N LEU A 1200 -34.68 -8.47 -52.89
CA LEU A 1200 -34.25 -7.12 -53.20
C LEU A 1200 -35.11 -6.51 -54.31
N LEU A 1201 -34.96 -5.20 -54.49
CA LEU A 1201 -35.73 -4.49 -55.52
C LEU A 1201 -35.16 -4.77 -56.91
N TYR A 1202 -33.92 -4.38 -57.15
CA TYR A 1202 -33.26 -4.63 -58.43
C TYR A 1202 -31.74 -4.58 -58.26
N UNK A 1203 -26.85 1.49 -62.35
CA UNK A 1203 -27.49 0.28 -61.86
C UNK A 1203 -26.58 -0.93 -62.06
N UNK A 1204 -25.29 -0.72 -61.91
CA UNK A 1204 -24.31 -1.79 -62.10
C UNK A 1204 -23.07 -1.55 -61.26
N UNK A 1205 -19.45 -1.33 -60.92
CA UNK A 1205 -18.76 -0.91 -59.70
C UNK A 1205 -17.27 -0.71 -59.96
N UNK A 1206 -16.61 0.01 -59.06
CA UNK A 1206 -15.18 0.25 -59.17
C UNK A 1206 -14.39 -0.95 -58.65
N UNK A 1207 -13.07 -0.89 -58.84
CA UNK A 1207 -12.18 -1.94 -58.38
C UNK A 1207 -10.91 -1.31 -57.82
N UNK A 1208 -9.99 -2.15 -57.37
CA UNK A 1208 -8.73 -1.65 -56.82
C UNK A 1208 -7.77 -1.17 -57.90
N UNK A 1209 -7.87 -1.73 -59.11
CA UNK A 1209 -7.06 -1.38 -60.28
C UNK A 1209 -5.57 -1.52 -60.01
N UNK A 1210 -5.16 -2.76 -59.74
CA UNK A 1210 -3.76 -3.06 -59.46
C UNK A 1210 -2.93 -2.96 -60.73
N UNK A 1211 -1.99 -2.01 -60.76
CA UNK A 1211 -1.13 -1.80 -61.92
C UNK A 1211 0.16 -1.15 -61.45
N UNK A 1212 1.25 -1.94 -61.40
CA UNK A 1212 2.55 -1.41 -61.01
C UNK A 1212 3.62 -2.31 -61.63
N UNK A 1213 4.23 -1.84 -62.72
CA UNK A 1213 5.18 -2.65 -63.47
C UNK A 1213 6.60 -2.11 -63.44
N UNK A 1214 6.82 -0.86 -63.85
CA UNK A 1214 8.15 -0.33 -64.07
C UNK A 1214 8.73 0.36 -62.85
N UNK A 1215 8.32 -0.04 -61.64
CA UNK A 1215 8.85 0.60 -60.43
C UNK A 1215 10.25 0.11 -60.11
N UNK A 1216 10.53 -1.17 -60.33
CA UNK A 1216 11.82 -1.76 -60.00
C UNK A 1216 12.56 -2.27 -61.23
N UNK A 1217 12.11 -1.90 -62.43
CA UNK A 1217 12.83 -2.31 -63.63
C UNK A 1217 14.13 -1.55 -63.79
N UNK A 1218 14.18 -0.31 -63.31
CA UNK A 1218 15.38 0.50 -63.38
C UNK A 1218 15.50 1.41 -62.16
N UNK A 1219 22.44 -0.70 -61.16
CA UNK A 1219 23.49 -1.60 -60.65
C UNK A 1219 23.33 -3.00 -61.24
N UNK A 1220 22.71 -3.09 -62.42
CA UNK A 1220 22.49 -4.35 -63.08
C UNK A 1220 23.46 -4.64 -64.21
N UNK A 1221 24.10 -3.61 -64.76
CA UNK A 1221 25.07 -3.83 -65.84
C UNK A 1221 26.35 -4.45 -65.32
N UNK A 1222 26.87 -3.95 -64.19
CA UNK A 1222 28.05 -4.53 -63.58
C UNK A 1222 27.74 -5.79 -62.77
N UNK A 1223 26.46 -6.08 -62.53
CA UNK A 1223 26.11 -7.27 -61.77
C UNK A 1223 26.28 -8.55 -62.59
N UNK A 1224 26.20 -8.43 -63.92
CA UNK A 1224 26.43 -9.60 -64.76
C UNK A 1224 27.91 -9.94 -64.87
N UNK A 1225 28.77 -8.92 -64.90
CA UNK A 1225 30.20 -9.15 -65.01
C UNK A 1225 30.82 -9.59 -63.69
N UNK A 1226 30.24 -9.16 -62.56
CA UNK A 1226 30.75 -9.54 -61.25
C UNK A 1226 30.38 -10.95 -60.85
N UNK A 1227 29.48 -11.61 -61.58
CA UNK A 1227 29.08 -12.97 -61.26
C UNK A 1227 29.73 -13.97 -62.21
N UNK A 1228 30.54 -18.00 -58.92
CA UNK A 1228 31.65 -18.89 -59.23
C UNK A 1228 31.15 -20.19 -59.85
N UNK A 1229 29.84 -20.26 -60.07
CA UNK A 1229 29.23 -21.43 -60.70
C UNK A 1229 28.21 -21.06 -61.77
N UNK A 1230 28.21 -19.80 -62.23
CA UNK A 1230 27.27 -19.39 -63.26
C UNK A 1230 27.63 -19.94 -64.63
N UNK A 1231 28.85 -20.40 -64.83
CA UNK A 1231 29.25 -21.05 -66.06
C UNK A 1231 29.06 -22.56 -66.02
N UNK A 1232 28.69 -23.12 -64.87
CA UNK A 1232 28.49 -24.56 -64.76
C UNK A 1232 27.18 -24.99 -65.41
N UNK A 1233 26.13 -24.18 -65.27
CA UNK A 1233 24.84 -24.50 -65.85
C UNK A 1233 24.05 -23.22 -66.17
N ARG A 1234 24.14 -18.69 -68.64
CA ARG A 1234 22.78 -18.19 -68.87
C ARG A 1234 22.81 -16.70 -69.19
N ASN A 1235 22.41 -16.36 -70.41
CA ASN A 1235 22.38 -14.96 -70.83
C ASN A 1235 21.16 -14.26 -70.24
N ILE A 1236 21.12 -12.95 -70.42
CA ILE A 1236 20.00 -12.15 -69.95
C ILE A 1236 19.44 -11.23 -71.03
N ASP A 1237 20.18 -10.97 -72.12
CA ASP A 1237 19.66 -10.12 -73.18
C ASP A 1237 18.61 -10.85 -74.02
N THR A 1238 18.80 -12.16 -74.24
CA THR A 1238 17.82 -12.94 -74.99
C THR A 1238 16.68 -13.45 -74.12
N VAL A 1239 16.84 -13.43 -72.80
CA VAL A 1239 15.79 -13.93 -71.92
C VAL A 1239 14.84 -12.81 -71.49
N ALA A 1240 15.39 -11.71 -71.00
CA ALA A 1240 14.56 -10.61 -70.52
C ALA A 1240 13.91 -9.81 -71.63
N SER A 1241 14.30 -10.01 -72.90
CA SER A 1241 13.62 -9.39 -74.02
C SER A 1241 12.51 -10.27 -74.57
N ASN A 1242 12.73 -11.59 -74.60
CA ASN A 1242 11.68 -12.51 -75.03
C ASN A 1242 10.60 -12.67 -73.96
N MET A 1243 10.96 -12.46 -72.70
CA MET A 1243 9.97 -12.48 -71.63
C MET A 1243 9.04 -11.27 -71.72
N ASP A 1244 9.58 -10.12 -72.17
CA ASP A 1244 8.75 -8.94 -72.34
C ASP A 1244 8.03 -8.95 -73.68
N SER A 1245 8.56 -9.67 -74.67
CA SER A 1245 7.87 -9.81 -75.94
C SER A 1245 6.64 -10.70 -75.82
N TYR A 1246 6.70 -11.72 -74.96
CA TYR A 1246 5.56 -12.62 -74.77
C TYR A 1246 4.51 -12.03 -73.84
N LEU A 1247 4.86 -11.00 -73.07
CA LEU A 1247 3.90 -10.39 -72.15
C LEU A 1247 2.87 -9.55 -72.90
N GLU A 1248 3.21 -9.07 -74.09
CA GLU A 1248 2.27 -8.29 -74.89
C GLU A 1248 1.17 -9.16 -75.46
N LYS A 1249 1.48 -10.41 -75.81
CA LYS A 1249 0.50 -11.31 -76.41
C LYS A 1249 -0.56 -11.77 -75.41
N ILE A 1250 -0.26 -11.75 -74.10
CA ILE A 1250 -1.26 -12.08 -73.11
C ILE A 1250 -2.17 -10.89 -72.85
N SER A 1251 -1.61 -9.68 -72.79
CA SER A 1251 -2.40 -8.49 -72.52
C SER A 1251 -3.26 -8.07 -73.71
N SER A 1252 -2.94 -8.54 -74.92
CA SER A 1252 -3.75 -8.22 -76.08
C SER A 1252 -4.99 -9.10 -76.21
N GLN A 1253 -5.01 -10.24 -75.51
CA GLN A 1253 -6.15 -11.15 -75.55
C GLN A 1253 -7.31 -10.58 -74.73
N GLU A 1254 -8.47 -10.47 -75.36
CA GLU A 1254 -9.65 -9.87 -74.73
C GLU A 1254 -10.84 -10.79 -74.91
N PHE A 1255 -11.55 -11.05 -73.81
CA PHE A 1255 -12.75 -11.87 -73.82
C PHE A 1255 -13.99 -11.00 -74.00
N PRO A 1256 -14.99 -11.47 -74.73
CA PRO A 1256 -16.26 -10.74 -74.82
C PRO A 1256 -17.05 -10.85 -73.51
N ASN A 1257 -17.95 -9.90 -73.33
CA ASN A 1257 -18.75 -9.85 -72.11
C ASN A 1257 -20.11 -10.51 -72.31
N PHE A 1258 -20.64 -11.06 -71.21
CA PHE A 1258 -21.95 -11.69 -71.21
C PHE A 1258 -23.05 -10.74 -70.75
N ALA A 1259 -22.69 -9.68 -70.01
CA ALA A 1259 -23.67 -8.71 -69.56
C ALA A 1259 -24.19 -7.84 -70.68
N ASP A 1260 -23.46 -7.73 -71.79
CA ASP A 1260 -23.97 -7.01 -72.95
C ASP A 1260 -25.03 -7.82 -73.68
N LEU A 1261 -24.91 -9.16 -73.69
CA LEU A 1261 -25.92 -9.99 -74.32
C LEU A 1261 -27.21 -10.04 -73.49
N ALA A 1262 -27.08 -9.99 -72.16
CA ALA A 1262 -28.27 -10.04 -71.31
C ALA A 1262 -28.97 -8.69 -71.23
N SER A 1263 -28.21 -7.59 -71.32
CA SER A 1263 -28.83 -6.27 -71.34
C SER A 1263 -29.49 -5.94 -72.67
N ASP A 1264 -29.14 -6.67 -73.73
CA ASP A 1264 -29.83 -6.50 -75.01
C ASP A 1264 -31.25 -7.04 -74.92
N PHE A 1265 -31.44 -8.19 -74.27
CA PHE A 1265 -32.77 -8.76 -74.13
C PHE A 1265 -33.64 -7.99 -73.16
N TYR A 1266 -33.01 -7.30 -72.19
CA TYR A 1266 -33.78 -6.53 -71.22
C TYR A 1266 -34.37 -5.27 -71.85
N ALA A 1267 -33.70 -4.71 -72.86
CA ALA A 1267 -34.26 -3.58 -73.57
C ALA A 1267 -35.31 -4.02 -74.59
N GLU A 1268 -35.23 -5.25 -75.09
CA GLU A 1268 -36.23 -5.76 -76.01
C GLU A 1268 -37.49 -6.21 -75.27
N ALA A 1269 -37.33 -6.76 -74.07
CA ALA A 1269 -38.47 -7.14 -73.25
C ALA A 1269 -39.14 -5.94 -72.61
N GLU A 1270 -38.44 -4.81 -72.51
CA GLU A 1270 -39.07 -3.60 -71.97
C GLU A 1270 -40.01 -2.97 -72.99
N ARG A 1271 -39.62 -2.95 -74.26
CA ARG A 1271 -40.47 -2.39 -75.30
C ARG A 1271 -41.66 -3.31 -75.59
N LEU A 1272 -41.46 -4.62 -75.50
CA LEU A 1272 -42.53 -5.56 -75.82
C LEU A 1272 -43.61 -5.62 -74.73
N ARG A 1273 -43.24 -5.33 -73.49
CA ARG A 1273 -44.16 -5.44 -72.35
C ARG A 1273 -44.80 -4.11 -71.96
N LYS A 1274 -44.02 -3.03 -71.87
CA LYS A 1274 -44.54 -1.78 -71.34
C LYS A 1274 -45.44 -1.04 -72.32
N GLU A 1275 -45.41 -1.40 -73.60
CA GLU A 1275 -46.26 -0.76 -74.60
C GLU A 1275 -47.62 -1.43 -74.75
N THR A 1276 -47.97 -2.36 -73.87
CA THR A 1276 -49.24 -3.07 -73.98
C THR A 1276 -50.31 -2.36 -73.15
N PRO A 1277 -51.39 -1.89 -73.77
CA PRO A 1277 -52.43 -1.17 -73.02
C PRO A 1277 -53.48 -2.04 -72.35
N ASN A 1278 -53.24 -3.36 -72.30
CA ASN A 1278 -54.03 -4.43 -71.64
C ASN A 1278 -55.55 -4.24 -71.69
N VAL A 1279 -56.05 -3.95 -72.89
CA VAL A 1279 -57.49 -3.88 -73.17
C VAL A 1279 -57.84 -5.04 -74.08
N TYR A 1280 -58.83 -5.83 -73.68
CA TYR A 1280 -59.31 -6.97 -74.46
C TYR A 1280 -59.95 -6.54 -75.78
N ARG A 1287 -55.07 -7.16 -82.17
CA ARG A 1287 -53.79 -6.68 -81.69
C ARG A 1287 -53.12 -7.70 -80.77
N LEU A 1288 -53.86 -8.75 -80.43
CA LEU A 1288 -53.32 -9.78 -79.54
C LEU A 1288 -52.63 -10.88 -80.31
N ALA A 1289 -53.13 -11.22 -81.50
CA ALA A 1289 -52.51 -12.27 -82.31
C ALA A 1289 -51.17 -11.83 -82.88
N TYR A 1290 -51.04 -10.54 -83.19
CA TYR A 1290 -49.75 -10.02 -83.66
C TYR A 1290 -48.75 -9.92 -82.50
N LEU A 1291 -49.24 -9.72 -81.28
CA LEU A 1291 -48.38 -9.60 -80.12
C LEU A 1291 -47.95 -10.94 -79.55
N LYS A 1292 -48.82 -11.95 -79.65
CA LYS A 1292 -48.48 -13.28 -79.14
C LYS A 1292 -47.39 -13.95 -79.96
N THR A 1293 -47.34 -13.66 -81.26
CA THR A 1293 -46.25 -14.18 -82.09
C THR A 1293 -44.93 -13.53 -81.74
N GLN A 1294 -44.94 -12.20 -81.51
CA GLN A 1294 -43.72 -11.49 -81.15
C GLN A 1294 -43.24 -11.85 -79.74
N LYS A 1295 -44.16 -12.27 -78.87
CA LYS A 1295 -43.76 -12.71 -77.53
C LYS A 1295 -43.04 -14.06 -77.60
N SER A 1296 -43.48 -14.94 -78.50
CA SER A 1296 -42.82 -16.24 -78.67
C SER A 1296 -41.56 -16.16 -79.52
N LYS A 1297 -41.29 -15.02 -80.14
CA LYS A 1297 -40.03 -14.87 -80.88
C LYS A 1297 -38.86 -14.73 -79.91
N LEU A 1298 -38.94 -13.78 -78.97
CA LEU A 1298 -37.85 -13.55 -78.04
C LEU A 1298 -37.71 -14.69 -77.03
N LEU A 1299 -38.80 -15.39 -76.74
CA LEU A 1299 -38.69 -16.61 -75.95
C LEU A 1299 -38.07 -17.74 -76.76
N GLY A 1300 -38.29 -17.74 -78.08
CA GLY A 1300 -37.66 -18.74 -78.92
C GLY A 1300 -36.26 -18.38 -79.35
N ASP A 1301 -35.93 -17.09 -79.40
CA ASP A 1301 -34.60 -16.66 -79.80
C ASP A 1301 -33.61 -16.81 -78.66
N ALA A 1302 -34.03 -16.50 -77.42
CA ALA A 1302 -33.12 -16.54 -76.29
C ALA A 1302 -32.74 -17.96 -75.91
N LEU A 1303 -33.71 -18.88 -75.92
CA LEU A 1303 -33.42 -20.27 -75.58
C LEU A 1303 -32.76 -21.03 -76.71
N LYS A 1304 -32.68 -20.44 -77.91
CA LYS A 1304 -31.90 -21.04 -78.99
C LYS A 1304 -30.51 -20.42 -79.11
N GLU A 1305 -30.36 -19.15 -78.72
CA GLU A 1305 -29.04 -18.52 -78.72
C GLU A 1305 -28.17 -19.09 -77.60
N LEU A 1306 -28.74 -19.22 -76.40
CA LEU A 1306 -27.99 -19.75 -75.27
C LEU A 1306 -27.71 -21.25 -75.40
N ARG A 1307 -28.48 -21.96 -76.22
CA ARG A 1307 -28.14 -23.34 -76.53
C ARG A 1307 -26.88 -23.43 -77.38
N ARG A 1308 -26.65 -22.44 -78.25
CA ARG A 1308 -25.49 -22.46 -79.13
C ARG A 1308 -24.20 -22.16 -78.37
N ILE A 1309 -24.22 -21.15 -77.51
CA ILE A 1309 -22.98 -20.67 -76.86
C ILE A 1309 -22.81 -21.49 -75.58
N GLY A 1310 -22.25 -22.69 -75.75
CA GLY A 1310 -21.96 -23.54 -74.61
C GLY A 1310 -23.20 -24.09 -73.94
N LEU A 1311 -23.17 -24.14 -72.61
CA LEU A 1311 -24.27 -24.55 -71.73
C LEU A 1311 -24.81 -25.95 -72.05
N ASP A 1318 -23.97 -34.26 -61.52
CA ASP A 1318 -24.14 -33.99 -60.10
C ASP A 1318 -24.22 -32.49 -59.83
N ILE A 1319 -24.88 -31.77 -60.74
CA ILE A 1319 -25.07 -30.34 -60.57
C ILE A 1319 -26.11 -30.07 -59.48
N GLN A 1320 -27.20 -30.84 -59.48
CA GLN A 1320 -28.28 -30.62 -58.52
C GLN A 1320 -27.92 -31.09 -57.11
N LYS A 1321 -26.91 -31.95 -56.97
CA LYS A 1321 -26.48 -32.41 -55.65
C LYS A 1321 -25.74 -31.34 -54.87
N VAL A 1322 -25.24 -30.31 -55.54
CA VAL A 1322 -24.54 -29.22 -54.86
C VAL A 1322 -25.51 -28.08 -54.53
N GLN A 1323 -26.56 -27.89 -55.32
CA GLN A 1323 -27.35 -26.68 -55.32
C GLN A 1323 -28.79 -27.00 -54.88
N SER A 1324 -28.91 -27.69 -53.75
CA SER A 1324 -30.23 -27.98 -53.18
C SER A 1324 -30.96 -26.71 -52.77
N SER A 1325 -30.33 -25.90 -51.93
CA SER A 1325 -30.93 -24.65 -51.46
C SER A 1325 -29.80 -23.64 -51.22
N THR A 1326 -30.11 -22.56 -50.50
CA THR A 1326 -29.09 -21.56 -50.23
C THR A 1326 -28.12 -22.04 -49.18
N THR A 1327 -28.60 -22.74 -48.16
CA THR A 1327 -27.74 -23.19 -47.07
C THR A 1327 -26.89 -24.40 -47.41
N THR A 1328 -26.97 -24.91 -48.64
CA THR A 1328 -26.06 -25.95 -49.11
C THR A 1328 -24.89 -25.38 -49.89
N ILE A 1329 -25.15 -24.42 -50.79
CA ILE A 1329 -24.06 -23.78 -51.53
C ILE A 1329 -23.36 -22.68 -50.75
N LEU A 1330 -23.87 -22.32 -49.57
CA LEU A 1330 -23.19 -21.36 -48.71
C LEU A 1330 -22.16 -22.04 -47.81
N ALA A 1331 -22.07 -23.37 -47.88
CA ALA A 1331 -21.10 -24.15 -47.11
C ALA A 1331 -19.90 -24.57 -47.94
N ASN A 1332 -20.12 -25.28 -49.04
CA ASN A 1332 -19.02 -25.77 -49.87
C ASN A 1332 -18.74 -24.79 -51.01
N ILE A 1333 -18.18 -23.64 -50.61
CA ILE A 1333 -17.86 -22.57 -51.55
C ILE A 1333 -16.61 -21.87 -51.02
N ALA A 1334 -15.80 -21.31 -51.93
CA ALA A 1334 -14.59 -20.67 -51.45
C ALA A 1334 -14.80 -19.18 -51.27
N PRO A 1335 -14.19 -18.57 -50.26
CA PRO A 1335 -14.37 -17.14 -50.02
C PRO A 1335 -13.49 -16.30 -50.95
N PHE A 1336 -13.55 -14.99 -50.75
CA PHE A 1336 -12.68 -14.03 -51.40
C PHE A 1336 -12.14 -13.04 -50.38
N ASN A 1337 -11.53 -13.57 -49.31
CA ASN A 1337 -11.06 -12.79 -48.18
C ASN A 1337 -10.00 -11.76 -48.54
N ASN A 1338 -9.30 -11.93 -49.66
CA ASN A 1338 -8.27 -10.98 -50.06
C ASN A 1338 -8.89 -9.66 -50.49
N GLU A 1339 -8.29 -8.56 -50.05
CA GLU A 1339 -8.89 -7.23 -50.22
C GLU A 1339 -8.45 -6.57 -51.52
N TYR A 1340 -8.57 -7.31 -52.63
CA TYR A 1340 -8.40 -6.76 -53.98
C TYR A 1340 -9.66 -6.86 -54.80
N LEU A 1341 -10.53 -7.82 -54.51
CA LEU A 1341 -11.67 -8.15 -55.35
C LEU A 1341 -12.91 -8.41 -54.51
N ASN A 1342 -13.15 -7.56 -53.51
CA ASN A 1342 -14.43 -7.57 -52.82
C ASN A 1342 -15.57 -7.07 -53.70
N SER A 1343 -15.27 -6.33 -54.77
CA SER A 1343 -16.28 -5.92 -55.74
C SER A 1343 -16.72 -7.06 -56.65
N SER A 1344 -15.98 -8.17 -56.69
CA SER A 1344 -16.37 -9.30 -57.52
C SER A 1344 -17.56 -10.05 -56.95
N ASP A 1345 -17.79 -9.97 -55.64
CA ASP A 1345 -18.95 -10.57 -55.00
C ASP A 1345 -20.12 -9.60 -54.89
N ALA A 1346 -20.11 -8.51 -55.65
CA ALA A 1346 -21.21 -7.57 -55.60
C ALA A 1346 -22.42 -8.04 -56.39
N PHE A 1347 -22.29 -9.11 -57.18
CA PHE A 1347 -23.40 -9.62 -57.98
C PHE A 1347 -23.69 -11.10 -57.77
N PHE A 1348 -22.76 -11.88 -57.20
CA PHE A 1348 -23.04 -13.29 -56.96
C PHE A 1348 -23.89 -13.49 -55.71
N PHE A 1349 -23.90 -12.53 -54.79
CA PHE A 1349 -24.85 -12.57 -53.69
C PHE A 1349 -26.16 -11.87 -54.04
N LYS A 1350 -26.25 -11.29 -55.23
CA LYS A 1350 -27.53 -10.80 -55.73
C LYS A 1350 -28.37 -11.93 -56.30
N ILE A 1351 -27.74 -13.02 -56.74
CA ILE A 1351 -28.44 -14.14 -57.35
C ILE A 1351 -28.61 -15.27 -56.34
N LEU A 1352 -28.54 -14.93 -55.05
CA LEU A 1352 -28.89 -15.87 -54.00
C LEU A 1352 -30.18 -15.52 -53.29
N ASP A 1353 -30.67 -14.29 -53.44
CA ASP A 1353 -31.94 -13.91 -52.86
C ASP A 1353 -33.10 -14.45 -53.69
N LEU A 1354 -32.98 -14.38 -55.01
CA LEU A 1354 -34.03 -14.85 -55.91
C LEU A 1354 -33.87 -16.31 -56.31
N LEU A 1355 -32.92 -17.02 -55.73
CA LEU A 1355 -32.78 -18.44 -56.02
C LEU A 1355 -33.86 -19.30 -55.33
N PRO A 1356 -34.30 -19.03 -54.09
CA PRO A 1356 -35.53 -19.70 -53.64
C PRO A 1356 -36.78 -19.20 -54.34
N LYS A 1357 -36.79 -17.96 -54.84
CA LYS A 1357 -37.98 -17.43 -55.48
C LYS A 1357 -38.19 -18.01 -56.88
N LEU A 1358 -37.13 -18.50 -57.52
CA LEU A 1358 -37.31 -19.21 -58.79
C LEU A 1358 -37.86 -20.61 -58.57
N ARG A 1359 -37.47 -21.26 -57.48
CA ARG A 1359 -37.94 -22.61 -57.20
C ARG A 1359 -39.38 -22.63 -56.70
N SER A 1360 -39.90 -21.49 -56.25
CA SER A 1360 -41.28 -21.43 -55.76
C SER A 1360 -42.26 -21.30 -56.91
N ALA A 1361 -41.95 -20.45 -57.90
CA ALA A 1361 -42.86 -20.26 -59.03
C ALA A 1361 -42.78 -21.43 -60.01
N ALA A 1362 -41.57 -21.78 -60.43
CA ALA A 1362 -41.39 -22.88 -61.37
C ALA A 1362 -41.56 -24.23 -60.68
N VAL A 1371 -45.64 -24.03 -71.44
CA VAL A 1371 -45.27 -24.54 -70.12
C VAL A 1371 -44.05 -25.45 -70.22
N ALA A 1372 -43.37 -25.40 -71.37
CA ALA A 1372 -42.16 -26.17 -71.59
C ALA A 1372 -40.89 -25.34 -71.59
N ALA A 1373 -40.99 -24.03 -71.86
CA ALA A 1373 -39.83 -23.17 -71.84
C ALA A 1373 -39.35 -22.85 -70.42
N ILE A 1374 -40.23 -22.94 -69.43
CA ILE A 1374 -39.82 -22.71 -68.05
C ILE A 1374 -39.01 -23.89 -67.53
N GLU A 1375 -39.41 -25.12 -67.88
CA GLU A 1375 -38.65 -26.30 -67.51
C GLU A 1375 -37.32 -26.39 -68.25
N ARG A 1376 -37.21 -25.73 -69.40
CA ARG A 1376 -35.93 -25.63 -70.11
C ARG A 1376 -35.09 -24.47 -69.59
N GLY A 1377 -35.74 -23.35 -69.25
CA GLY A 1377 -34.99 -22.21 -68.75
C GLY A 1377 -34.44 -22.41 -67.35
N MET A 1378 -35.14 -23.16 -66.51
CA MET A 1378 -34.62 -23.46 -65.18
C MET A 1378 -33.47 -24.45 -65.25
N ALA A 1379 -33.55 -25.42 -66.17
CA ALA A 1379 -32.47 -26.39 -66.34
C ALA A 1379 -31.27 -25.80 -67.08
N LEU A 1380 -31.42 -24.64 -67.68
CA LEU A 1380 -30.31 -23.97 -68.37
C LEU A 1380 -29.48 -23.12 -67.43
N ALA A 1381 -30.10 -22.54 -66.40
CA ALA A 1381 -29.39 -21.75 -65.41
C ALA A 1381 -28.68 -22.60 -64.36
N GLN A 1382 -28.89 -23.91 -64.37
CA GLN A 1382 -28.17 -24.79 -63.45
C GLN A 1382 -26.73 -25.03 -63.91
N SER A 1383 -26.53 -25.22 -65.23
CA SER A 1383 -25.21 -25.53 -65.74
C SER A 1383 -24.32 -24.28 -65.77
N LEU A 1384 -24.90 -23.10 -65.83
CA LEU A 1384 -24.10 -21.88 -65.73
C LEU A 1384 -23.68 -21.61 -64.29
N MET A 1385 -24.50 -22.01 -63.33
CA MET A 1385 -24.15 -21.85 -61.92
C MET A 1385 -23.03 -22.80 -61.52
N PHE A 1386 -23.04 -24.02 -62.06
CA PHE A 1386 -21.98 -24.97 -61.76
C PHE A 1386 -20.66 -24.55 -62.40
N SER A 1387 -20.71 -23.81 -63.49
CA SER A 1387 -19.51 -23.22 -64.06
C SER A 1387 -19.19 -21.85 -63.46
N LEU A 1388 -19.90 -21.45 -62.41
CA LEU A 1388 -19.62 -20.20 -61.72
C LEU A 1388 -19.20 -20.43 -60.27
N ILE A 1389 -19.43 -21.62 -59.74
CA ILE A 1389 -18.99 -21.96 -58.38
C ILE A 1389 -17.56 -22.49 -58.38
N THR A 1390 -17.21 -23.36 -59.33
CA THR A 1390 -15.87 -23.96 -59.38
C THR A 1390 -14.79 -23.03 -59.93
N VAL A 1391 -15.12 -21.76 -60.20
CA VAL A 1391 -14.12 -20.76 -60.53
C VAL A 1391 -13.58 -20.12 -59.25
N ARG A 1392 -14.39 -20.04 -58.20
CA ARG A 1392 -14.04 -19.32 -56.98
C ARG A 1392 -12.89 -19.98 -56.22
N HIS A 1393 -12.72 -21.29 -56.36
CA HIS A 1393 -11.65 -21.96 -55.61
C HIS A 1393 -10.26 -21.83 -56.23
N PRO A 1394 -10.04 -21.98 -57.56
CA PRO A 1394 -8.68 -21.67 -58.05
C PRO A 1394 -8.36 -20.19 -58.06
N LEU A 1395 -9.37 -19.32 -58.18
CA LEU A 1395 -9.09 -17.89 -58.25
C LEU A 1395 -8.75 -17.31 -56.88
N SER A 1396 -9.36 -17.83 -55.81
CA SER A 1396 -9.00 -17.36 -54.47
C SER A 1396 -7.66 -17.93 -54.01
N GLU A 1397 -7.28 -19.10 -54.52
CA GLU A 1397 -5.94 -19.61 -54.27
C GLU A 1397 -4.89 -18.80 -55.03
N PHE A 1398 -5.29 -18.21 -56.16
CA PHE A 1398 -4.35 -17.44 -56.97
C PHE A 1398 -3.97 -16.13 -56.30
N THR A 1399 -4.93 -15.45 -55.67
CA THR A 1399 -4.61 -14.25 -54.92
C THR A 1399 -4.06 -14.56 -53.53
N ASN A 1400 -4.06 -15.82 -53.10
CA ASN A 1400 -3.35 -16.19 -51.89
C ASN A 1400 -1.85 -16.19 -52.13
N ASP A 1401 -1.42 -16.69 -53.29
CA ASP A 1401 -0.01 -16.65 -53.66
C ASP A 1401 0.41 -15.32 -54.26
N TYR A 1402 -0.56 -14.51 -54.70
CA TYR A 1402 -0.23 -13.22 -55.30
C TYR A 1402 0.22 -12.21 -54.25
N CYS A 1403 -0.40 -12.23 -53.08
CA CYS A 1403 -0.01 -11.31 -52.02
C CYS A 1403 1.24 -11.77 -51.26
N LYS A 1404 1.62 -13.04 -51.40
CA LYS A 1404 2.90 -13.48 -50.84
C LYS A 1404 4.06 -13.02 -51.72
N ILE A 1405 3.90 -13.13 -53.05
CA ILE A 1405 4.98 -12.72 -53.95
C ILE A 1405 5.05 -11.21 -54.09
N ASN A 1406 4.02 -10.49 -53.67
CA ASN A 1406 4.07 -9.03 -53.65
C ASN A 1406 4.88 -8.53 -52.45
N GLY A 1407 4.75 -9.20 -51.31
CA GLY A 1407 5.53 -8.83 -50.13
C GLY A 1407 6.97 -9.31 -50.16
N MET A 1408 7.30 -10.20 -51.08
CA MET A 1408 8.67 -10.66 -51.24
C MET A 1408 9.38 -10.01 -52.41
N MET A 1409 8.63 -9.40 -53.34
CA MET A 1409 9.22 -8.55 -54.35
C MET A 1409 9.82 -7.30 -53.72
N LEU A 1410 9.14 -6.73 -52.73
CA LEU A 1410 9.64 -5.54 -52.05
C LEU A 1410 10.76 -5.83 -51.06
N ASP A 1411 11.01 -7.10 -50.74
CA ASP A 1411 12.16 -7.42 -49.90
C ASP A 1411 13.43 -7.51 -50.73
N LEU A 1412 13.39 -8.18 -51.88
CA LEU A 1412 14.55 -8.27 -52.75
C LEU A 1412 14.81 -7.00 -53.54
N GLU A 1413 13.87 -6.05 -53.56
CA GLU A 1413 14.11 -4.78 -54.23
C GLU A 1413 15.03 -3.89 -53.40
N HIS A 1414 14.75 -3.77 -52.10
CA HIS A 1414 15.63 -3.02 -51.21
C HIS A 1414 16.92 -3.79 -50.93
N PHE A 1415 16.93 -5.10 -51.17
CA PHE A 1415 18.12 -5.92 -50.97
C PHE A 1415 19.15 -5.71 -52.08
N THR A 1416 18.74 -5.14 -53.22
CA THR A 1416 19.71 -4.74 -54.25
C THR A 1416 20.39 -3.43 -53.90
N CYS A 1417 19.67 -2.51 -53.24
CA CYS A 1417 20.23 -1.24 -52.82
C CYS A 1417 20.94 -1.32 -51.48
N LEU A 1418 21.22 -2.53 -51.00
CA LEU A 1418 21.94 -2.70 -49.75
C LEU A 1418 23.42 -2.38 -49.96
N LYS A 1419 23.98 -1.57 -49.06
CA LYS A 1419 25.35 -1.09 -49.20
C LYS A 1419 26.32 -1.70 -48.22
N GLY A 1420 25.85 -2.25 -47.10
CA GLY A 1420 26.74 -2.88 -46.14
C GLY A 1420 26.83 -4.38 -46.31
N ASP A 1421 26.53 -5.12 -45.23
CA ASP A 1421 26.56 -6.57 -45.25
C ASP A 1421 25.25 -7.10 -44.69
N ILE A 1422 25.15 -8.43 -44.62
CA ILE A 1422 23.97 -9.09 -44.07
C ILE A 1422 24.23 -9.36 -42.59
N VAL A 1423 23.52 -8.66 -41.72
CA VAL A 1423 23.77 -8.72 -40.28
C VAL A 1423 22.53 -9.19 -39.53
N HIS A 1424 21.70 -10.00 -40.19
CA HIS A 1424 20.42 -10.41 -39.63
C HIS A 1424 20.54 -11.53 -38.58
N SER A 1425 21.73 -12.03 -38.32
CA SER A 1425 21.94 -12.87 -37.15
C SER A 1425 22.46 -12.08 -35.96
N SER A 1426 22.85 -10.82 -36.19
CA SER A 1426 23.42 -9.98 -35.14
C SER A 1426 22.60 -8.73 -34.86
N LEU A 1427 21.70 -8.34 -35.76
CA LEU A 1427 20.91 -7.13 -35.57
C LEU A 1427 19.44 -7.42 -35.30
N LYS A 1428 18.96 -8.63 -35.62
CA LYS A 1428 17.56 -8.97 -35.42
C LYS A 1428 17.19 -9.02 -33.94
N ALA A 1429 18.14 -9.43 -33.09
CA ALA A 1429 17.87 -9.44 -31.65
C ALA A 1429 17.84 -8.04 -31.05
N ASN A 1430 18.48 -7.06 -31.71
CA ASN A 1430 18.47 -5.70 -31.20
C ASN A 1430 17.28 -4.88 -31.68
N VAL A 1431 16.61 -5.31 -32.75
CA VAL A 1431 15.39 -4.62 -33.19
C VAL A 1431 14.27 -4.92 -32.21
N ASP A 1432 14.22 -6.14 -31.67
CA ASP A 1432 13.23 -6.51 -30.67
C ASP A 1432 13.40 -5.71 -29.39
N ASN A 1433 14.63 -5.31 -29.06
CA ASN A 1433 14.85 -4.44 -27.92
C ASN A 1433 14.37 -3.02 -28.19
N VAL A 1434 14.39 -2.59 -29.45
CA VAL A 1434 13.90 -1.26 -29.78
C VAL A 1434 12.37 -1.24 -29.83
N ARG A 1435 11.76 -2.25 -30.46
CA ARG A 1435 10.31 -2.33 -30.58
C ARG A 1435 9.64 -2.57 -29.23
N LEU A 1436 10.35 -3.16 -28.27
CA LEU A 1436 9.81 -3.28 -26.92
C LEU A 1436 9.82 -1.94 -26.20
N PHE A 1437 10.76 -1.06 -26.54
CA PHE A 1437 10.73 0.31 -26.07
C PHE A 1437 9.84 1.21 -26.92
N GLU A 1438 9.26 0.68 -28.00
CA GLU A 1438 8.43 1.51 -28.87
C GLU A 1438 7.02 1.66 -28.34
N LYS A 1439 6.45 0.57 -27.81
CA LYS A 1439 5.05 0.60 -27.38
C LYS A 1439 4.87 0.93 -25.91
N TRP A 1440 5.91 0.77 -25.08
CA TRP A 1440 5.75 1.01 -23.64
C TRP A 1440 6.33 2.33 -23.17
N LEU A 1441 7.56 2.65 -23.59
CA LEU A 1441 8.28 3.81 -23.06
C LEU A 1441 7.66 5.17 -23.41
N PRO A 1442 7.04 5.40 -24.59
CA PRO A 1442 6.24 6.63 -24.73
C PRO A 1442 4.94 6.64 -23.93
N SER A 1443 4.50 5.50 -23.38
CA SER A 1443 3.31 5.49 -22.55
C SER A 1443 3.61 5.72 -21.08
N LEU A 1444 4.75 5.23 -20.58
CA LEU A 1444 5.15 5.51 -19.21
C LEU A 1444 5.51 6.98 -19.02
N LEU A 1445 5.98 7.65 -20.08
CA LEU A 1445 6.26 9.07 -19.98
C LEU A 1445 4.97 9.88 -19.89
N ASP A 1446 3.87 9.38 -20.45
CA ASP A 1446 2.60 10.05 -20.28
C ASP A 1446 2.00 9.77 -18.90
N TYR A 1447 2.29 8.61 -18.33
CA TYR A 1447 1.81 8.32 -16.98
C TYR A 1447 2.60 9.07 -15.93
N ALA A 1448 3.92 9.21 -16.13
CA ALA A 1448 4.73 9.97 -15.20
C ALA A 1448 4.57 11.47 -15.35
N ALA A 1449 3.92 11.94 -16.42
CA ALA A 1449 3.57 13.34 -16.55
C ALA A 1449 2.22 13.68 -15.92
N GLN A 1450 1.52 12.68 -15.38
CA GLN A 1450 0.26 12.90 -14.67
C GLN A 1450 0.44 13.00 -13.17
N THR A 1451 1.22 12.09 -12.58
CA THR A 1451 1.44 12.13 -11.13
C THR A 1451 2.29 13.31 -10.70
N LEU A 1452 3.09 13.87 -11.61
CA LEU A 1452 3.80 15.11 -11.31
C LEU A 1452 2.90 16.33 -11.41
N SER A 1453 1.68 16.19 -11.92
CA SER A 1453 0.69 17.25 -11.87
C SER A 1453 -0.14 17.20 -10.58
N VAL A 1454 -0.27 16.02 -9.99
CA VAL A 1454 -0.93 15.90 -8.69
C VAL A 1454 -0.03 16.46 -7.59
N ILE A 1455 1.27 16.17 -7.66
CA ILE A 1455 2.23 16.71 -6.71
C ILE A 1455 2.38 18.21 -6.86
N SER A 1456 2.19 18.73 -8.07
CA SER A 1456 2.31 20.17 -8.31
C SER A 1456 1.22 20.98 -7.63
N LYS A 1457 0.07 20.38 -7.32
CA LYS A 1457 -0.97 21.08 -6.59
C LYS A 1457 -0.73 21.11 -5.10
N TYR A 1458 0.16 20.27 -4.58
CA TYR A 1458 0.44 20.20 -3.15
C TYR A 1458 1.90 20.45 -2.81
N SER A 1459 2.75 20.70 -3.81
CA SER A 1459 4.16 20.97 -3.59
C SER A 1459 4.65 21.90 -4.69
N ALA A 1460 5.90 22.34 -4.55
CA ALA A 1460 6.52 23.26 -5.50
C ALA A 1460 7.35 22.54 -6.56
N THR A 1461 7.50 21.22 -6.46
CA THR A 1461 8.28 20.46 -7.44
C THR A 1461 7.44 20.29 -8.70
N SER A 1462 7.53 21.28 -9.59
CA SER A 1462 6.79 21.26 -10.83
C SER A 1462 7.65 21.51 -12.06
N GLU A 1463 8.91 21.90 -11.90
CA GLU A 1463 9.80 22.13 -13.03
C GLU A 1463 10.41 20.86 -13.57
N GLN A 1464 10.13 19.70 -12.97
CA GLN A 1464 10.66 18.43 -13.43
C GLN A 1464 9.81 17.80 -14.54
N GLN A 1465 8.85 18.53 -15.09
CA GLN A 1465 8.07 18.04 -16.22
C GLN A 1465 8.75 18.29 -17.55
N LYS A 1466 9.65 19.27 -17.62
CA LYS A 1466 10.31 19.60 -18.89
C LYS A 1466 11.41 18.61 -19.26
N ILE A 1467 11.91 17.84 -18.29
CA ILE A 1467 12.96 16.86 -18.58
C ILE A 1467 12.39 15.51 -19.00
N LEU A 1468 11.06 15.38 -19.09
CA LEU A 1468 10.41 14.20 -19.64
C LEU A 1468 9.80 14.42 -21.01
N LEU A 1469 9.31 15.64 -21.29
CA LEU A 1469 8.79 15.93 -22.62
C LEU A 1469 9.92 16.10 -23.64
N ASP A 1470 11.04 16.68 -23.21
CA ASP A 1470 12.23 16.73 -24.06
C ASP A 1470 12.83 15.34 -24.25
N ALA A 1471 12.69 14.47 -23.25
CA ALA A 1471 13.12 13.10 -23.39
C ALA A 1471 12.17 12.29 -24.26
N LYS A 1472 10.92 12.74 -24.42
CA LYS A 1472 9.98 12.04 -25.27
C LYS A 1472 10.10 12.47 -26.73
N SER A 1473 10.39 13.76 -26.97
CA SER A 1473 10.43 14.28 -28.33
C SER A 1473 11.67 13.80 -29.08
N THR A 1474 12.77 13.55 -28.37
CA THR A 1474 13.97 13.02 -29.02
C THR A 1474 13.89 11.53 -29.29
N LEU A 1475 12.98 10.81 -28.62
CA LEU A 1475 12.75 9.42 -28.96
C LEU A 1475 12.05 9.27 -30.30
N SER A 1476 11.23 10.27 -30.68
CA SER A 1476 10.52 10.21 -31.96
C SER A 1476 11.46 10.33 -33.15
N SER A 1477 12.67 10.86 -32.95
CA SER A 1477 13.67 10.84 -34.01
C SER A 1477 14.37 9.50 -34.12
N PHE A 1478 14.20 8.61 -33.15
CA PHE A 1478 14.85 7.30 -33.19
C PHE A 1478 13.96 6.19 -33.73
N PHE A 1479 12.68 6.14 -33.32
CA PHE A 1479 11.83 5.03 -33.73
C PHE A 1479 11.38 5.12 -35.18
N VAL A 1480 11.51 6.29 -35.82
CA VAL A 1480 11.21 6.39 -37.23
C VAL A 1480 12.36 5.79 -38.06
N HIS A 1481 13.60 5.95 -37.60
CA HIS A 1481 14.75 5.40 -38.33
C HIS A 1481 14.77 3.89 -38.29
N PHE A 1482 14.32 3.29 -37.18
CA PHE A 1482 14.27 1.83 -37.07
C PHE A 1482 13.03 1.23 -37.72
N ASN A 1483 12.10 2.05 -38.22
CA ASN A 1483 10.93 1.54 -38.92
C ASN A 1483 10.89 1.95 -40.39
N SER A 1484 11.82 2.77 -40.85
CA SER A 1484 11.81 3.21 -42.24
C SER A 1484 12.35 2.13 -43.18
N SER A 1485 13.12 1.19 -42.66
CA SER A 1485 13.70 0.12 -43.47
C SER A 1485 12.96 -1.18 -43.19
N ARG A 1486 12.60 -1.90 -44.27
CA ARG A 1486 11.90 -3.17 -44.11
C ARG A 1486 12.88 -4.31 -43.87
N ILE A 1487 13.91 -4.42 -44.72
CA ILE A 1487 15.04 -5.30 -44.45
C ILE A 1487 16.20 -4.43 -43.97
N PHE A 1488 16.96 -4.94 -43.00
CA PHE A 1488 17.89 -4.13 -42.25
C PHE A 1488 19.27 -4.11 -42.90
N ASP A 1489 20.00 -3.03 -42.65
CA ASP A 1489 21.32 -2.80 -43.22
C ASP A 1489 22.38 -2.93 -42.14
N SER A 1490 23.65 -2.88 -42.57
CA SER A 1490 24.76 -2.91 -41.62
C SER A 1490 25.07 -1.54 -41.03
N SER A 1491 24.45 -0.48 -41.54
CA SER A 1491 24.65 0.86 -40.99
C SER A 1491 23.84 1.11 -39.73
N PHE A 1492 22.91 0.23 -39.38
CA PHE A 1492 22.14 0.39 -38.16
C PHE A 1492 22.92 -0.01 -36.91
N ILE A 1493 24.02 -0.76 -37.06
CA ILE A 1493 24.88 -1.05 -35.92
C ILE A 1493 25.55 0.23 -35.42
N GLU A 1494 25.92 1.12 -36.34
CA GLU A 1494 26.39 2.44 -35.97
C GLU A 1494 25.25 3.37 -35.53
N SER A 1495 23.99 2.98 -35.72
CA SER A 1495 22.86 3.73 -35.23
C SER A 1495 22.20 3.12 -34.00
N TYR A 1496 22.35 1.81 -33.78
CA TYR A 1496 21.85 1.21 -32.54
C TYR A 1496 22.70 1.60 -31.35
N SER A 1497 24.01 1.81 -31.56
CA SER A 1497 24.88 2.24 -30.48
C SER A 1497 24.62 3.69 -30.07
N ARG A 1498 24.02 4.50 -30.95
CA ARG A 1498 23.58 5.82 -30.55
C ARG A 1498 22.31 5.76 -29.70
N PHE A 1499 21.46 4.76 -29.94
CA PHE A 1499 20.28 4.57 -29.10
C PHE A 1499 20.66 4.03 -27.73
N GLU A 1500 21.67 3.15 -27.68
CA GLU A 1500 22.14 2.60 -26.41
C GLU A 1500 22.82 3.68 -25.57
N LEU A 1501 23.49 4.62 -26.23
CA LEU A 1501 24.13 5.71 -25.50
C LEU A 1501 23.11 6.71 -24.97
N PHE A 1502 21.94 6.82 -25.61
CA PHE A 1502 20.92 7.75 -25.14
C PHE A 1502 20.24 7.24 -23.88
N ILE A 1503 20.13 5.92 -23.72
CA ILE A 1503 19.52 5.34 -22.52
C ILE A 1503 20.40 5.59 -21.30
N ASN A 1504 21.71 5.42 -21.45
CA ASN A 1504 22.62 5.71 -20.35
C ASN A 1504 22.75 7.20 -20.07
N GLU A 1505 22.39 8.05 -21.03
CA GLU A 1505 22.28 9.48 -20.75
C GLU A 1505 20.91 9.86 -20.22
N LEU A 1506 19.86 9.09 -20.54
CA LEU A 1506 18.55 9.32 -19.94
C LEU A 1506 18.56 8.87 -18.48
N LEU A 1507 19.30 7.81 -18.18
CA LEU A 1507 19.33 7.26 -16.83
C LEU A 1507 20.11 8.15 -15.86
N LYS A 1508 20.93 9.06 -16.37
CA LYS A 1508 21.62 10.02 -15.52
C LYS A 1508 20.86 11.32 -15.34
N LYS A 1509 20.01 11.69 -16.30
CA LYS A 1509 19.22 12.91 -16.16
C LYS A 1509 18.07 12.74 -15.18
N LEU A 1510 17.60 11.51 -15.00
CA LEU A 1510 16.57 11.25 -14.00
C LEU A 1510 17.14 11.20 -12.60
N GLU A 1511 18.36 10.71 -12.45
CA GLU A 1511 18.98 10.61 -11.13
C GLU A 1511 19.36 11.99 -10.59
N ASN A 1512 19.82 12.88 -11.46
CA ASN A 1512 20.12 14.25 -11.04
C ASN A 1512 18.86 15.06 -10.78
N ALA A 1513 17.74 14.67 -11.38
CA ALA A 1513 16.45 15.31 -11.11
C ALA A 1513 15.71 14.69 -9.94
N LYS A 1514 16.22 13.59 -9.38
CA LYS A 1514 15.58 12.93 -8.24
C LYS A 1514 16.16 13.52 -6.96
N GLU A 1515 15.87 14.81 -6.78
CA GLU A 1515 16.33 15.59 -5.63
C GLU A 1515 15.48 16.84 -5.57
N THR A 1516 15.37 17.40 -4.36
CA THR A 1516 14.50 18.55 -4.04
C THR A 1516 13.06 18.30 -4.47
N GLY A 1517 12.58 17.09 -4.20
CA GLY A 1517 11.25 16.69 -4.62
C GLY A 1517 10.91 15.29 -4.16
N ASN A 1518 10.13 14.57 -4.96
CA ASN A 1518 9.66 13.24 -4.63
C ASN A 1518 10.27 12.21 -5.57
N ALA A 1519 10.57 11.03 -5.03
CA ALA A 1519 11.33 10.02 -5.74
C ALA A 1519 10.50 8.86 -6.27
N PHE A 1520 9.27 8.68 -5.77
CA PHE A 1520 8.47 7.52 -6.16
C PHE A 1520 7.94 7.62 -7.59
N VAL A 1521 7.93 8.83 -8.17
CA VAL A 1521 7.52 8.97 -9.56
C VAL A 1521 8.61 8.45 -10.49
N PHE A 1522 9.84 8.92 -10.30
CA PHE A 1522 10.96 8.50 -11.15
C PHE A 1522 11.48 7.12 -10.80
N ASP A 1523 10.99 6.48 -9.74
CA ASP A 1523 11.59 5.23 -9.30
C ASP A 1523 11.16 4.06 -10.18
N ILE A 1524 9.94 4.09 -10.70
CA ILE A 1524 9.48 2.95 -11.50
C ILE A 1524 10.01 3.03 -12.93
N ILE A 1525 10.24 4.23 -13.47
CA ILE A 1525 10.76 4.34 -14.82
C ILE A 1525 12.24 3.98 -14.87
N ILE A 1526 12.96 4.17 -13.76
CA ILE A 1526 14.34 3.73 -13.67
C ILE A 1526 14.41 2.22 -13.45
N GLU A 1527 13.49 1.69 -12.64
CA GLU A 1527 13.47 0.26 -12.37
C GLU A 1527 13.05 -0.55 -13.59
N TRP A 1528 12.21 0.02 -14.45
CA TRP A 1528 11.77 -0.70 -15.64
C TRP A 1528 12.86 -0.74 -16.71
N ILE A 1529 13.60 0.36 -16.88
CA ILE A 1529 14.65 0.41 -17.89
C ILE A 1529 15.80 -0.53 -17.53
N LYS A 1530 16.21 -0.54 -16.26
CA LYS A 1530 17.28 -1.43 -15.81
C LYS A 1530 16.87 -2.90 -15.87
N ALA A 1531 15.57 -3.19 -15.75
CA ALA A 1531 15.09 -4.55 -15.90
C ALA A 1531 14.88 -4.94 -17.35
N ASN A 1532 14.98 -3.99 -18.28
CA ASN A 1532 14.74 -4.25 -19.69
C ASN A 1532 15.90 -3.79 -20.57
N LYS A 1533 17.01 -3.39 -19.98
CA LYS A 1533 18.17 -2.92 -20.72
C LYS A 1533 18.89 -4.07 -21.41
N GLU A 1548 27.74 -20.11 -53.22
CA GLU A 1548 27.76 -21.50 -53.68
C GLU A 1548 26.36 -22.10 -53.65
N ASP A 1549 25.85 -22.35 -52.45
CA ASP A 1549 24.52 -22.94 -52.30
C ASP A 1549 23.40 -21.94 -52.53
N VAL A 1550 23.66 -20.65 -52.34
CA VAL A 1550 22.63 -19.63 -52.58
C VAL A 1550 22.42 -19.46 -54.08
N GLU A 1551 23.47 -19.69 -54.88
CA GLU A 1551 23.33 -19.64 -56.33
C GLU A 1551 22.48 -20.79 -56.85
N GLN A 1552 22.48 -21.93 -56.15
CA GLN A 1552 21.62 -23.04 -56.55
C GLN A 1552 20.16 -22.74 -56.24
N ALA A 1553 19.89 -22.05 -55.12
CA ALA A 1553 18.52 -21.72 -54.77
C ALA A 1553 17.94 -20.66 -55.69
N PHE A 1554 18.78 -19.80 -56.26
CA PHE A 1554 18.34 -18.86 -57.28
C PHE A 1554 18.58 -19.37 -58.70
N ARG A 1555 18.98 -20.63 -58.84
CA ARG A 1555 18.91 -21.32 -60.12
C ARG A 1555 17.66 -22.19 -60.23
N ARG A 1556 17.22 -22.77 -59.10
CA ARG A 1556 16.03 -23.60 -59.10
C ARG A 1556 14.76 -22.76 -59.27
N THR A 1557 14.75 -21.53 -58.78
CA THR A 1557 13.64 -20.62 -59.02
C THR A 1557 13.74 -19.92 -60.37
N PHE A 1558 14.81 -20.14 -61.12
CA PHE A 1558 14.93 -19.62 -62.48
C PHE A 1558 14.62 -20.67 -63.53
N THR A 1559 14.83 -21.96 -63.21
CA THR A 1559 14.40 -23.02 -64.13
C THR A 1559 12.91 -23.32 -63.98
N SER A 1560 12.32 -23.00 -62.83
CA SER A 1560 10.90 -23.21 -62.60
C SER A 1560 10.08 -21.97 -62.90
N ILE A 1561 10.71 -20.90 -63.40
CA ILE A 1561 9.99 -19.71 -63.83
C ILE A 1561 9.94 -19.62 -65.35
N ILE A 1562 10.75 -20.41 -66.05
CA ILE A 1562 10.71 -20.48 -67.51
C ILE A 1562 9.85 -21.66 -67.98
N LEU A 1563 10.00 -22.82 -67.33
CA LEU A 1563 9.13 -23.96 -67.64
C LEU A 1563 7.69 -23.68 -67.26
N SER A 1564 7.46 -22.85 -66.24
CA SER A 1564 6.09 -22.46 -65.90
C SER A 1564 5.53 -21.48 -66.93
N PHE A 1565 6.39 -20.65 -67.50
CA PHE A 1565 5.94 -19.67 -68.48
C PHE A 1565 5.90 -20.22 -69.89
N GLN A 1566 6.64 -21.31 -70.16
CA GLN A 1566 6.63 -21.90 -71.50
C GLN A 1566 5.31 -22.64 -71.76
N LYS A 1567 4.74 -23.26 -70.72
CA LYS A 1567 3.49 -23.99 -70.89
C LYS A 1567 2.29 -23.07 -71.08
N VAL A 1568 2.40 -21.79 -70.69
CA VAL A 1568 1.31 -20.85 -70.87
C VAL A 1568 1.17 -20.50 -72.35
N ILE A 1569 2.29 -20.23 -73.03
CA ILE A 1569 2.25 -19.90 -74.45
C ILE A 1569 2.12 -21.13 -75.33
N GLY A 1570 2.19 -22.33 -74.73
CA GLY A 1570 1.90 -23.54 -75.48
C GLY A 1570 0.46 -23.62 -75.93
N ASP A 1571 -0.46 -23.04 -75.16
CA ASP A 1571 -1.83 -22.82 -75.60
C ASP A 1571 -1.92 -21.46 -76.26
N GLY A 1572 -2.62 -21.40 -77.40
CA GLY A 1572 -2.68 -20.18 -78.17
C GLY A 1572 -3.54 -19.11 -77.51
N ILE A 1573 -3.33 -17.87 -77.95
CA ILE A 1573 -4.12 -16.76 -77.44
C ILE A 1573 -5.52 -16.78 -78.04
N GLU A 1574 -5.60 -16.67 -79.37
CA GLU A 1574 -6.84 -16.76 -80.17
C GLU A 1574 -7.87 -15.69 -79.76
N SER A 1575 -7.39 -14.51 -79.40
CA SER A 1575 -8.19 -13.35 -78.97
C SER A 1575 -9.17 -13.66 -77.83
N THR A 1579 -16.05 -14.53 -80.41
CA THR A 1579 -17.49 -14.34 -80.29
C THR A 1579 -18.23 -15.01 -81.45
N ASP A 1580 -17.59 -16.00 -82.06
CA ASP A 1580 -18.18 -16.68 -83.21
C ASP A 1580 -19.18 -17.75 -82.77
N ASP A 1581 -18.70 -18.77 -82.07
CA ASP A 1581 -19.55 -19.88 -81.65
C ASP A 1581 -18.90 -20.61 -80.49
N ASN A 1582 -19.72 -20.99 -79.51
CA ASN A 1582 -19.35 -21.82 -78.35
C ASN A 1582 -18.23 -21.17 -77.54
N TRP A 1583 -18.53 -20.01 -76.96
CA TRP A 1583 -17.56 -19.26 -76.19
C TRP A 1583 -17.88 -19.16 -74.71
N LEU A 1584 -18.88 -19.90 -74.21
CA LEU A 1584 -19.08 -19.99 -72.77
C LEU A 1584 -18.57 -21.30 -72.19
N SER A 1585 -18.43 -22.35 -73.00
CA SER A 1585 -17.77 -23.55 -72.55
C SER A 1585 -16.26 -23.50 -72.75
N ALA A 1586 -15.75 -22.44 -73.39
CA ALA A 1586 -14.33 -22.26 -73.60
C ALA A 1586 -13.72 -21.16 -72.76
N SER A 1587 -14.45 -20.05 -72.54
CA SER A 1587 -13.89 -18.95 -71.76
C SER A 1587 -13.90 -19.25 -70.28
N PHE A 1588 -14.90 -19.98 -69.78
CA PHE A 1588 -14.82 -20.49 -68.42
C PHE A 1588 -13.88 -21.68 -68.30
N LYS A 1589 -13.44 -22.25 -69.43
CA LYS A 1589 -12.38 -23.25 -69.42
C LYS A 1589 -11.01 -22.60 -69.50
N LYS A 1590 -10.90 -21.48 -70.23
CA LYS A 1590 -9.60 -20.85 -70.44
C LYS A 1590 -9.09 -20.16 -69.17
N VAL A 1591 -10.01 -19.67 -68.33
CA VAL A 1591 -9.60 -19.10 -67.05
C VAL A 1591 -9.07 -20.20 -66.13
N MET A 1592 -9.67 -21.39 -66.18
CA MET A 1592 -9.19 -22.51 -65.39
C MET A 1592 -7.88 -23.10 -65.90
N VAL A 1593 -7.46 -22.76 -67.12
CA VAL A 1593 -6.22 -23.29 -67.68
C VAL A 1593 -5.05 -22.34 -67.43
N ASN A 1594 -5.26 -21.03 -67.65
CA ASN A 1594 -4.17 -20.07 -67.46
C ASN A 1594 -3.77 -19.92 -65.99
N VAL A 1595 -4.71 -20.09 -65.07
CA VAL A 1595 -4.36 -20.06 -63.66
C VAL A 1595 -3.65 -21.36 -63.26
N LYS A 1596 -4.03 -22.48 -63.88
CA LYS A 1596 -3.40 -23.77 -63.54
C LYS A 1596 -1.99 -23.86 -64.10
N LEU A 1597 -1.75 -23.35 -65.31
CA LEU A 1597 -0.46 -23.50 -65.95
C LEU A 1597 0.60 -22.52 -65.46
N LEU A 1598 0.22 -21.49 -64.71
CA LEU A 1598 1.24 -20.65 -64.08
C LEU A 1598 1.88 -21.35 -62.90
N ARG A 1599 1.17 -22.30 -62.29
CA ARG A 1599 1.52 -23.07 -61.09
C ARG A 1599 2.17 -22.19 -60.01
N SER A 1600 1.38 -21.20 -59.57
CA SER A 1600 1.83 -20.22 -58.58
C SER A 1600 1.98 -20.80 -57.18
N SER A 1601 1.54 -22.03 -56.94
CA SER A 1601 1.80 -22.69 -55.66
C SER A 1601 3.20 -23.26 -55.58
N VAL A 1602 3.90 -23.38 -56.71
CA VAL A 1602 5.24 -23.93 -56.75
C VAL A 1602 6.29 -22.84 -56.97
N VAL A 1603 5.98 -21.87 -57.82
CA VAL A 1603 6.93 -20.80 -58.11
C VAL A 1603 7.09 -19.88 -56.90
N SER A 1604 6.00 -19.57 -56.23
CA SER A 1604 6.05 -18.77 -55.00
C SER A 1604 6.41 -19.60 -53.78
N LYS A 1605 6.74 -20.89 -53.97
CA LYS A 1605 7.30 -21.73 -52.92
C LYS A 1605 8.83 -21.79 -52.98
N ASN A 1606 9.40 -21.81 -54.18
CA ASN A 1606 10.85 -21.79 -54.31
C ASN A 1606 11.45 -20.43 -53.97
N ILE A 1607 10.67 -19.36 -54.09
CA ILE A 1607 11.13 -18.06 -53.63
C ILE A 1607 11.11 -18.02 -52.10
N GLU A 1608 10.21 -18.78 -51.47
CA GLU A 1608 10.16 -18.84 -50.02
C GLU A 1608 11.38 -19.55 -49.44
N THR A 1609 11.89 -20.57 -50.15
CA THR A 1609 13.11 -21.24 -49.71
C THR A 1609 14.35 -20.46 -50.10
N ALA A 1610 14.27 -19.58 -51.09
CA ALA A 1610 15.44 -18.81 -51.50
C ALA A 1610 15.65 -17.60 -50.60
N LEU A 1611 14.57 -16.95 -50.15
CA LEU A 1611 14.72 -15.82 -49.24
C LEU A 1611 15.05 -16.28 -47.82
N SER A 1612 14.75 -17.53 -47.47
CA SER A 1612 15.09 -18.05 -46.15
C SER A 1612 16.59 -18.24 -45.96
N LEU A 1613 17.35 -18.42 -47.04
CA LEU A 1613 18.80 -18.50 -46.95
C LEU A 1613 19.47 -17.13 -46.92
N LEU A 1614 18.71 -16.04 -46.98
CA LEU A 1614 19.28 -14.70 -46.95
C LEU A 1614 18.89 -13.90 -45.72
N LYS A 1615 17.84 -14.30 -45.01
CA LYS A 1615 17.40 -13.58 -43.82
C LYS A 1615 17.71 -14.33 -42.53
N ASP A 1616 17.76 -15.66 -42.58
CA ASP A 1616 18.13 -16.44 -41.39
C ASP A 1616 19.63 -16.35 -41.13
N PHE A 1617 20.44 -16.80 -42.07
CA PHE A 1617 21.88 -16.83 -41.89
C PHE A 1617 22.49 -15.46 -42.21
N ASP A 1618 23.78 -15.34 -41.92
CA ASP A 1618 24.51 -14.10 -42.15
C ASP A 1618 25.80 -14.37 -42.92
N PHE A 1619 26.31 -13.32 -43.56
CA PHE A 1619 27.53 -13.39 -44.35
C PHE A 1619 28.45 -12.25 -43.96
N THR A 1620 29.75 -12.48 -44.13
CA THR A 1620 30.76 -11.49 -43.80
C THR A 1620 30.89 -10.49 -44.95
N THR A 1621 31.93 -9.65 -44.90
CA THR A 1621 32.19 -8.74 -46.02
C THR A 1621 32.77 -9.47 -47.23
N THR A 1622 33.32 -10.66 -47.03
CA THR A 1622 33.60 -11.56 -48.14
C THR A 1622 32.32 -12.34 -48.47
N GLU A 1623 32.28 -12.84 -49.72
CA GLU A 1623 31.13 -13.53 -50.37
C GLU A 1623 29.79 -12.81 -50.13
N SER A 1624 29.81 -11.48 -50.06
CA SER A 1624 28.59 -10.69 -49.98
C SER A 1624 28.36 -9.83 -51.21
N ILE A 1625 29.41 -9.51 -51.96
CA ILE A 1625 29.23 -8.85 -53.25
C ILE A 1625 28.95 -9.88 -54.35
N TYR A 1626 29.17 -11.16 -54.06
CA TYR A 1626 28.82 -12.21 -55.01
C TYR A 1626 27.36 -12.61 -54.89
N VAL A 1627 26.82 -12.61 -53.66
CA VAL A 1627 25.40 -12.88 -53.46
C VAL A 1627 24.56 -11.74 -54.02
N LYS A 1628 25.01 -10.50 -53.84
CA LYS A 1628 24.33 -9.34 -54.42
C LYS A 1628 24.45 -9.29 -55.94
N SER A 1629 25.36 -10.05 -56.54
CA SER A 1629 25.44 -10.16 -57.98
C SER A 1629 24.61 -11.31 -58.53
N VAL A 1630 23.96 -12.09 -57.67
CA VAL A 1630 23.04 -13.13 -58.10
C VAL A 1630 21.59 -12.68 -57.96
N ILE A 1631 21.25 -12.03 -56.84
CA ILE A 1631 19.88 -11.57 -56.64
C ILE A 1631 19.51 -10.42 -57.57
N SER A 1632 20.49 -9.67 -58.06
CA SER A 1632 20.25 -8.66 -59.09
C SER A 1632 20.32 -9.24 -60.48
N PHE A 1633 20.64 -10.53 -60.62
CA PHE A 1633 20.63 -11.20 -61.91
C PHE A 1633 19.31 -11.89 -62.19
N THR A 1634 18.56 -12.27 -61.16
CA THR A 1634 17.26 -12.90 -61.32
C THR A 1634 16.12 -12.02 -60.82
N LEU A 1635 16.37 -10.75 -60.55
CA LEU A 1635 15.31 -9.81 -60.23
C LEU A 1635 14.55 -9.30 -61.47
N PRO A 1636 15.20 -8.98 -62.65
CA PRO A 1636 14.37 -8.61 -63.82
C PRO A 1636 13.61 -9.75 -64.48
N VAL A 1637 13.61 -10.94 -63.89
CA VAL A 1637 12.74 -12.03 -64.31
C VAL A 1637 11.54 -12.16 -63.38
N ILE A 1638 11.75 -11.99 -62.07
CA ILE A 1638 10.66 -12.03 -61.11
C ILE A 1638 9.74 -10.82 -61.29
N THR A 1639 10.31 -9.65 -61.60
CA THR A 1639 9.49 -8.47 -61.86
C THR A 1639 8.74 -8.54 -63.18
N ARG A 1640 9.06 -9.50 -64.05
CA ARG A 1640 8.22 -9.79 -65.19
C ARG A 1640 7.19 -10.88 -64.91
N TYR A 1641 7.54 -11.84 -64.04
CA TYR A 1641 6.57 -12.86 -63.63
C TYR A 1641 5.50 -12.27 -62.74
N TYR A 1642 5.85 -11.28 -61.91
CA TYR A 1642 4.84 -10.54 -61.17
C TYR A 1642 3.96 -9.71 -62.10
N ASN A 1643 4.53 -9.22 -63.20
CA ASN A 1643 3.74 -8.53 -64.22
C ASN A 1643 3.02 -9.48 -65.15
N ALA A 1644 3.36 -10.77 -65.12
CA ALA A 1644 2.55 -11.78 -65.79
C ALA A 1644 1.38 -12.24 -64.94
N MET A 1645 1.34 -11.86 -63.66
CA MET A 1645 0.20 -12.13 -62.81
C MET A 1645 -0.73 -10.94 -62.67
N THR A 1646 -0.25 -9.72 -62.90
CA THR A 1646 -1.15 -8.57 -62.93
C THR A 1646 -1.98 -8.49 -64.20
N VAL A 1647 -1.66 -9.29 -65.22
CA VAL A 1647 -2.44 -9.32 -66.44
C VAL A 1647 -3.47 -10.43 -66.42
N VAL A 1648 -3.11 -11.61 -65.92
CA VAL A 1648 -4.04 -12.72 -65.85
C VAL A 1648 -5.11 -12.47 -64.80
N LEU A 1649 -4.74 -11.84 -63.68
CA LEU A 1649 -5.73 -11.56 -62.64
C LEU A 1649 -6.67 -10.44 -63.05
N GLU A 1650 -6.14 -9.36 -63.62
CA GLU A 1650 -6.99 -8.24 -64.02
C GLU A 1650 -7.85 -8.54 -65.23
N ARG A 1651 -7.58 -9.62 -65.95
CA ARG A 1651 -8.44 -10.05 -67.04
C ARG A 1651 -9.54 -11.00 -66.55
N SER A 1652 -9.20 -11.91 -65.63
CA SER A 1652 -10.16 -12.87 -65.10
C SER A 1652 -10.97 -12.33 -63.94
N ARG A 1653 -10.73 -11.09 -63.51
CA ARG A 1653 -11.58 -10.44 -62.52
C ARG A 1653 -12.70 -9.66 -63.17
N ILE A 1654 -12.41 -8.95 -64.27
CA ILE A 1654 -13.43 -8.21 -65.00
C ILE A 1654 -14.38 -9.19 -65.69
N TYR A 1655 -13.87 -10.35 -66.12
CA TYR A 1655 -14.73 -11.36 -66.72
C TYR A 1655 -15.68 -11.98 -65.70
N TYR A 1656 -15.28 -12.05 -64.42
CA TYR A 1656 -16.14 -12.61 -63.41
C TYR A 1656 -17.25 -11.65 -62.99
N THR A 1657 -16.99 -10.34 -63.02
CA THR A 1657 -18.01 -9.36 -62.69
C THR A 1657 -18.96 -9.09 -63.84
N ASN A 1658 -18.67 -9.60 -65.04
CA ASN A 1658 -19.55 -9.42 -66.18
C ASN A 1658 -20.50 -10.59 -66.40
N THR A 1659 -20.03 -11.82 -66.23
CA THR A 1659 -20.92 -12.96 -66.38
C THR A 1659 -21.86 -13.11 -65.18
N SER A 1660 -21.40 -12.73 -63.99
CA SER A 1660 -22.29 -12.74 -62.84
C SER A 1660 -23.30 -11.61 -62.90
N ARG A 1661 -22.97 -10.51 -63.59
CA ARG A 1661 -23.96 -9.47 -63.84
C ARG A 1661 -24.89 -9.87 -64.97
N GLY A 1662 -24.38 -10.65 -65.94
CA GLY A 1662 -25.25 -11.18 -66.97
C GLY A 1662 -26.15 -12.29 -66.47
N MET A 1663 -25.74 -13.00 -65.42
CA MET A 1663 -26.61 -13.97 -64.78
C MET A 1663 -27.74 -13.31 -64.02
N TYR A 1664 -27.47 -12.15 -63.41
CA TYR A 1664 -28.50 -11.48 -62.62
C TYR A 1664 -29.55 -10.82 -63.50
N ILE A 1665 -29.16 -10.33 -64.68
CA ILE A 1665 -30.13 -9.73 -65.60
C ILE A 1665 -30.98 -10.82 -66.25
N LEU A 1666 -30.36 -11.96 -66.58
CA LEU A 1666 -31.09 -13.04 -67.24
C LEU A 1666 -32.07 -13.73 -66.30
N SER A 1667 -31.74 -13.83 -65.01
CA SER A 1667 -32.60 -14.56 -64.08
C SER A 1667 -33.84 -13.77 -63.69
N THR A 1668 -33.79 -12.44 -63.73
CA THR A 1668 -34.98 -11.65 -63.44
C THR A 1668 -35.97 -11.67 -64.60
N ILE A 1669 -35.51 -11.97 -65.81
CA ILE A 1669 -36.42 -12.13 -66.94
C ILE A 1669 -37.20 -13.43 -66.79
N LEU A 1670 -36.52 -14.50 -66.39
CA LEU A 1670 -37.19 -15.78 -66.17
C LEU A 1670 -38.05 -15.75 -64.91
N HIS A 1671 -37.69 -14.91 -63.94
CA HIS A 1671 -38.51 -14.79 -62.73
C HIS A 1671 -39.83 -14.08 -63.02
N SER A 1672 -39.80 -13.04 -63.84
CA SER A 1672 -41.03 -12.36 -64.22
C SER A 1672 -41.84 -13.14 -65.24
N LEU A 1673 -41.21 -14.06 -65.97
CA LEU A 1673 -41.93 -14.88 -66.94
C LEU A 1673 -42.77 -15.95 -66.24
N ALA A 1674 -42.31 -16.46 -65.10
CA ALA A 1674 -43.06 -17.48 -64.37
C ALA A 1674 -44.16 -16.87 -63.50
N LYS A 1675 -44.08 -15.58 -63.17
CA LYS A 1675 -45.09 -14.93 -62.35
C LYS A 1675 -46.19 -14.29 -63.18
N ASN A 1676 -45.87 -13.78 -64.35
CA ASN A 1676 -46.87 -13.17 -65.22
C ASN A 1676 -47.44 -14.18 -66.20
#